data_8U4T
#
_entry.id   8U4T
#
_cell.length_a   1.00
_cell.length_b   1.00
_cell.length_c   1.00
_cell.angle_alpha   90.00
_cell.angle_beta   90.00
_cell.angle_gamma   90.00
#
_symmetry.space_group_name_H-M   'P 1'
#
loop_
_entity.id
_entity.type
_entity.pdbx_description
1 polymer 'REGN7663 Fab light chain'
2 polymer 'REGN7663 Fab heavy chain'
3 polymer 'C-X-C chemokine receptor type 4'
4 non-polymer CHOLESTEROL
5 non-polymer '(2R)-1-(hexadecanoyloxy)-3-(phosphonooxy)propan-2-yl (9Z)-octadec-9-enoate'
#
loop_
_entity_poly.entity_id
_entity_poly.type
_entity_poly.pdbx_seq_one_letter_code
_entity_poly.pdbx_strand_id
1 'polypeptide(L)'
;DVVMTQSPLSLPVTLGQPASISCRSSQSLVYTDGNTYLNWFQQRPGQSPRRLIYKVSNRDSGVPDRFSGSGSGTDFTLKI
SRVEAEDVGFYYCMQNTHWPLTFGGGTKVEIKRTVAAPSVFIFPPSDEQLKSGTASVVCLLNNFYPREAKVQWKVDNALQ
SGNSQESVTEQDSKDSTYSLSSTLTLSKADYEKHKVYACEVTHQGLSSPVTKSFNRGEC
;
L,F,O,Y
2 'polypeptide(L)'
;QVQLVQSGAEVKKPGASVKVSCKASGYTFTSYGISWVRQAPGQGIEWMGWISTYNGNRNYAQKVQGRVTMTTDRSTSTAY
MDLRSLRSDDTAVYYCARHGITGARNYYYHYGMDVWGQGTTVTVSSASTKGPSVFPLAPCSRSTSESTAALGCLVKDYFP
EPVTVSWNSGALTSGVHTFPAVLQSSGLYSLSSVVTVPSSSLGTKTYTCNVDHKPSNTKVDKRVESKYGPPCPPCPAPPV
;
H,G,P,Z
3 'polypeptide(L)'
;MKTIIALSYIFCLVFAGAPEGISIYTSDNYTEEMGSGDYDSMKEPCFREENANFNKIFLPTIYSIIFLTGIVGNGLVILV
MGYQKKLRSMTDKYRLHLSVADLLFVITLPFWAVDAVANWYFGNFLCKAVHVIYTVSLYSSVLILAFISLDRYLAIVHAT
NSQRPRKLLAEKVVYVGVWIPALLLTIPDFIFANVSEADDRYICDRFYPNDLWVVVFQFQHIMVGLILPGIVILSCYCII
ISKLSHSKGHQKRKALKTTVILILAFFACWLPYYIGISIDSFILLEIIKQGCEFENTVHKWISITEALAFFHCCLNPILY
AFLGAKFKTSAQHALTSVSRGSSLKILSKGKRGGHSSVSTESESSSFHSSGRPLEVLFQGPGGGGSVSKGEELFTGVVPI
LVELDGDVNGHKFSVSGEGEGDATYGKLTLKFICTTGKLPVPWPTLVTTLTYGVQCFSRYPDHMKQHDFFKSAMPEGYVQ
ERTIFFKDDGNYKTRAEVKFEGDTLVNRIELKGIDFKEDGNILGHKLEYNYNSHNVYIMADKQKNGIKVNFKIRHNIEDG
SVQLADHYQQNTPIGDGPVLLPDNHYLSTQSKLSKDPNEKRDHMVLLEFVTAAGITLGMDELYKDYKDDDDK
;
R,I,Q,AA
#
# COMPACT_ATOMS: atom_id res chain seq x y z
N ASP A 1 -19.38 -15.69 -15.84
CA ASP A 1 -18.87 -14.49 -16.51
C ASP A 1 -19.97 -13.44 -16.66
N VAL A 2 -19.61 -12.28 -17.23
CA VAL A 2 -20.57 -11.20 -17.42
C VAL A 2 -21.69 -11.66 -18.35
N VAL A 3 -22.93 -11.37 -17.98
CA VAL A 3 -24.11 -11.74 -18.74
C VAL A 3 -24.84 -10.47 -19.17
N MET A 4 -25.16 -10.37 -20.46
CA MET A 4 -25.82 -9.20 -21.02
C MET A 4 -27.17 -9.60 -21.61
N THR A 5 -28.22 -8.88 -21.22
CA THR A 5 -29.56 -9.09 -21.76
C THR A 5 -29.86 -7.96 -22.74
N GLN A 6 -30.38 -8.31 -23.91
CA GLN A 6 -30.65 -7.37 -24.98
C GLN A 6 -32.15 -7.26 -25.21
N SER A 7 -32.65 -6.04 -25.36
CA SER A 7 -34.07 -5.80 -25.57
C SER A 7 -34.25 -4.78 -26.69
N PRO A 8 -35.33 -4.90 -27.47
CA PRO A 8 -36.31 -5.98 -27.44
C PRO A 8 -35.86 -7.20 -28.24
N LEU A 9 -36.49 -8.36 -28.01
CA LEU A 9 -36.11 -9.55 -28.76
C LEU A 9 -36.54 -9.45 -30.22
N SER A 10 -37.73 -8.91 -30.47
CA SER A 10 -38.23 -8.68 -31.82
C SER A 10 -38.67 -7.22 -31.91
N LEU A 11 -38.19 -6.53 -32.94
CA LEU A 11 -38.42 -5.09 -33.11
C LEU A 11 -38.96 -4.84 -34.51
N PRO A 12 -40.27 -4.86 -34.69
CA PRO A 12 -40.84 -4.45 -35.97
C PRO A 12 -40.69 -2.95 -36.15
N VAL A 13 -40.14 -2.55 -37.30
CA VAL A 13 -39.91 -1.14 -37.59
C VAL A 13 -40.47 -0.81 -38.97
N THR A 14 -40.89 0.44 -39.13
CA THR A 14 -41.44 0.93 -40.37
C THR A 14 -40.39 1.71 -41.14
N LEU A 15 -40.37 1.54 -42.46
CA LEU A 15 -39.37 2.18 -43.31
C LEU A 15 -39.39 3.69 -43.11
N GLY A 16 -38.20 4.28 -43.03
CA GLY A 16 -38.09 5.72 -42.85
C GLY A 16 -38.27 6.21 -41.43
N GLN A 17 -38.24 5.31 -40.45
CA GLN A 17 -38.40 5.70 -39.05
C GLN A 17 -37.24 5.18 -38.22
N PRO A 18 -36.79 5.95 -37.22
CA PRO A 18 -35.66 5.51 -36.40
C PRO A 18 -36.06 4.37 -35.47
N ALA A 19 -35.05 3.64 -35.01
CA ALA A 19 -35.30 2.55 -34.06
C ALA A 19 -34.12 2.41 -33.11
N SER A 20 -34.38 1.86 -31.93
CA SER A 20 -33.37 1.73 -30.90
C SER A 20 -33.40 0.35 -30.27
N ILE A 21 -32.20 -0.20 -30.04
CA ILE A 21 -32.00 -1.48 -29.37
C ILE A 21 -31.05 -1.23 -28.21
N SER A 22 -31.37 -1.76 -27.03
CA SER A 22 -30.54 -1.49 -25.87
C SER A 22 -30.25 -2.77 -25.11
N CYS A 23 -29.00 -2.95 -24.72
CA CYS A 23 -28.62 -4.12 -23.93
C CYS A 23 -27.93 -3.71 -22.64
N ARG A 24 -28.30 -4.40 -21.57
CA ARG A 24 -27.84 -4.12 -20.22
C ARG A 24 -26.97 -5.25 -19.71
N SER A 25 -25.91 -4.90 -19.01
CA SER A 25 -24.94 -5.86 -18.51
C SER A 25 -25.27 -6.21 -17.05
N SER A 26 -24.46 -7.09 -16.48
CA SER A 26 -24.59 -7.47 -15.07
C SER A 26 -23.41 -7.01 -14.24
N GLN A 27 -22.35 -6.50 -14.87
CA GLN A 27 -21.16 -5.98 -14.22
C GLN A 27 -20.73 -4.74 -14.99
N SER A 28 -20.20 -3.75 -14.30
CA SER A 28 -19.82 -2.50 -14.97
C SER A 28 -18.72 -2.77 -15.99
N LEU A 29 -18.93 -2.28 -17.21
CA LEU A 29 -17.96 -2.45 -18.30
C LEU A 29 -16.94 -1.32 -18.33
N VAL A 30 -16.18 -1.18 -17.24
CA VAL A 30 -15.14 -0.17 -17.20
C VAL A 30 -13.82 -0.89 -16.95
N TYR A 31 -12.87 -0.72 -17.85
CA TYR A 31 -11.56 -1.32 -17.75
C TYR A 31 -10.69 -0.53 -16.78
N THR A 32 -9.63 -1.19 -16.31
CA THR A 32 -8.69 -0.50 -15.44
C THR A 32 -8.04 0.66 -16.18
N ASP A 33 -7.79 0.48 -17.48
CA ASP A 33 -7.20 1.55 -18.28
C ASP A 33 -8.09 2.79 -18.29
N GLY A 34 -9.41 2.60 -18.42
CA GLY A 34 -10.29 3.75 -18.37
C GLY A 34 -11.30 3.83 -19.51
N ASN A 35 -11.39 2.78 -20.32
CA ASN A 35 -12.30 2.76 -21.46
C ASN A 35 -13.37 1.69 -21.25
N THR A 36 -14.33 1.67 -22.17
CA THR A 36 -15.36 0.64 -22.21
C THR A 36 -15.31 -0.04 -23.57
N TYR A 37 -15.10 -1.36 -23.56
CA TYR A 37 -14.95 -2.14 -24.79
C TYR A 37 -16.23 -2.93 -25.00
N LEU A 38 -17.21 -2.30 -25.64
CA LEU A 38 -18.45 -2.95 -26.03
C LEU A 38 -18.74 -2.58 -27.47
N ASN A 39 -18.95 -3.58 -28.32
CA ASN A 39 -19.13 -3.35 -29.74
C ASN A 39 -20.33 -4.11 -30.27
N TRP A 40 -20.87 -3.62 -31.38
CA TRP A 40 -22.11 -4.16 -31.95
C TRP A 40 -21.86 -4.78 -33.31
N PHE A 41 -22.57 -5.87 -33.57
CA PHE A 41 -22.47 -6.63 -34.82
C PHE A 41 -23.84 -6.71 -35.46
N GLN A 42 -23.83 -6.88 -36.78
CA GLN A 42 -25.03 -7.16 -37.57
C GLN A 42 -24.77 -8.37 -38.45
N GLN A 43 -25.69 -9.33 -38.41
CA GLN A 43 -25.58 -10.56 -39.17
C GLN A 43 -26.76 -10.68 -40.11
N ARG A 44 -26.50 -10.48 -41.40
CA ARG A 44 -27.49 -10.69 -42.44
C ARG A 44 -27.73 -12.20 -42.62
N PRO A 45 -28.91 -12.60 -43.07
CA PRO A 45 -29.19 -14.04 -43.17
C PRO A 45 -28.31 -14.72 -44.22
N GLY A 46 -27.48 -15.66 -43.76
CA GLY A 46 -26.64 -16.45 -44.63
C GLY A 46 -25.19 -16.03 -44.76
N GLN A 47 -24.76 -15.01 -44.03
CA GLN A 47 -23.36 -14.55 -44.09
C GLN A 47 -22.86 -14.26 -42.69
N SER A 48 -21.54 -14.18 -42.57
CA SER A 48 -20.92 -13.99 -41.27
C SER A 48 -21.24 -12.59 -40.73
N PRO A 49 -21.33 -12.46 -39.40
CA PRO A 49 -21.57 -11.14 -38.80
C PRO A 49 -20.44 -10.18 -39.11
N ARG A 50 -20.80 -8.91 -39.27
CA ARG A 50 -19.85 -7.83 -39.50
C ARG A 50 -19.92 -6.83 -38.35
N ARG A 51 -18.89 -6.00 -38.25
CA ARG A 51 -18.78 -5.04 -37.16
C ARG A 51 -19.35 -3.69 -37.61
N LEU A 52 -20.24 -3.12 -36.79
CA LEU A 52 -20.83 -1.82 -37.09
C LEU A 52 -20.15 -0.71 -36.31
N ILE A 53 -20.13 -0.80 -34.98
CA ILE A 53 -19.48 0.19 -34.13
C ILE A 53 -18.64 -0.54 -33.10
N TYR A 54 -17.41 -0.07 -32.91
CA TYR A 54 -16.50 -0.58 -31.90
C TYR A 54 -16.37 0.43 -30.77
N LYS A 55 -16.31 -0.07 -29.53
CA LYS A 55 -16.44 0.74 -28.33
C LYS A 55 -17.83 1.36 -28.28
N VAL A 56 -18.08 2.24 -27.31
CA VAL A 56 -19.44 2.68 -27.06
C VAL A 56 -19.99 3.48 -28.23
N SER A 57 -19.17 4.36 -28.81
CA SER A 57 -19.66 5.31 -29.81
C SER A 57 -18.84 5.36 -31.09
N ASN A 58 -17.58 4.91 -31.08
CA ASN A 58 -16.77 4.99 -32.29
C ASN A 58 -17.35 4.12 -33.39
N ARG A 59 -17.35 4.64 -34.62
CA ARG A 59 -17.96 3.99 -35.76
C ARG A 59 -16.90 3.27 -36.58
N ASP A 60 -17.15 2.00 -36.88
CA ASP A 60 -16.23 1.23 -37.72
C ASP A 60 -16.28 1.75 -39.15
N SER A 61 -15.11 1.87 -39.77
CA SER A 61 -15.01 2.42 -41.11
C SER A 61 -15.72 1.52 -42.11
N GLY A 62 -16.51 2.12 -42.99
CA GLY A 62 -17.21 1.40 -44.04
C GLY A 62 -18.71 1.28 -43.86
N VAL A 63 -19.31 1.96 -42.89
CA VAL A 63 -20.76 1.88 -42.66
C VAL A 63 -21.34 3.29 -42.70
N PRO A 64 -22.61 3.46 -43.02
CA PRO A 64 -23.19 4.80 -43.07
C PRO A 64 -23.30 5.43 -41.69
N ASP A 65 -23.63 6.72 -41.69
CA ASP A 65 -23.79 7.49 -40.46
C ASP A 65 -25.10 7.23 -39.74
N ARG A 66 -26.00 6.42 -40.31
CA ARG A 66 -27.29 6.16 -39.68
C ARG A 66 -27.12 5.43 -38.36
N PHE A 67 -26.20 4.48 -38.30
CA PHE A 67 -25.95 3.71 -37.08
C PHE A 67 -25.14 4.56 -36.10
N SER A 68 -25.60 4.62 -34.85
CA SER A 68 -24.87 5.38 -33.83
C SER A 68 -25.23 4.81 -32.47
N GLY A 69 -24.25 4.78 -31.56
CA GLY A 69 -24.46 4.20 -30.25
C GLY A 69 -23.99 5.11 -29.13
N SER A 70 -24.52 4.84 -27.94
CA SER A 70 -24.27 5.64 -26.76
C SER A 70 -24.54 4.80 -25.53
N GLY A 71 -24.19 5.34 -24.37
CA GLY A 71 -24.39 4.68 -23.10
C GLY A 71 -23.14 4.66 -22.27
N SER A 72 -23.33 4.35 -20.98
CA SER A 72 -22.19 4.25 -20.09
C SER A 72 -22.56 3.44 -18.87
N GLY A 73 -21.53 2.93 -18.18
CA GLY A 73 -21.76 2.14 -16.99
C GLY A 73 -22.15 0.73 -17.33
N THR A 74 -23.43 0.40 -17.13
CA THR A 74 -23.97 -0.91 -17.43
C THR A 74 -25.13 -0.83 -18.41
N ASP A 75 -25.39 0.35 -18.99
CA ASP A 75 -26.48 0.50 -19.95
C ASP A 75 -25.95 1.08 -21.25
N PHE A 76 -26.29 0.43 -22.36
CA PHE A 76 -25.85 0.83 -23.68
C PHE A 76 -27.00 0.70 -24.67
N THR A 77 -26.95 1.53 -25.72
CA THR A 77 -28.03 1.63 -26.70
C THR A 77 -27.42 1.92 -28.07
N LEU A 78 -27.98 1.27 -29.09
CA LEU A 78 -27.65 1.53 -30.48
C LEU A 78 -28.92 1.97 -31.19
N LYS A 79 -28.82 3.02 -32.00
CA LYS A 79 -29.96 3.60 -32.69
C LYS A 79 -29.66 3.79 -34.16
N ILE A 80 -30.68 3.54 -34.98
CA ILE A 80 -30.64 3.72 -36.42
C ILE A 80 -31.55 4.88 -36.75
N SER A 81 -30.99 5.90 -37.41
CA SER A 81 -31.73 7.12 -37.72
C SER A 81 -32.83 6.84 -38.75
N ARG A 82 -32.48 6.18 -39.84
CA ARG A 82 -33.42 5.82 -40.89
C ARG A 82 -33.27 4.34 -41.23
N VAL A 83 -34.40 3.65 -41.36
CA VAL A 83 -34.43 2.23 -41.67
C VAL A 83 -34.73 2.07 -43.15
N GLU A 84 -33.78 1.49 -43.88
CA GLU A 84 -33.95 1.16 -45.28
C GLU A 84 -34.38 -0.31 -45.41
N ALA A 85 -34.42 -0.80 -46.64
CA ALA A 85 -34.80 -2.18 -46.89
C ALA A 85 -33.63 -3.15 -46.73
N GLU A 86 -32.42 -2.65 -46.56
CA GLU A 86 -31.23 -3.48 -46.40
C GLU A 86 -30.79 -3.59 -44.95
N ASP A 87 -31.59 -3.11 -44.01
CA ASP A 87 -31.28 -3.15 -42.58
C ASP A 87 -32.02 -4.28 -41.87
N VAL A 88 -32.22 -5.41 -42.55
CA VAL A 88 -32.95 -6.55 -41.99
C VAL A 88 -31.92 -7.60 -41.59
N GLY A 89 -31.97 -8.02 -40.34
CA GLY A 89 -31.04 -9.01 -39.85
C GLY A 89 -30.94 -8.99 -38.34
N PHE A 90 -30.07 -9.86 -37.83
CA PHE A 90 -29.84 -9.96 -36.41
C PHE A 90 -28.77 -8.94 -35.97
N TYR A 91 -28.89 -8.49 -34.73
CA TYR A 91 -27.98 -7.53 -34.13
C TYR A 91 -27.54 -8.04 -32.77
N TYR A 92 -26.23 -8.01 -32.52
CA TYR A 92 -25.65 -8.51 -31.27
C TYR A 92 -24.76 -7.44 -30.65
N CYS A 93 -24.72 -7.41 -29.32
CA CYS A 93 -23.79 -6.56 -28.59
C CYS A 93 -22.89 -7.46 -27.75
N MET A 94 -21.58 -7.24 -27.81
CA MET A 94 -20.66 -8.05 -27.02
C MET A 94 -19.62 -7.16 -26.37
N GLN A 95 -18.98 -7.70 -25.34
CA GLN A 95 -17.99 -7.00 -24.53
C GLN A 95 -16.64 -7.71 -24.64
N ASN A 96 -15.56 -6.91 -24.64
CA ASN A 96 -14.20 -7.44 -24.51
C ASN A 96 -13.48 -6.64 -23.42
N THR A 97 -13.77 -6.95 -22.18
CA THR A 97 -13.01 -6.42 -21.05
C THR A 97 -12.63 -7.49 -20.05
N HIS A 98 -13.50 -8.47 -19.82
CA HIS A 98 -13.27 -9.51 -18.82
C HIS A 98 -13.15 -10.85 -19.52
N TRP A 99 -12.08 -11.57 -19.24
CA TRP A 99 -11.88 -12.89 -19.82
C TRP A 99 -12.86 -13.88 -19.19
N PRO A 100 -13.66 -14.60 -19.98
CA PRO A 100 -13.75 -14.55 -21.45
C PRO A 100 -14.84 -13.61 -21.95
N LEU A 101 -14.80 -13.28 -23.24
CA LEU A 101 -15.80 -12.40 -23.83
C LEU A 101 -17.16 -13.10 -23.89
N THR A 102 -18.22 -12.31 -23.77
CA THR A 102 -19.59 -12.81 -23.78
C THR A 102 -20.40 -12.02 -24.79
N PHE A 103 -21.21 -12.73 -25.58
CA PHE A 103 -22.05 -12.11 -26.59
C PHE A 103 -23.41 -11.73 -26.00
N GLY A 104 -24.30 -11.24 -26.86
CA GLY A 104 -25.64 -10.87 -26.45
C GLY A 104 -26.68 -11.87 -26.92
N GLY A 105 -27.92 -11.64 -26.47
CA GLY A 105 -29.01 -12.51 -26.85
C GLY A 105 -29.33 -12.46 -28.33
N GLY A 106 -29.39 -11.25 -28.89
CA GLY A 106 -29.70 -11.11 -30.30
C GLY A 106 -31.04 -10.42 -30.50
N THR A 107 -31.09 -9.51 -31.47
CA THR A 107 -32.30 -8.78 -31.81
C THR A 107 -32.51 -8.85 -33.31
N LYS A 108 -33.71 -9.19 -33.75
CA LYS A 108 -34.01 -9.32 -35.18
C LYS A 108 -34.85 -8.12 -35.61
N VAL A 109 -34.46 -7.48 -36.70
CA VAL A 109 -35.15 -6.29 -37.19
C VAL A 109 -35.94 -6.67 -38.43
N GLU A 110 -37.26 -6.58 -38.35
CA GLU A 110 -38.18 -6.83 -39.44
C GLU A 110 -38.55 -5.53 -40.14
N ILE A 111 -39.51 -5.60 -41.06
CA ILE A 111 -40.03 -4.45 -41.78
C ILE A 111 -41.52 -4.33 -41.51
N LYS A 112 -41.95 -3.16 -41.05
CA LYS A 112 -43.36 -2.90 -40.78
C LYS A 112 -43.86 -1.71 -41.60
N GLN B 1 -5.74 -6.57 -48.90
CA GLN B 1 -6.85 -6.79 -47.98
C GLN B 1 -6.51 -7.88 -46.96
N VAL B 2 -7.26 -7.91 -45.86
CA VAL B 2 -7.10 -8.90 -44.81
C VAL B 2 -8.32 -9.82 -44.85
N GLN B 3 -8.08 -11.14 -44.84
CA GLN B 3 -9.20 -12.05 -44.94
C GLN B 3 -8.83 -13.41 -44.35
N LEU B 4 -9.88 -14.14 -43.95
CA LEU B 4 -9.78 -15.48 -43.40
C LEU B 4 -10.70 -16.40 -44.18
N VAL B 5 -10.18 -17.54 -44.61
CA VAL B 5 -10.91 -18.51 -45.41
C VAL B 5 -10.93 -19.83 -44.66
N GLN B 6 -12.09 -20.47 -44.60
CA GLN B 6 -12.23 -21.73 -43.90
C GLN B 6 -12.42 -22.89 -44.89
N SER B 7 -12.67 -24.07 -44.36
CA SER B 7 -12.91 -25.26 -45.16
C SER B 7 -14.39 -25.39 -45.49
N GLY B 8 -14.80 -26.55 -46.00
CA GLY B 8 -16.18 -26.81 -46.33
C GLY B 8 -16.96 -27.39 -45.17
N ALA B 9 -18.27 -27.54 -45.40
CA ALA B 9 -19.15 -28.12 -44.40
C ALA B 9 -18.93 -29.62 -44.29
N GLU B 10 -19.11 -30.15 -43.08
CA GLU B 10 -18.87 -31.57 -42.85
C GLU B 10 -19.98 -32.24 -42.06
N VAL B 11 -20.12 -33.54 -42.28
CA VAL B 11 -21.06 -34.40 -41.55
C VAL B 11 -20.31 -35.62 -41.05
N LYS B 12 -20.48 -35.93 -39.77
CA LYS B 12 -19.75 -37.02 -39.13
C LYS B 12 -20.64 -37.73 -38.14
N LYS B 13 -20.33 -39.00 -37.89
CA LYS B 13 -21.08 -39.80 -36.94
C LYS B 13 -20.69 -39.44 -35.52
N PRO B 14 -21.57 -39.71 -34.54
CA PRO B 14 -21.24 -39.43 -33.14
C PRO B 14 -20.00 -40.20 -32.69
N GLY B 15 -19.19 -39.56 -31.85
CA GLY B 15 -17.98 -40.17 -31.36
C GLY B 15 -16.77 -40.00 -32.23
N ALA B 16 -16.91 -39.37 -33.40
CA ALA B 16 -15.80 -39.15 -34.32
C ALA B 16 -14.97 -37.94 -33.91
N SER B 17 -14.16 -37.44 -34.84
CA SER B 17 -13.34 -36.25 -34.61
C SER B 17 -13.36 -35.39 -35.86
N VAL B 18 -13.42 -34.08 -35.68
CA VAL B 18 -13.46 -33.12 -36.77
C VAL B 18 -12.41 -32.03 -36.59
N LYS B 19 -11.71 -31.71 -37.67
CA LYS B 19 -10.73 -30.64 -37.70
C LYS B 19 -11.07 -29.66 -38.80
N VAL B 20 -11.18 -28.38 -38.46
CA VAL B 20 -11.54 -27.33 -39.41
C VAL B 20 -10.37 -26.37 -39.59
N SER B 21 -9.92 -26.19 -40.83
CA SER B 21 -8.80 -25.31 -41.13
C SER B 21 -9.26 -23.85 -41.16
N CYS B 22 -8.32 -22.94 -40.89
CA CYS B 22 -8.62 -21.50 -40.92
C CYS B 22 -7.39 -20.76 -41.47
N LYS B 23 -7.37 -20.61 -42.80
CA LYS B 23 -6.23 -19.99 -43.47
C LYS B 23 -6.40 -18.48 -43.46
N ALA B 24 -5.37 -17.75 -43.06
CA ALA B 24 -5.45 -16.31 -42.93
C ALA B 24 -4.41 -15.66 -43.83
N SER B 25 -4.79 -14.54 -44.46
CA SER B 25 -3.84 -13.83 -45.30
C SER B 25 -4.16 -12.34 -45.30
N GLY B 26 -3.15 -11.55 -45.68
CA GLY B 26 -3.28 -10.12 -45.74
C GLY B 26 -2.65 -9.36 -44.59
N TYR B 27 -2.14 -10.07 -43.58
CA TYR B 27 -1.47 -9.42 -42.46
C TYR B 27 -0.50 -10.42 -41.84
N THR B 28 0.38 -9.90 -40.98
CA THR B 28 1.36 -10.73 -40.29
C THR B 28 0.62 -11.68 -39.36
N PHE B 29 0.63 -12.97 -39.71
CA PHE B 29 -0.14 -13.96 -38.98
C PHE B 29 0.36 -14.18 -37.55
N THR B 30 1.64 -13.88 -37.28
CA THR B 30 2.25 -14.16 -35.99
C THR B 30 2.20 -12.96 -35.05
N SER B 31 1.19 -12.12 -35.16
CA SER B 31 1.03 -11.00 -34.24
C SER B 31 -0.42 -10.78 -33.83
N TYR B 32 -1.31 -11.73 -34.10
CA TYR B 32 -2.70 -11.66 -33.67
C TYR B 32 -3.18 -13.05 -33.31
N GLY B 33 -3.74 -13.19 -32.11
CA GLY B 33 -4.33 -14.46 -31.71
C GLY B 33 -5.58 -14.75 -32.51
N ILE B 34 -6.08 -15.97 -32.35
CA ILE B 34 -7.28 -16.41 -33.07
C ILE B 34 -8.24 -17.03 -32.07
N SER B 35 -9.49 -16.59 -32.11
CA SER B 35 -10.54 -17.12 -31.24
C SER B 35 -11.58 -17.85 -32.07
N TRP B 36 -12.00 -18.99 -31.57
CA TRP B 36 -12.95 -19.85 -32.26
C TRP B 36 -14.32 -19.67 -31.62
N VAL B 37 -15.31 -19.29 -32.42
CA VAL B 37 -16.64 -18.99 -31.93
C VAL B 37 -17.62 -19.89 -32.65
N ARG B 38 -18.55 -20.49 -31.90
CA ARG B 38 -19.53 -21.39 -32.47
C ARG B 38 -20.94 -20.87 -32.22
N GLN B 39 -21.76 -20.87 -33.27
CA GLN B 39 -23.15 -20.44 -33.20
C GLN B 39 -24.08 -21.61 -33.47
N ALA B 40 -24.78 -22.05 -32.43
CA ALA B 40 -25.73 -23.14 -32.58
C ALA B 40 -26.91 -22.63 -33.42
N PRO B 41 -27.52 -23.48 -34.24
CA PRO B 41 -28.63 -23.00 -35.05
C PRO B 41 -29.78 -22.57 -34.16
N GLY B 42 -30.39 -21.43 -34.48
CA GLY B 42 -31.48 -20.93 -33.65
C GLY B 42 -31.08 -20.67 -32.22
N GLN B 43 -29.88 -20.14 -31.99
CA GLN B 43 -29.41 -19.88 -30.64
C GLN B 43 -28.41 -18.73 -30.65
N GLY B 44 -28.13 -18.21 -29.46
CA GLY B 44 -27.17 -17.13 -29.33
C GLY B 44 -25.75 -17.59 -29.58
N ILE B 45 -24.94 -16.65 -30.08
CA ILE B 45 -23.54 -16.95 -30.37
C ILE B 45 -22.80 -17.31 -29.08
N GLU B 46 -21.92 -18.31 -29.17
CA GLU B 46 -21.16 -18.79 -28.03
C GLU B 46 -19.68 -18.83 -28.36
N TRP B 47 -18.86 -18.77 -27.30
CA TRP B 47 -17.42 -18.80 -27.41
C TRP B 47 -16.91 -20.13 -26.89
N MET B 48 -15.86 -20.68 -27.52
CA MET B 48 -15.30 -21.93 -27.02
C MET B 48 -13.78 -21.98 -26.92
N GLY B 49 -13.04 -21.04 -27.49
CA GLY B 49 -11.60 -21.17 -27.41
C GLY B 49 -10.85 -19.97 -27.95
N TRP B 50 -9.54 -20.02 -27.75
CA TRP B 50 -8.60 -18.98 -28.18
C TRP B 50 -7.19 -19.53 -28.14
N ILE B 51 -6.43 -19.32 -29.21
CA ILE B 51 -5.04 -19.73 -29.26
C ILE B 51 -4.19 -18.55 -29.71
N SER B 52 -3.05 -18.37 -29.06
CA SER B 52 -2.10 -17.31 -29.40
C SER B 52 -1.07 -17.86 -30.38
N THR B 53 -1.11 -17.36 -31.62
CA THR B 53 -0.18 -17.80 -32.65
C THR B 53 1.26 -17.40 -32.36
N TYR B 54 1.48 -16.49 -31.40
CA TYR B 54 2.83 -16.09 -31.05
C TYR B 54 3.63 -17.26 -30.46
N ASN B 55 3.07 -17.92 -29.44
CA ASN B 55 3.79 -19.03 -28.81
C ASN B 55 2.89 -20.18 -28.41
N GLY B 56 1.69 -20.29 -28.98
CA GLY B 56 0.83 -21.43 -28.71
C GLY B 56 0.36 -21.55 -27.27
N ASN B 57 -0.17 -20.47 -26.71
CA ASN B 57 -0.70 -20.47 -25.35
C ASN B 57 -2.21 -20.66 -25.43
N ARG B 58 -2.63 -21.91 -25.58
CA ARG B 58 -4.03 -22.19 -25.83
C ARG B 58 -4.86 -21.94 -24.56
N ASN B 59 -6.17 -21.75 -24.78
CA ASN B 59 -7.12 -21.60 -23.69
C ASN B 59 -8.48 -22.07 -24.19
N TYR B 60 -9.25 -22.70 -23.31
CA TYR B 60 -10.49 -23.36 -23.70
C TYR B 60 -11.64 -22.87 -22.82
N ALA B 61 -12.86 -23.01 -23.34
CA ALA B 61 -14.03 -22.67 -22.56
C ALA B 61 -14.39 -23.83 -21.64
N GLN B 62 -15.06 -23.51 -20.53
CA GLN B 62 -15.36 -24.52 -19.53
C GLN B 62 -16.30 -25.58 -20.08
N LYS B 63 -17.29 -25.18 -20.87
CA LYS B 63 -18.32 -26.12 -21.32
C LYS B 63 -17.78 -27.16 -22.29
N VAL B 64 -16.69 -26.86 -22.99
CA VAL B 64 -16.17 -27.75 -24.02
C VAL B 64 -14.80 -28.32 -23.65
N GLN B 65 -14.17 -27.79 -22.59
CA GLN B 65 -12.84 -28.22 -22.19
C GLN B 65 -12.77 -29.72 -21.98
N GLY B 66 -11.67 -30.32 -22.44
CA GLY B 66 -11.45 -31.74 -22.33
C GLY B 66 -11.77 -32.52 -23.59
N ARG B 67 -12.43 -31.90 -24.57
CA ARG B 67 -12.75 -32.56 -25.82
C ARG B 67 -12.20 -31.84 -27.04
N VAL B 68 -11.57 -30.68 -26.88
CA VAL B 68 -11.03 -29.92 -27.99
C VAL B 68 -9.54 -29.68 -27.78
N THR B 69 -8.76 -29.95 -28.81
CA THR B 69 -7.37 -29.51 -28.89
C THR B 69 -7.19 -28.73 -30.19
N MET B 70 -6.65 -27.51 -30.06
CA MET B 70 -6.56 -26.59 -31.19
C MET B 70 -5.14 -26.08 -31.30
N THR B 71 -4.59 -26.13 -32.51
CA THR B 71 -3.18 -25.82 -32.74
C THR B 71 -3.06 -25.00 -34.00
N THR B 72 -1.88 -24.46 -34.23
CA THR B 72 -1.60 -23.62 -35.38
C THR B 72 -0.45 -24.19 -36.18
N ASP B 73 -0.42 -23.83 -37.46
CA ASP B 73 0.63 -24.24 -38.39
C ASP B 73 1.27 -22.97 -38.93
N ARG B 74 2.28 -22.47 -38.21
CA ARG B 74 2.85 -21.17 -38.54
C ARG B 74 3.54 -21.18 -39.90
N SER B 75 4.02 -22.34 -40.36
CA SER B 75 4.75 -22.39 -41.62
C SER B 75 3.86 -22.00 -42.79
N THR B 76 2.63 -22.49 -42.82
CA THR B 76 1.69 -22.17 -43.88
C THR B 76 0.64 -21.15 -43.46
N SER B 77 0.79 -20.58 -42.26
CA SER B 77 -0.10 -19.54 -41.74
C SER B 77 -1.56 -20.01 -41.73
N THR B 78 -1.78 -21.12 -41.03
CA THR B 78 -3.10 -21.70 -40.87
C THR B 78 -3.32 -22.06 -39.40
N ALA B 79 -4.59 -22.03 -38.99
CA ALA B 79 -4.98 -22.39 -37.64
C ALA B 79 -6.04 -23.48 -37.70
N TYR B 80 -5.86 -24.52 -36.89
CA TYR B 80 -6.77 -25.66 -36.88
C TYR B 80 -7.51 -25.73 -35.55
N MET B 81 -8.49 -26.61 -35.50
CA MET B 81 -9.19 -26.93 -34.26
C MET B 81 -9.74 -28.34 -34.36
N ASP B 82 -9.44 -29.17 -33.36
CA ASP B 82 -9.87 -30.56 -33.35
C ASP B 82 -10.89 -30.76 -32.24
N LEU B 83 -12.03 -31.36 -32.58
CA LEU B 83 -13.09 -31.67 -31.63
C LEU B 83 -13.40 -33.16 -31.71
N ARG B 84 -13.44 -33.82 -30.56
CA ARG B 84 -13.68 -35.25 -30.47
C ARG B 84 -14.85 -35.52 -29.52
N SER B 85 -15.39 -36.72 -29.62
CA SER B 85 -16.56 -37.15 -28.84
C SER B 85 -17.75 -36.23 -29.10
N LEU B 86 -18.11 -36.10 -30.37
CA LEU B 86 -19.21 -35.23 -30.77
C LEU B 86 -20.53 -35.78 -30.24
N ARG B 87 -21.41 -34.87 -29.83
CA ARG B 87 -22.73 -35.21 -29.32
C ARG B 87 -23.78 -34.81 -30.35
N SER B 88 -25.05 -35.08 -30.00
CA SER B 88 -26.14 -34.83 -30.93
C SER B 88 -26.36 -33.34 -31.17
N ASP B 89 -26.20 -32.52 -30.14
CA ASP B 89 -26.50 -31.10 -30.23
C ASP B 89 -25.35 -30.28 -30.79
N ASP B 90 -24.27 -30.93 -31.24
CA ASP B 90 -23.10 -30.22 -31.73
C ASP B 90 -23.28 -29.67 -33.14
N THR B 91 -24.35 -30.03 -33.83
CA THR B 91 -24.60 -29.51 -35.18
C THR B 91 -24.70 -28.00 -35.13
N ALA B 92 -23.74 -27.29 -35.72
CA ALA B 92 -23.75 -25.83 -35.62
C ALA B 92 -22.83 -25.24 -36.68
N VAL B 93 -22.55 -23.94 -36.56
CA VAL B 93 -21.65 -23.25 -37.48
C VAL B 93 -20.49 -22.62 -36.71
N TYR B 94 -19.27 -22.88 -37.17
CA TYR B 94 -18.04 -22.45 -36.52
C TYR B 94 -17.38 -21.34 -37.31
N TYR B 95 -17.04 -20.26 -36.61
CA TYR B 95 -16.43 -19.06 -37.16
C TYR B 95 -15.04 -18.88 -36.56
N CYS B 96 -14.06 -18.57 -37.40
CA CYS B 96 -12.69 -18.32 -36.98
C CYS B 96 -12.52 -16.80 -37.02
N ALA B 97 -12.29 -16.18 -35.86
CA ALA B 97 -12.21 -14.73 -35.80
C ALA B 97 -10.94 -14.25 -35.11
N ARG B 98 -10.26 -13.29 -35.73
CA ARG B 98 -9.03 -12.75 -35.17
C ARG B 98 -9.32 -12.08 -33.83
N HIS B 99 -8.41 -12.26 -32.87
CA HIS B 99 -8.61 -11.72 -31.54
C HIS B 99 -7.27 -11.40 -30.89
N GLY B 100 -7.27 -10.42 -30.01
CA GLY B 100 -6.08 -10.07 -29.26
C GLY B 100 -5.01 -9.36 -30.07
N ILE B 101 -3.84 -9.24 -29.45
CA ILE B 101 -2.66 -8.65 -30.06
C ILE B 101 -1.44 -9.10 -29.25
N THR B 102 -0.46 -9.70 -29.91
CA THR B 102 0.71 -10.26 -29.24
C THR B 102 1.97 -9.60 -29.77
N GLY B 103 2.83 -9.14 -28.85
CA GLY B 103 4.06 -8.48 -29.22
C GLY B 103 5.10 -8.68 -28.15
N ALA B 104 6.28 -8.10 -28.38
CA ALA B 104 7.37 -8.25 -27.41
C ALA B 104 7.02 -7.61 -26.08
N ARG B 105 6.46 -6.40 -26.10
CA ARG B 105 6.13 -5.66 -24.88
C ARG B 105 4.65 -5.45 -24.68
N ASN B 106 3.81 -6.04 -25.54
CA ASN B 106 2.37 -5.81 -25.49
C ASN B 106 1.67 -7.11 -25.86
N TYR B 107 0.88 -7.65 -24.94
CA TYR B 107 0.26 -8.95 -25.11
C TYR B 107 -1.19 -8.90 -24.62
N TYR B 108 -1.90 -7.84 -25.00
CA TYR B 108 -3.26 -7.60 -24.54
C TYR B 108 -4.26 -8.46 -25.32
N TYR B 109 -5.50 -8.46 -24.82
CA TYR B 109 -6.55 -9.30 -25.41
C TYR B 109 -7.83 -8.54 -25.73
N HIS B 110 -7.85 -7.22 -25.62
CA HIS B 110 -9.06 -6.44 -25.87
C HIS B 110 -8.99 -5.66 -27.18
N TYR B 111 -8.27 -6.20 -28.17
CA TYR B 111 -8.18 -5.58 -29.49
C TYR B 111 -8.41 -6.68 -30.54
N GLY B 112 -9.64 -6.81 -31.02
CA GLY B 112 -9.90 -7.83 -32.03
C GLY B 112 -11.38 -7.99 -32.30
N MET B 113 -11.74 -9.21 -32.72
CA MET B 113 -13.09 -9.54 -33.18
C MET B 113 -13.50 -8.68 -34.37
N ASP B 114 -12.53 -8.36 -35.23
CA ASP B 114 -12.78 -7.45 -36.34
C ASP B 114 -13.15 -8.24 -37.61
N VAL B 115 -12.27 -9.12 -38.05
CA VAL B 115 -12.45 -9.90 -39.27
C VAL B 115 -12.84 -11.32 -38.91
N TRP B 116 -13.82 -11.85 -39.64
CA TRP B 116 -14.34 -13.19 -39.39
C TRP B 116 -14.19 -14.04 -40.65
N GLY B 117 -14.08 -15.35 -40.44
CA GLY B 117 -14.04 -16.27 -41.54
C GLY B 117 -15.42 -16.48 -42.13
N GLN B 118 -15.46 -17.18 -43.27
CA GLN B 118 -16.75 -17.44 -43.92
C GLN B 118 -17.63 -18.33 -43.06
N GLY B 119 -17.01 -19.20 -42.25
CA GLY B 119 -17.77 -20.09 -41.39
C GLY B 119 -18.05 -21.42 -42.05
N THR B 120 -18.11 -22.46 -41.23
CA THR B 120 -18.37 -23.80 -41.72
C THR B 120 -19.43 -24.45 -40.82
N THR B 121 -20.22 -25.35 -41.39
CA THR B 121 -21.26 -26.01 -40.61
C THR B 121 -20.95 -27.49 -40.51
N VAL B 122 -21.06 -28.02 -39.29
CA VAL B 122 -20.82 -29.43 -39.04
C VAL B 122 -22.07 -30.03 -38.41
N THR B 123 -22.41 -31.23 -38.87
CA THR B 123 -23.58 -31.94 -38.38
C THR B 123 -23.21 -33.37 -38.01
N VAL B 124 -23.98 -33.91 -37.07
CA VAL B 124 -23.79 -35.26 -36.55
C VAL B 124 -25.01 -36.10 -36.91
N SER B 125 -24.76 -37.28 -37.49
CA SER B 125 -25.84 -38.17 -37.89
C SER B 125 -25.43 -39.62 -37.70
N MET C 42 1.55 -25.90 -24.61
CA MET C 42 0.65 -26.59 -23.70
C MET C 42 0.62 -25.92 -22.33
N LYS C 43 0.17 -24.66 -22.31
CA LYS C 43 0.13 -23.88 -21.08
C LYS C 43 -0.95 -22.82 -21.22
N GLU C 44 -1.44 -22.34 -20.07
CA GLU C 44 -2.47 -21.33 -20.26
C GLU C 44 -1.85 -19.93 -20.27
N PRO C 45 -2.44 -19.01 -21.03
CA PRO C 45 -1.92 -17.64 -21.08
C PRO C 45 -2.51 -16.75 -20.03
N CYS C 46 -1.69 -15.82 -19.54
CA CYS C 46 -2.16 -14.75 -18.68
C CYS C 46 -1.68 -13.43 -19.27
N PHE C 47 -2.61 -12.49 -19.44
CA PHE C 47 -2.36 -11.30 -20.22
C PHE C 47 -1.77 -10.21 -19.34
N ARG C 48 -0.77 -9.51 -19.87
CA ARG C 48 -0.10 -8.44 -19.16
C ARG C 48 -1.04 -7.27 -18.91
N GLU C 49 -1.03 -6.75 -17.69
CA GLU C 49 -1.86 -5.62 -17.33
C GLU C 49 -1.04 -4.33 -17.40
N GLU C 50 -1.70 -3.24 -17.76
CA GLU C 50 -1.02 -1.98 -17.99
C GLU C 50 -0.49 -1.40 -16.68
N ASN C 51 0.54 -0.56 -16.81
CA ASN C 51 1.22 0.01 -15.66
C ASN C 51 0.29 0.88 -14.83
N ALA C 52 0.65 1.05 -13.56
CA ALA C 52 -0.13 1.85 -12.63
C ALA C 52 -0.11 3.32 -13.04
N ASN C 53 -1.08 4.07 -12.52
CA ASN C 53 -1.18 5.49 -12.85
C ASN C 53 0.05 6.26 -12.39
N PHE C 54 0.56 5.93 -11.21
CA PHE C 54 1.78 6.60 -10.74
C PHE C 54 2.94 6.33 -11.69
N ASN C 55 3.01 5.12 -12.26
CA ASN C 55 4.05 4.86 -13.24
C ASN C 55 3.82 5.68 -14.50
N LYS C 56 2.56 5.79 -14.93
CA LYS C 56 2.24 6.58 -16.11
C LYS C 56 2.60 8.04 -15.94
N ILE C 57 2.62 8.54 -14.70
CA ILE C 57 3.06 9.91 -14.46
C ILE C 57 4.55 10.00 -14.19
N PHE C 58 5.14 8.96 -13.60
CA PHE C 58 6.54 9.01 -13.18
C PHE C 58 7.49 8.82 -14.35
N LEU C 59 7.12 7.99 -15.32
CA LEU C 59 8.00 7.81 -16.48
C LEU C 59 8.18 9.09 -17.26
N PRO C 60 7.13 9.86 -17.61
CA PRO C 60 7.34 11.09 -18.38
C PRO C 60 8.22 12.11 -17.68
N THR C 61 8.11 12.26 -16.35
CA THR C 61 8.92 13.27 -15.68
C THR C 61 10.38 12.85 -15.64
N ILE C 62 10.65 11.56 -15.43
CA ILE C 62 12.02 11.07 -15.48
C ILE C 62 12.60 11.25 -16.87
N TYR C 63 11.82 10.93 -17.91
CA TYR C 63 12.28 11.11 -19.28
C TYR C 63 12.56 12.57 -19.59
N SER C 64 11.69 13.47 -19.13
CA SER C 64 11.87 14.90 -19.39
C SER C 64 13.11 15.42 -18.68
N ILE C 65 13.32 15.02 -17.42
CA ILE C 65 14.51 15.45 -16.70
C ILE C 65 15.77 14.94 -17.38
N ILE C 66 15.76 13.67 -17.80
CA ILE C 66 16.93 13.12 -18.47
C ILE C 66 17.19 13.86 -19.77
N PHE C 67 16.14 14.14 -20.54
CA PHE C 67 16.31 14.86 -21.79
C PHE C 67 16.89 16.25 -21.56
N LEU C 68 16.32 16.99 -20.61
CA LEU C 68 16.76 18.35 -20.35
C LEU C 68 18.21 18.40 -19.88
N THR C 69 18.59 17.48 -19.00
CA THR C 69 19.99 17.46 -18.55
C THR C 69 20.92 17.03 -19.67
N GLY C 70 20.58 15.94 -20.36
CA GLY C 70 21.47 15.36 -21.33
C GLY C 70 21.68 16.23 -22.55
N ILE C 71 20.64 16.87 -23.05
CA ILE C 71 20.79 17.70 -24.25
C ILE C 71 21.79 18.81 -23.98
N VAL C 72 21.67 19.50 -22.85
CA VAL C 72 22.55 20.61 -22.55
C VAL C 72 23.97 20.10 -22.29
N GLY C 73 24.09 19.05 -21.46
CA GLY C 73 25.42 18.55 -21.14
C GLY C 73 26.17 18.06 -22.35
N ASN C 74 25.51 17.23 -23.17
CA ASN C 74 26.15 16.67 -24.35
C ASN C 74 26.44 17.73 -25.40
N GLY C 75 25.52 18.68 -25.59
CA GLY C 75 25.79 19.77 -26.51
C GLY C 75 27.02 20.55 -26.10
N LEU C 76 27.14 20.87 -24.80
CA LEU C 76 28.28 21.65 -24.35
C LEU C 76 29.59 20.87 -24.50
N VAL C 77 29.63 19.64 -23.98
CA VAL C 77 30.89 18.88 -24.05
C VAL C 77 31.29 18.66 -25.50
N ILE C 78 30.35 18.24 -26.35
CA ILE C 78 30.68 17.98 -27.75
C ILE C 78 31.17 19.26 -28.42
N LEU C 79 30.48 20.39 -28.18
CA LEU C 79 30.87 21.63 -28.83
C LEU C 79 32.29 22.03 -28.44
N VAL C 80 32.60 22.02 -27.14
CA VAL C 80 33.93 22.43 -26.71
C VAL C 80 34.99 21.48 -27.22
N MET C 81 34.77 20.16 -27.08
CA MET C 81 35.78 19.20 -27.48
C MET C 81 36.01 19.20 -28.99
N GLY C 82 34.94 19.36 -29.77
CA GLY C 82 34.98 19.26 -31.21
C GLY C 82 34.91 20.55 -32.00
N TYR C 83 35.13 21.72 -31.38
CA TYR C 83 35.05 22.91 -32.21
C TYR C 83 36.02 24.03 -31.87
N GLN C 84 36.56 24.08 -30.65
CA GLN C 84 37.45 25.20 -30.35
C GLN C 84 38.67 24.83 -29.50
N LYS C 85 38.45 24.67 -28.19
CA LYS C 85 39.56 24.38 -27.27
C LYS C 85 40.22 23.04 -27.60
N LYS C 86 39.42 22.06 -28.04
CA LYS C 86 39.87 20.73 -28.41
C LYS C 86 40.24 19.94 -27.17
N LEU C 87 40.87 18.78 -27.36
CA LEU C 87 41.20 17.87 -26.28
C LEU C 87 42.68 17.62 -26.06
N ARG C 88 43.16 17.86 -24.85
CA ARG C 88 44.56 17.60 -24.53
C ARG C 88 44.90 16.11 -24.53
N SER C 89 44.04 15.26 -23.96
CA SER C 89 44.33 13.84 -23.80
C SER C 89 43.43 12.88 -24.57
N MET C 90 44.04 11.78 -25.01
CA MET C 90 43.41 10.68 -25.74
C MET C 90 42.11 10.18 -25.08
N THR C 91 42.03 10.29 -23.75
CA THR C 91 40.82 9.84 -23.06
C THR C 91 39.68 10.79 -23.36
N ASP C 92 39.99 12.08 -23.50
CA ASP C 92 38.96 13.03 -23.87
C ASP C 92 38.43 12.65 -25.25
N LYS C 93 39.31 12.16 -26.13
CA LYS C 93 38.85 11.74 -27.46
C LYS C 93 37.87 10.59 -27.34
N TYR C 94 38.15 9.64 -26.44
CA TYR C 94 37.18 8.55 -26.29
C TYR C 94 35.86 9.12 -25.77
N ARG C 95 35.96 10.04 -24.82
CA ARG C 95 34.77 10.61 -24.20
C ARG C 95 33.91 11.33 -25.23
N LEU C 96 34.53 11.84 -26.31
CA LEU C 96 33.75 12.53 -27.33
C LEU C 96 32.82 11.56 -28.04
N HIS C 97 33.32 10.36 -28.34
CA HIS C 97 32.47 9.33 -28.94
C HIS C 97 31.36 8.94 -27.98
N LEU C 98 31.69 8.83 -26.69
CA LEU C 98 30.67 8.54 -25.70
C LEU C 98 29.60 9.63 -25.67
N SER C 99 30.02 10.90 -25.75
CA SER C 99 29.09 12.02 -25.76
C SER C 99 28.20 12.00 -27.00
N VAL C 100 28.77 11.68 -28.16
CA VAL C 100 27.98 11.63 -29.39
C VAL C 100 26.92 10.53 -29.27
N ALA C 101 27.31 9.36 -28.76
CA ALA C 101 26.34 8.28 -28.58
C ALA C 101 25.24 8.69 -27.61
N ASP C 102 25.61 9.35 -26.51
CA ASP C 102 24.61 9.80 -25.54
C ASP C 102 23.66 10.82 -26.17
N LEU C 103 24.18 11.73 -26.99
CA LEU C 103 23.32 12.70 -27.68
C LEU C 103 22.36 11.99 -28.63
N LEU C 104 22.85 11.01 -29.38
CA LEU C 104 21.99 10.27 -30.29
C LEU C 104 20.87 9.57 -29.53
N PHE C 105 21.18 9.01 -28.36
CA PHE C 105 20.14 8.40 -27.55
C PHE C 105 19.14 9.45 -27.08
N VAL C 106 19.64 10.54 -26.51
CA VAL C 106 18.79 11.56 -25.89
C VAL C 106 17.83 12.17 -26.89
N ILE C 107 18.22 12.23 -28.17
CA ILE C 107 17.37 12.83 -29.19
C ILE C 107 15.98 12.17 -29.25
N THR C 108 15.91 10.87 -28.97
CA THR C 108 14.68 10.11 -29.17
C THR C 108 13.77 10.05 -27.93
N LEU C 109 14.13 10.70 -26.82
CA LEU C 109 13.34 10.60 -25.61
C LEU C 109 11.92 11.16 -25.71
N PRO C 110 11.66 12.31 -26.36
CA PRO C 110 10.27 12.79 -26.42
C PRO C 110 9.29 11.79 -27.01
N PHE C 111 9.72 11.01 -28.01
CA PHE C 111 8.86 9.96 -28.55
C PHE C 111 8.54 8.92 -27.47
N TRP C 112 9.54 8.56 -26.66
CA TRP C 112 9.30 7.63 -25.56
C TRP C 112 8.27 8.18 -24.59
N ALA C 113 8.40 9.46 -24.22
CA ALA C 113 7.46 10.05 -23.27
C ALA C 113 6.05 10.09 -23.85
N VAL C 114 5.92 10.52 -25.11
CA VAL C 114 4.59 10.60 -25.73
C VAL C 114 3.96 9.22 -25.84
N ASP C 115 4.75 8.22 -26.23
CA ASP C 115 4.23 6.85 -26.31
C ASP C 115 3.81 6.37 -24.93
N ALA C 116 4.58 6.70 -23.90
CA ALA C 116 4.23 6.30 -22.54
C ALA C 116 2.91 6.91 -22.11
N VAL C 117 2.67 8.17 -22.47
CA VAL C 117 1.44 8.85 -22.06
C VAL C 117 0.31 8.56 -23.03
N ALA C 118 0.46 9.02 -24.28
CA ALA C 118 -0.59 8.96 -25.28
C ALA C 118 -0.32 7.85 -26.27
N ASN C 119 -1.14 7.79 -27.32
CA ASN C 119 -1.00 6.77 -28.35
C ASN C 119 0.12 7.15 -29.32
N TRP C 120 0.52 6.18 -30.14
CA TRP C 120 1.53 6.41 -31.17
C TRP C 120 0.90 7.06 -32.39
N TYR C 121 1.50 8.18 -32.84
CA TYR C 121 0.99 8.91 -33.99
C TYR C 121 2.04 9.15 -35.07
N PHE C 122 3.33 8.92 -34.79
CA PHE C 122 4.40 9.44 -35.63
C PHE C 122 4.54 8.67 -36.93
N GLY C 123 4.47 7.34 -36.89
CA GLY C 123 4.48 6.54 -38.09
C GLY C 123 5.49 5.41 -38.02
N ASN C 124 5.39 4.51 -39.00
CA ASN C 124 6.19 3.29 -39.03
C ASN C 124 7.68 3.61 -39.17
N PHE C 125 8.03 4.53 -40.07
CA PHE C 125 9.43 4.87 -40.27
C PHE C 125 10.06 5.46 -39.03
N LEU C 126 9.33 6.33 -38.33
CA LEU C 126 9.87 6.90 -37.10
C LEU C 126 9.99 5.85 -36.01
N CYS C 127 9.06 4.89 -35.96
CA CYS C 127 9.20 3.77 -35.02
C CYS C 127 10.48 2.98 -35.29
N LYS C 128 10.73 2.64 -36.56
CA LYS C 128 11.96 1.91 -36.90
C LYS C 128 13.19 2.72 -36.56
N ALA C 129 13.19 4.02 -36.87
CA ALA C 129 14.35 4.86 -36.60
C ALA C 129 14.62 4.96 -35.10
N VAL C 130 13.56 5.12 -34.31
CA VAL C 130 13.72 5.21 -32.86
C VAL C 130 14.34 3.92 -32.32
N HIS C 131 13.81 2.77 -32.76
CA HIS C 131 14.35 1.51 -32.26
C HIS C 131 15.81 1.31 -32.68
N VAL C 132 16.14 1.68 -33.93
CA VAL C 132 17.50 1.52 -34.41
C VAL C 132 18.46 2.39 -33.61
N ILE C 133 18.09 3.65 -33.36
CA ILE C 133 18.97 4.54 -32.61
C ILE C 133 19.13 4.05 -31.18
N TYR C 134 18.04 3.57 -30.57
CA TYR C 134 18.09 3.05 -29.21
C TYR C 134 19.04 1.86 -29.13
N THR C 135 18.98 0.96 -30.12
CA THR C 135 19.87 -0.19 -30.10
C THR C 135 21.31 0.21 -30.35
N VAL C 136 21.55 1.22 -31.20
CA VAL C 136 22.91 1.61 -31.54
C VAL C 136 23.61 2.24 -30.33
N SER C 137 22.93 3.16 -29.65
CA SER C 137 23.60 4.00 -28.65
C SER C 137 24.13 3.18 -27.49
N LEU C 138 23.35 2.21 -27.01
CA LEU C 138 23.76 1.42 -25.84
C LEU C 138 25.04 0.66 -26.11
N TYR C 139 25.07 -0.09 -27.22
CA TYR C 139 26.26 -0.87 -27.56
C TYR C 139 27.45 0.04 -27.83
N SER C 140 27.20 1.18 -28.49
CA SER C 140 28.30 2.12 -28.74
C SER C 140 28.92 2.58 -27.44
N SER C 141 28.09 2.96 -26.47
CA SER C 141 28.61 3.43 -25.19
C SER C 141 29.41 2.33 -24.47
N VAL C 142 28.87 1.11 -24.46
CA VAL C 142 29.54 0.03 -23.74
C VAL C 142 30.90 -0.26 -24.36
N LEU C 143 30.97 -0.32 -25.68
CA LEU C 143 32.24 -0.63 -26.32
C LEU C 143 33.22 0.53 -26.21
N ILE C 144 32.75 1.77 -26.18
CA ILE C 144 33.66 2.89 -25.91
C ILE C 144 34.25 2.77 -24.52
N LEU C 145 33.44 2.38 -23.54
CA LEU C 145 33.99 2.16 -22.20
C LEU C 145 35.05 1.06 -22.21
N ALA C 146 34.78 -0.03 -22.93
CA ALA C 146 35.77 -1.11 -22.99
C ALA C 146 37.06 -0.60 -23.62
N PHE C 147 36.95 0.21 -24.66
CA PHE C 147 38.14 0.76 -25.32
C PHE C 147 38.91 1.65 -24.36
N ILE C 148 38.20 2.43 -23.54
CA ILE C 148 38.89 3.30 -22.58
C ILE C 148 39.67 2.45 -21.59
N SER C 149 39.08 1.34 -21.13
CA SER C 149 39.78 0.47 -20.19
C SER C 149 41.02 -0.14 -20.84
N LEU C 150 40.89 -0.57 -22.10
CA LEU C 150 42.02 -1.14 -22.82
C LEU C 150 43.14 -0.11 -23.00
N ASP C 151 42.77 1.14 -23.29
CA ASP C 151 43.77 2.18 -23.43
C ASP C 151 44.46 2.42 -22.10
N ARG C 152 43.72 2.40 -21.00
CA ARG C 152 44.34 2.56 -19.68
C ARG C 152 45.36 1.47 -19.46
N TYR C 153 44.96 0.22 -19.72
CA TYR C 153 45.86 -0.92 -19.57
C TYR C 153 47.16 -0.70 -20.34
N LEU C 154 47.04 -0.29 -21.61
CA LEU C 154 48.25 -0.03 -22.41
C LEU C 154 49.05 1.13 -21.86
N ALA C 155 48.38 2.15 -21.32
CA ALA C 155 49.08 3.34 -20.85
C ALA C 155 49.84 3.05 -19.56
N ILE C 156 49.35 2.08 -18.78
CA ILE C 156 49.93 1.78 -17.48
C ILE C 156 51.08 0.79 -17.62
N VAL C 157 50.81 -0.38 -18.20
CA VAL C 157 51.84 -1.42 -18.11
C VAL C 157 52.90 -1.25 -19.20
N HIS C 158 52.51 -0.95 -20.42
CA HIS C 158 53.42 -0.82 -21.55
C HIS C 158 53.65 0.63 -21.94
N ALA C 159 53.78 1.52 -20.96
CA ALA C 159 53.87 2.95 -21.23
C ALA C 159 55.06 3.29 -22.11
N THR C 160 56.22 2.73 -21.79
CA THR C 160 57.43 3.07 -22.54
C THR C 160 57.37 2.51 -23.95
N ASN C 161 57.03 1.23 -24.08
CA ASN C 161 57.11 0.54 -25.37
C ASN C 161 55.99 0.95 -26.30
N SER C 162 54.79 1.20 -25.77
CA SER C 162 53.59 1.18 -26.59
C SER C 162 52.89 2.53 -26.78
N GLN C 163 53.60 3.55 -27.24
CA GLN C 163 52.89 4.80 -27.52
C GLN C 163 52.29 4.76 -28.93
N ARG C 164 53.04 4.23 -29.88
CA ARG C 164 52.54 4.14 -31.25
C ARG C 164 51.31 3.24 -31.33
N PRO C 165 51.26 2.08 -30.65
CA PRO C 165 50.03 1.27 -30.71
C PRO C 165 48.85 2.03 -30.12
N ARG C 166 49.07 2.74 -29.02
CA ARG C 166 47.97 3.49 -28.41
C ARG C 166 47.43 4.53 -29.38
N LYS C 167 48.32 5.28 -30.05
CA LYS C 167 47.86 6.29 -30.99
C LYS C 167 47.10 5.64 -32.14
N LEU C 168 47.63 4.54 -32.67
CA LEU C 168 46.97 3.87 -33.79
C LEU C 168 45.59 3.36 -33.40
N LEU C 169 45.49 2.74 -32.21
CA LEU C 169 44.22 2.20 -31.75
C LEU C 169 43.20 3.31 -31.54
N ALA C 170 43.64 4.44 -30.98
CA ALA C 170 42.72 5.54 -30.70
C ALA C 170 42.38 6.36 -31.93
N GLU C 171 43.12 6.23 -33.02
CA GLU C 171 42.86 7.03 -34.20
C GLU C 171 42.09 6.28 -35.28
N LYS C 172 42.45 5.04 -35.55
CA LYS C 172 41.92 4.32 -36.70
C LYS C 172 41.06 3.13 -36.30
N VAL C 173 41.54 2.30 -35.36
CA VAL C 173 40.90 1.02 -35.10
C VAL C 173 39.54 1.20 -34.43
N VAL C 174 39.36 2.31 -33.71
CA VAL C 174 38.18 2.49 -32.86
C VAL C 174 36.90 2.44 -33.69
N TYR C 175 36.93 3.00 -34.91
CA TYR C 175 35.73 3.01 -35.73
C TYR C 175 35.27 1.59 -36.03
N VAL C 176 36.17 0.75 -36.54
CA VAL C 176 35.84 -0.65 -36.80
C VAL C 176 35.46 -1.36 -35.51
N GLY C 177 36.11 -0.99 -34.41
CA GLY C 177 35.86 -1.67 -33.15
C GLY C 177 34.46 -1.46 -32.61
N VAL C 178 33.96 -0.23 -32.65
CA VAL C 178 32.72 0.13 -31.98
C VAL C 178 31.57 0.38 -32.96
N TRP C 179 31.80 1.20 -34.00
CA TRP C 179 30.69 1.66 -34.81
C TRP C 179 30.19 0.58 -35.77
N ILE C 180 31.08 -0.27 -36.27
CA ILE C 180 30.70 -1.33 -37.20
C ILE C 180 29.86 -2.39 -36.51
N PRO C 181 30.31 -3.02 -35.42
CA PRO C 181 29.45 -4.04 -34.78
C PRO C 181 28.15 -3.48 -34.25
N ALA C 182 28.16 -2.25 -33.74
CA ALA C 182 26.92 -1.64 -33.26
C ALA C 182 25.91 -1.49 -34.37
N LEU C 183 26.37 -1.04 -35.55
CA LEU C 183 25.49 -0.96 -36.71
C LEU C 183 25.04 -2.34 -37.14
N LEU C 184 25.94 -3.33 -37.08
CA LEU C 184 25.64 -4.67 -37.57
C LEU C 184 24.59 -5.35 -36.69
N LEU C 185 24.60 -5.08 -35.39
CA LEU C 185 23.69 -5.77 -34.48
C LEU C 185 22.26 -5.27 -34.57
N THR C 186 21.99 -4.26 -35.40
CA THR C 186 20.66 -3.66 -35.50
C THR C 186 19.76 -4.31 -36.55
N ILE C 187 20.25 -5.30 -37.31
CA ILE C 187 19.42 -5.90 -38.36
C ILE C 187 18.17 -6.55 -37.76
N PRO C 188 18.21 -7.21 -36.60
CA PRO C 188 16.97 -7.78 -36.07
C PRO C 188 15.94 -6.70 -35.78
N ASP C 189 16.37 -5.57 -35.23
CA ASP C 189 15.43 -4.49 -35.00
C ASP C 189 14.95 -3.92 -36.32
N PHE C 190 15.87 -3.80 -37.30
CA PHE C 190 15.53 -3.27 -38.61
C PHE C 190 14.43 -4.07 -39.29
N ILE C 191 14.38 -5.38 -39.07
CA ILE C 191 13.32 -6.20 -39.66
C ILE C 191 12.08 -6.28 -38.76
N PHE C 192 12.25 -6.55 -37.47
CA PHE C 192 11.13 -6.96 -36.62
C PHE C 192 10.52 -5.83 -35.79
N ALA C 193 10.84 -4.57 -36.07
CA ALA C 193 10.24 -3.46 -35.35
C ALA C 193 9.26 -2.75 -36.29
N ASN C 194 7.99 -2.71 -35.90
CA ASN C 194 7.00 -2.04 -36.75
C ASN C 194 5.77 -1.69 -35.92
N VAL C 195 4.91 -0.84 -36.50
CA VAL C 195 3.70 -0.37 -35.84
C VAL C 195 2.51 -1.20 -36.30
N SER C 196 1.69 -1.62 -35.36
CA SER C 196 0.50 -2.42 -35.61
C SER C 196 -0.76 -1.63 -35.28
N GLU C 197 -1.80 -1.86 -36.07
CA GLU C 197 -3.08 -1.18 -35.92
C GLU C 197 -4.00 -2.06 -35.09
N ALA C 198 -4.21 -1.70 -33.83
CA ALA C 198 -5.15 -2.41 -32.96
C ALA C 198 -6.34 -1.47 -32.77
N ASP C 199 -7.45 -1.77 -33.45
CA ASP C 199 -8.62 -0.91 -33.44
C ASP C 199 -8.26 0.51 -33.89
N ASP C 200 -8.37 1.48 -32.98
CA ASP C 200 -8.00 2.85 -33.28
C ASP C 200 -6.67 3.27 -32.64
N ARG C 201 -5.94 2.33 -32.07
CA ARG C 201 -4.69 2.60 -31.37
C ARG C 201 -3.52 2.01 -32.14
N TYR C 202 -2.50 2.82 -32.38
CA TYR C 202 -1.30 2.38 -33.08
C TYR C 202 -0.24 2.01 -32.05
N ILE C 203 0.41 0.88 -32.26
CA ILE C 203 1.38 0.32 -31.30
C ILE C 203 2.73 0.18 -32.01
N CYS C 204 3.74 0.85 -31.48
CA CYS C 204 5.11 0.72 -31.99
C CYS C 204 5.87 -0.23 -31.09
N ASP C 205 6.16 -1.41 -31.61
CA ASP C 205 6.79 -2.46 -30.81
C ASP C 205 7.53 -3.40 -31.76
N ARG C 206 8.06 -4.48 -31.19
CA ARG C 206 8.81 -5.51 -31.88
C ARG C 206 7.95 -6.76 -32.02
N PHE C 207 7.63 -7.13 -33.25
CA PHE C 207 6.74 -8.25 -33.53
C PHE C 207 7.58 -9.40 -34.11
N TYR C 208 8.02 -10.29 -33.23
CA TYR C 208 8.88 -11.39 -33.62
C TYR C 208 8.09 -12.56 -34.18
N PRO C 209 8.71 -13.39 -35.03
CA PRO C 209 7.98 -14.54 -35.59
C PRO C 209 7.44 -15.50 -34.53
N ASN C 210 8.19 -15.76 -33.47
CA ASN C 210 7.70 -16.60 -32.38
C ASN C 210 8.45 -16.22 -31.11
N ASP C 211 8.27 -17.03 -30.07
CA ASP C 211 8.69 -16.63 -28.72
C ASP C 211 10.20 -16.65 -28.57
N LEU C 212 10.86 -17.70 -29.07
CA LEU C 212 12.27 -17.92 -28.76
C LEU C 212 13.19 -16.82 -29.30
N TRP C 213 12.74 -16.04 -30.29
CA TRP C 213 13.58 -14.97 -30.82
C TRP C 213 13.90 -13.94 -29.74
N VAL C 214 12.90 -13.58 -28.93
CA VAL C 214 13.17 -12.59 -27.89
C VAL C 214 14.14 -13.15 -26.85
N VAL C 215 14.06 -14.45 -26.56
CA VAL C 215 15.00 -15.06 -25.61
C VAL C 215 16.41 -14.97 -26.17
N VAL C 216 16.57 -15.32 -27.45
CA VAL C 216 17.90 -15.27 -28.06
C VAL C 216 18.45 -13.85 -28.06
N PHE C 217 17.59 -12.87 -28.39
CA PHE C 217 18.07 -11.50 -28.48
C PHE C 217 18.36 -10.92 -27.10
N GLN C 218 17.59 -11.30 -26.07
CA GLN C 218 17.92 -10.90 -24.71
C GLN C 218 19.25 -11.51 -24.28
N PHE C 219 19.49 -12.77 -24.64
CA PHE C 219 20.77 -13.39 -24.31
C PHE C 219 21.92 -12.68 -24.99
N GLN C 220 21.78 -12.31 -26.26
CA GLN C 220 22.90 -11.59 -26.89
C GLN C 220 23.06 -10.20 -26.28
N HIS C 221 21.95 -9.57 -25.90
CA HIS C 221 22.00 -8.29 -25.20
C HIS C 221 22.87 -8.41 -23.95
N ILE C 222 22.58 -9.42 -23.12
CA ILE C 222 23.36 -9.62 -21.91
C ILE C 222 24.81 -9.92 -22.24
N MET C 223 25.05 -10.86 -23.16
CA MET C 223 26.41 -11.30 -23.44
C MET C 223 27.28 -10.19 -24.04
N VAL C 224 26.67 -9.23 -24.74
CA VAL C 224 27.45 -8.17 -25.37
C VAL C 224 27.48 -6.88 -24.54
N GLY C 225 26.52 -6.68 -23.65
CA GLY C 225 26.52 -5.48 -22.83
C GLY C 225 27.22 -5.65 -21.50
N LEU C 226 26.88 -6.73 -20.80
CA LEU C 226 27.34 -6.94 -19.42
C LEU C 226 28.58 -7.81 -19.33
N ILE C 227 28.53 -9.01 -19.90
CA ILE C 227 29.52 -10.04 -19.56
C ILE C 227 30.87 -9.75 -20.19
N LEU C 228 30.94 -9.76 -21.53
CA LEU C 228 32.25 -9.67 -22.18
C LEU C 228 32.98 -8.35 -21.91
N PRO C 229 32.37 -7.17 -22.09
CA PRO C 229 33.05 -5.94 -21.66
C PRO C 229 33.36 -5.90 -20.18
N GLY C 230 32.49 -6.45 -19.34
CA GLY C 230 32.81 -6.53 -17.92
C GLY C 230 34.05 -7.34 -17.65
N ILE C 231 34.18 -8.49 -18.32
CA ILE C 231 35.36 -9.33 -18.16
C ILE C 231 36.60 -8.57 -18.59
N VAL C 232 36.53 -7.87 -19.72
CA VAL C 232 37.70 -7.13 -20.21
C VAL C 232 38.08 -6.04 -19.22
N ILE C 233 37.10 -5.28 -18.74
CA ILE C 233 37.38 -4.17 -17.83
C ILE C 233 37.97 -4.68 -16.52
N LEU C 234 37.36 -5.72 -15.94
CA LEU C 234 37.86 -6.26 -14.68
C LEU C 234 39.26 -6.82 -14.83
N SER C 235 39.54 -7.55 -15.91
CA SER C 235 40.88 -8.09 -16.11
C SER C 235 41.89 -6.97 -16.25
N CYS C 236 41.55 -5.94 -17.03
CA CYS C 236 42.49 -4.84 -17.23
C CYS C 236 42.78 -4.14 -15.92
N TYR C 237 41.74 -3.83 -15.14
CA TYR C 237 41.97 -3.11 -13.90
C TYR C 237 42.71 -3.99 -12.89
N CYS C 238 42.52 -5.30 -12.94
CA CYS C 238 43.27 -6.15 -12.03
C CYS C 238 44.75 -6.06 -12.36
N ILE C 239 45.10 -6.14 -13.66
CA ILE C 239 46.52 -6.04 -14.02
C ILE C 239 47.10 -4.67 -13.63
N ILE C 240 46.36 -3.58 -13.85
CA ILE C 240 46.89 -2.27 -13.45
C ILE C 240 47.08 -2.21 -11.93
N ILE C 241 46.11 -2.73 -11.16
CA ILE C 241 46.25 -2.71 -9.71
C ILE C 241 47.47 -3.50 -9.28
N SER C 242 47.68 -4.68 -9.88
CA SER C 242 48.83 -5.48 -9.52
C SER C 242 50.13 -4.74 -9.82
N LYS C 243 50.21 -4.12 -11.01
CA LYS C 243 51.43 -3.39 -11.36
C LYS C 243 51.67 -2.23 -10.41
N LEU C 244 50.61 -1.49 -10.07
CA LEU C 244 50.75 -0.35 -9.17
C LEU C 244 51.23 -0.79 -7.79
N SER C 245 50.69 -1.89 -7.29
CA SER C 245 51.10 -2.39 -5.97
C SER C 245 52.57 -2.78 -5.98
N HIS C 246 53.03 -3.40 -7.06
CA HIS C 246 54.41 -3.82 -7.17
C HIS C 246 55.24 -2.78 -7.92
N ARG C 253 46.85 7.68 -9.01
CA ARG C 253 46.82 8.26 -10.36
C ARG C 253 45.46 8.93 -10.59
N LYS C 254 45.49 10.24 -10.86
CA LYS C 254 44.25 10.98 -11.06
C LYS C 254 43.47 10.45 -12.26
N ALA C 255 44.17 10.11 -13.34
CA ALA C 255 43.50 9.58 -14.53
C ALA C 255 42.81 8.27 -14.21
N LEU C 256 43.48 7.40 -13.46
CA LEU C 256 42.85 6.12 -13.13
C LEU C 256 41.57 6.35 -12.33
N LYS C 257 41.62 7.24 -11.34
CA LYS C 257 40.44 7.51 -10.52
C LYS C 257 39.28 8.04 -11.36
N THR C 258 39.58 9.02 -12.24
CA THR C 258 38.52 9.61 -13.06
C THR C 258 37.91 8.58 -14.00
N THR C 259 38.72 7.68 -14.59
CA THR C 259 38.06 6.74 -15.49
C THR C 259 37.51 5.52 -14.76
N VAL C 260 37.78 5.39 -13.46
CA VAL C 260 37.24 4.26 -12.70
C VAL C 260 35.84 4.62 -12.22
N ILE C 261 35.65 5.88 -11.82
CA ILE C 261 34.36 6.31 -11.31
C ILE C 261 33.31 6.27 -12.42
N LEU C 262 33.71 6.62 -13.65
CA LEU C 262 32.77 6.59 -14.76
C LEU C 262 32.25 5.19 -15.00
N ILE C 263 33.14 4.20 -14.91
CA ILE C 263 32.78 2.83 -15.24
C ILE C 263 31.92 2.23 -14.14
N LEU C 264 32.33 2.42 -12.88
CA LEU C 264 31.51 1.88 -11.79
C LEU C 264 30.14 2.53 -11.77
N ALA C 265 30.06 3.85 -11.97
CA ALA C 265 28.76 4.50 -12.02
C ALA C 265 27.92 4.05 -13.21
N PHE C 266 28.56 3.66 -14.32
CA PHE C 266 27.81 3.15 -15.47
C PHE C 266 27.22 1.77 -15.17
N PHE C 267 28.02 0.88 -14.60
CA PHE C 267 27.52 -0.46 -14.38
C PHE C 267 26.65 -0.54 -13.13
N ALA C 268 26.71 0.45 -12.24
CA ALA C 268 25.79 0.44 -11.11
C ALA C 268 24.40 0.84 -11.58
N CYS C 269 24.32 1.69 -12.59
CA CYS C 269 23.02 2.06 -13.14
C CYS C 269 22.45 0.92 -13.97
N TRP C 270 23.29 0.26 -14.77
CA TRP C 270 22.78 -0.81 -15.62
C TRP C 270 22.54 -2.13 -14.90
N LEU C 271 23.14 -2.34 -13.72
CA LEU C 271 23.06 -3.67 -13.08
C LEU C 271 21.65 -4.12 -12.74
N PRO C 272 20.80 -3.34 -12.07
CA PRO C 272 19.45 -3.84 -11.73
C PRO C 272 18.58 -4.20 -12.92
N TYR C 273 18.89 -3.70 -14.12
CA TYR C 273 18.11 -4.04 -15.30
C TYR C 273 18.40 -5.47 -15.76
N TYR C 274 19.65 -5.88 -15.72
CA TYR C 274 20.04 -7.16 -16.28
C TYR C 274 19.56 -8.35 -15.45
N ILE C 275 19.43 -8.21 -14.14
CA ILE C 275 18.74 -9.26 -13.38
C ILE C 275 17.26 -9.34 -13.77
N GLY C 276 16.63 -8.19 -14.06
CA GLY C 276 15.27 -8.20 -14.55
C GLY C 276 15.12 -8.94 -15.86
N ILE C 277 16.07 -8.72 -16.77
CA ILE C 277 16.04 -9.42 -18.06
C ILE C 277 16.33 -10.90 -17.86
N SER C 278 17.38 -11.23 -17.11
CA SER C 278 17.74 -12.63 -16.88
C SER C 278 16.55 -13.41 -16.34
N ILE C 279 15.89 -12.88 -15.30
CA ILE C 279 14.73 -13.54 -14.73
C ILE C 279 13.59 -13.63 -15.74
N ASP C 280 13.37 -12.58 -16.53
CA ASP C 280 12.31 -12.67 -17.53
C ASP C 280 12.59 -13.77 -18.55
N SER C 281 13.84 -13.90 -18.99
CA SER C 281 14.19 -14.96 -19.93
C SER C 281 14.01 -16.34 -19.32
N PHE C 282 14.43 -16.51 -18.05
CA PHE C 282 14.24 -17.82 -17.42
C PHE C 282 12.76 -18.16 -17.27
N ILE C 283 11.94 -17.16 -16.93
CA ILE C 283 10.50 -17.38 -16.80
C ILE C 283 9.91 -17.78 -18.15
N LEU C 284 10.39 -17.15 -19.22
CA LEU C 284 9.93 -17.47 -20.57
C LEU C 284 10.23 -18.92 -20.96
N LEU C 285 11.40 -19.44 -20.61
CA LEU C 285 11.75 -20.80 -20.99
C LEU C 285 11.20 -21.88 -20.03
N GLU C 286 10.15 -21.61 -19.28
CA GLU C 286 9.60 -22.56 -18.31
C GLU C 286 10.69 -23.14 -17.42
N ILE C 287 11.47 -22.26 -16.79
CA ILE C 287 12.42 -22.67 -15.78
C ILE C 287 12.04 -22.07 -14.44
N ILE C 288 11.40 -20.91 -14.47
CA ILE C 288 10.93 -20.22 -13.28
C ILE C 288 9.42 -20.06 -13.40
N LYS C 289 8.67 -21.04 -12.91
CA LYS C 289 7.21 -21.00 -12.99
C LYS C 289 6.67 -20.56 -11.63
N GLN C 290 6.79 -19.26 -11.37
CA GLN C 290 6.31 -18.68 -10.11
C GLN C 290 4.90 -18.13 -10.19
N GLY C 291 4.21 -18.26 -11.33
CA GLY C 291 2.86 -17.75 -11.47
C GLY C 291 2.77 -16.70 -12.54
N CYS C 292 1.82 -15.78 -12.36
CA CYS C 292 1.68 -14.65 -13.27
C CYS C 292 1.73 -13.29 -12.57
N GLU C 293 1.31 -13.20 -11.31
CA GLU C 293 1.53 -11.97 -10.56
C GLU C 293 3.02 -11.66 -10.46
N PHE C 294 3.84 -12.70 -10.33
CA PHE C 294 5.28 -12.52 -10.39
C PHE C 294 5.71 -11.99 -11.74
N GLU C 295 5.08 -12.47 -12.82
CA GLU C 295 5.41 -11.98 -14.15
C GLU C 295 5.07 -10.50 -14.31
N ASN C 296 3.90 -10.08 -13.85
CA ASN C 296 3.55 -8.66 -13.93
C ASN C 296 4.46 -7.81 -13.06
N THR C 297 4.81 -8.31 -11.88
CA THR C 297 5.72 -7.58 -11.00
C THR C 297 7.09 -7.40 -11.65
N VAL C 298 7.62 -8.47 -12.27
CA VAL C 298 8.93 -8.35 -12.90
C VAL C 298 8.86 -7.47 -14.14
N HIS C 299 7.72 -7.46 -14.84
CA HIS C 299 7.57 -6.54 -15.97
C HIS C 299 7.61 -5.08 -15.49
N LYS C 300 6.90 -4.77 -14.41
CA LYS C 300 6.94 -3.42 -13.86
C LYS C 300 8.35 -3.08 -13.39
N TRP C 301 9.03 -4.05 -12.77
CA TRP C 301 10.41 -3.84 -12.35
C TRP C 301 11.31 -3.52 -13.53
N ILE C 302 11.16 -4.24 -14.63
CA ILE C 302 11.97 -4.00 -15.83
C ILE C 302 11.71 -2.59 -16.35
N SER C 303 10.44 -2.19 -16.43
CA SER C 303 10.11 -0.87 -16.94
C SER C 303 10.73 0.23 -16.08
N ILE C 304 10.48 0.17 -14.78
CA ILE C 304 11.00 1.22 -13.89
C ILE C 304 12.51 1.21 -13.89
N THR C 305 13.13 0.03 -13.96
CA THR C 305 14.58 -0.04 -13.84
C THR C 305 15.25 0.48 -15.09
N GLU C 306 14.69 0.22 -16.28
CA GLU C 306 15.27 0.82 -17.48
C GLU C 306 15.06 2.33 -17.48
N ALA C 307 13.91 2.79 -16.99
CA ALA C 307 13.68 4.23 -16.88
C ALA C 307 14.72 4.88 -15.98
N LEU C 308 15.07 4.23 -14.87
CA LEU C 308 16.08 4.77 -13.98
C LEU C 308 17.48 4.62 -14.54
N ALA C 309 17.73 3.57 -15.31
CA ALA C 309 19.06 3.30 -15.84
C ALA C 309 19.37 4.13 -17.08
N PHE C 310 18.39 4.83 -17.62
CA PHE C 310 18.66 5.73 -18.73
C PHE C 310 19.58 6.89 -18.33
N PHE C 311 20.05 6.92 -17.07
CA PHE C 311 20.91 8.00 -16.57
C PHE C 311 22.33 7.94 -17.10
N HIS C 312 22.68 6.90 -17.86
CA HIS C 312 24.06 6.78 -18.35
C HIS C 312 24.41 7.87 -19.34
N CYS C 313 23.43 8.47 -20.01
CA CYS C 313 23.72 9.61 -20.87
C CYS C 313 23.97 10.88 -20.07
N CYS C 314 23.26 11.04 -18.95
CA CYS C 314 23.45 12.22 -18.11
C CYS C 314 24.73 12.15 -17.29
N LEU C 315 25.20 10.94 -16.98
CA LEU C 315 26.35 10.80 -16.09
C LEU C 315 27.64 11.34 -16.69
N ASN C 316 27.80 11.23 -18.01
CA ASN C 316 29.07 11.61 -18.63
C ASN C 316 29.44 13.08 -18.46
N PRO C 317 28.60 14.06 -18.82
CA PRO C 317 29.04 15.46 -18.71
C PRO C 317 29.23 15.94 -17.29
N ILE C 318 28.54 15.33 -16.31
CA ILE C 318 28.64 15.79 -14.93
C ILE C 318 30.06 15.64 -14.40
N LEU C 319 30.72 14.53 -14.73
CA LEU C 319 32.05 14.28 -14.19
C LEU C 319 33.03 15.36 -14.60
N TYR C 320 32.81 16.01 -15.75
CA TYR C 320 33.66 17.14 -16.12
C TYR C 320 33.47 18.29 -15.15
N ALA C 321 32.21 18.54 -14.75
CA ALA C 321 31.92 19.64 -13.83
C ALA C 321 32.53 19.37 -12.47
N PHE C 322 32.39 18.15 -11.96
CA PHE C 322 32.85 17.87 -10.61
C PHE C 322 34.35 17.58 -10.57
N LEU C 323 34.79 16.52 -11.24
CA LEU C 323 36.19 16.13 -11.17
C LEU C 323 37.08 17.05 -11.99
N GLY C 324 36.63 17.41 -13.19
CA GLY C 324 37.43 18.26 -14.07
C GLY C 324 37.60 19.67 -13.54
N ASP D 1 -15.82 -24.64 3.84
CA ASP D 1 -14.61 -24.82 3.06
C ASP D 1 -14.93 -25.13 1.60
N VAL D 2 -13.88 -25.28 0.78
CA VAL D 2 -14.07 -25.57 -0.64
C VAL D 2 -14.77 -26.91 -0.80
N VAL D 3 -15.77 -26.96 -1.68
CA VAL D 3 -16.55 -28.15 -1.95
C VAL D 3 -16.37 -28.53 -3.41
N MET D 4 -16.04 -29.80 -3.66
CA MET D 4 -15.80 -30.30 -5.01
C MET D 4 -16.80 -31.41 -5.34
N THR D 5 -17.46 -31.28 -6.49
CA THR D 5 -18.38 -32.30 -6.98
C THR D 5 -17.70 -33.06 -8.11
N GLN D 6 -17.79 -34.39 -8.06
CA GLN D 6 -17.13 -35.26 -9.02
C GLN D 6 -18.16 -35.98 -9.87
N SER D 7 -17.94 -36.04 -11.17
CA SER D 7 -18.86 -36.69 -12.10
C SER D 7 -18.08 -37.56 -13.07
N PRO D 8 -18.66 -38.68 -13.50
CA PRO D 8 -19.94 -39.23 -13.06
C PRO D 8 -19.80 -40.05 -11.78
N LEU D 9 -20.92 -40.32 -11.09
CA LEU D 9 -20.85 -41.11 -9.87
C LEU D 9 -20.54 -42.57 -10.18
N SER D 10 -21.13 -43.11 -11.25
CA SER D 10 -20.86 -44.47 -11.70
C SER D 10 -20.50 -44.41 -13.18
N LEU D 11 -19.38 -45.02 -13.54
CA LEU D 11 -18.84 -44.95 -14.90
C LEU D 11 -18.56 -46.37 -15.40
N PRO D 12 -19.54 -47.01 -16.03
CA PRO D 12 -19.27 -48.30 -16.67
C PRO D 12 -18.39 -48.09 -17.90
N VAL D 13 -17.30 -48.86 -17.97
CA VAL D 13 -16.35 -48.74 -19.07
C VAL D 13 -16.07 -50.12 -19.65
N THR D 14 -15.77 -50.16 -20.94
CA THR D 14 -15.47 -51.39 -21.64
C THR D 14 -13.96 -51.54 -21.79
N LEU D 15 -13.48 -52.77 -21.64
CA LEU D 15 -12.05 -53.05 -21.69
C LEU D 15 -11.45 -52.56 -23.01
N GLY D 16 -10.28 -51.93 -22.93
CA GLY D 16 -9.62 -51.44 -24.12
C GLY D 16 -10.13 -50.11 -24.63
N GLN D 17 -10.92 -49.39 -23.83
CA GLN D 17 -11.45 -48.10 -24.24
C GLN D 17 -11.12 -47.03 -23.22
N PRO D 18 -10.83 -45.80 -23.65
CA PRO D 18 -10.48 -44.74 -22.70
C PRO D 18 -11.70 -44.27 -21.92
N ALA D 19 -11.43 -43.65 -20.78
CA ALA D 19 -12.51 -43.10 -19.96
C ALA D 19 -12.04 -41.85 -19.24
N SER D 20 -12.99 -40.99 -18.89
CA SER D 20 -12.68 -39.71 -18.27
C SER D 20 -13.59 -39.43 -17.09
N ILE D 21 -12.99 -38.91 -16.01
CA ILE D 21 -13.69 -38.50 -14.80
C ILE D 21 -13.31 -37.05 -14.54
N SER D 22 -14.29 -36.21 -14.24
CA SER D 22 -14.00 -34.79 -14.05
C SER D 22 -14.67 -34.27 -12.80
N CYS D 23 -13.93 -33.50 -12.02
CA CYS D 23 -14.49 -32.90 -10.82
C CYS D 23 -14.29 -31.39 -10.82
N ARG D 24 -15.34 -30.69 -10.41
CA ARG D 24 -15.42 -29.23 -10.42
C ARG D 24 -15.45 -28.70 -9.00
N SER D 25 -14.75 -27.60 -8.77
CA SER D 25 -14.63 -27.01 -7.45
C SER D 25 -15.65 -25.87 -7.31
N SER D 26 -15.66 -25.25 -6.14
CA SER D 26 -16.51 -24.09 -5.88
C SER D 26 -15.72 -22.81 -5.68
N GLN D 27 -14.39 -22.90 -5.60
CA GLN D 27 -13.48 -21.78 -5.45
C GLN D 27 -12.26 -22.07 -6.31
N SER D 28 -11.68 -21.03 -6.90
CA SER D 28 -10.54 -21.25 -7.79
C SER D 28 -9.37 -21.84 -7.01
N LEU D 29 -8.80 -22.92 -7.54
CA LEU D 29 -7.67 -23.60 -6.91
C LEU D 29 -6.34 -23.02 -7.38
N VAL D 30 -6.13 -21.74 -7.12
CA VAL D 30 -4.86 -21.11 -7.47
C VAL D 30 -4.26 -20.56 -6.18
N TYR D 31 -3.06 -21.01 -5.87
CA TYR D 31 -2.34 -20.57 -4.69
C TYR D 31 -1.69 -19.21 -4.93
N THR D 32 -1.35 -18.54 -3.82
CA THR D 32 -0.66 -17.27 -3.95
C THR D 32 0.68 -17.46 -4.64
N ASP D 33 1.34 -18.59 -4.36
CA ASP D 33 2.62 -18.88 -4.99
C ASP D 33 2.49 -18.95 -6.51
N GLY D 34 1.42 -19.58 -7.00
CA GLY D 34 1.22 -19.62 -8.44
C GLY D 34 0.94 -20.99 -9.02
N ASN D 35 0.73 -21.99 -8.16
CA ASN D 35 0.47 -23.35 -8.59
C ASN D 35 -0.94 -23.77 -8.21
N THR D 36 -1.33 -24.95 -8.67
CA THR D 36 -2.58 -25.57 -8.30
C THR D 36 -2.30 -26.94 -7.69
N TYR D 37 -2.73 -27.13 -6.44
CA TYR D 37 -2.46 -28.36 -5.69
C TYR D 37 -3.74 -29.17 -5.65
N LEU D 38 -3.96 -29.98 -6.68
CA LEU D 38 -5.07 -30.91 -6.74
C LEU D 38 -4.53 -32.24 -7.21
N ASN D 39 -4.80 -33.31 -6.45
CA ASN D 39 -4.24 -34.61 -6.75
C ASN D 39 -5.32 -35.68 -6.68
N TRP D 40 -5.06 -36.79 -7.39
CA TRP D 40 -6.04 -37.86 -7.54
C TRP D 40 -5.56 -39.14 -6.88
N PHE D 41 -6.51 -39.86 -6.29
CA PHE D 41 -6.26 -41.12 -5.59
C PHE D 41 -7.10 -42.21 -6.21
N GLN D 42 -6.63 -43.45 -6.06
CA GLN D 42 -7.38 -44.65 -6.42
C GLN D 42 -7.35 -45.61 -5.24
N GLN D 43 -8.53 -46.11 -4.88
CA GLN D 43 -8.69 -47.01 -3.75
C GLN D 43 -9.28 -48.32 -4.24
N ARG D 44 -8.45 -49.36 -4.29
CA ARG D 44 -8.89 -50.70 -4.61
C ARG D 44 -9.69 -51.26 -3.42
N PRO D 45 -10.62 -52.19 -3.66
CA PRO D 45 -11.45 -52.68 -2.55
C PRO D 45 -10.63 -53.46 -1.52
N GLY D 46 -10.60 -52.94 -0.30
CA GLY D 46 -9.93 -53.60 0.81
C GLY D 46 -8.55 -53.11 1.16
N GLN D 47 -8.04 -52.07 0.50
CA GLN D 47 -6.71 -51.54 0.80
C GLN D 47 -6.77 -50.01 0.81
N SER D 48 -5.74 -49.42 1.39
CA SER D 48 -5.70 -47.97 1.54
C SER D 48 -5.54 -47.30 0.18
N PRO D 49 -6.11 -46.10 0.01
CA PRO D 49 -5.95 -45.37 -1.24
C PRO D 49 -4.49 -45.04 -1.51
N ARG D 50 -4.14 -45.05 -2.79
CA ARG D 50 -2.80 -44.69 -3.25
C ARG D 50 -2.87 -43.46 -4.15
N ARG D 51 -1.73 -42.82 -4.35
CA ARG D 51 -1.66 -41.59 -5.13
C ARG D 51 -1.31 -41.92 -6.58
N LEU D 52 -2.09 -41.38 -7.52
CA LEU D 52 -1.84 -41.59 -8.93
C LEU D 52 -1.12 -40.40 -9.56
N ILE D 53 -1.70 -39.20 -9.46
CA ILE D 53 -1.09 -37.99 -9.99
C ILE D 53 -1.19 -36.90 -8.94
N TYR D 54 -0.08 -36.19 -8.73
CA TYR D 54 -0.02 -35.05 -7.83
C TYR D 54 0.07 -33.77 -8.63
N LYS D 55 -0.62 -32.73 -8.17
CA LYS D 55 -0.85 -31.51 -8.94
C LYS D 55 -1.69 -31.83 -10.17
N VAL D 56 -1.88 -30.85 -11.05
CA VAL D 56 -2.86 -31.02 -12.12
C VAL D 56 -2.44 -32.11 -13.08
N SER D 57 -1.16 -32.16 -13.44
CA SER D 57 -0.70 -33.05 -14.51
C SER D 57 0.50 -33.92 -14.14
N ASN D 58 1.29 -33.55 -13.12
CA ASN D 58 2.46 -34.34 -12.79
C ASN D 58 2.06 -35.73 -12.33
N ARG D 59 2.82 -36.73 -12.78
CA ARG D 59 2.51 -38.13 -12.53
C ARG D 59 3.36 -38.65 -11.38
N ASP D 60 2.71 -39.28 -10.40
CA ASP D 60 3.44 -39.87 -9.28
C ASP D 60 4.22 -41.08 -9.75
N SER D 61 5.46 -41.20 -9.27
CA SER D 61 6.34 -42.27 -9.70
C SER D 61 5.79 -43.63 -9.28
N GLY D 62 5.80 -44.58 -10.20
CA GLY D 62 5.36 -45.94 -9.93
C GLY D 62 4.05 -46.34 -10.57
N VAL D 63 3.49 -45.53 -11.47
CA VAL D 63 2.22 -45.85 -12.12
C VAL D 63 2.41 -45.80 -13.63
N PRO D 64 1.62 -46.51 -14.41
CA PRO D 64 1.80 -46.49 -15.87
C PRO D 64 1.42 -45.14 -16.46
N ASP D 65 1.74 -44.98 -17.74
CA ASP D 65 1.46 -43.76 -18.48
C ASP D 65 0.01 -43.63 -18.91
N ARG D 66 -0.82 -44.65 -18.67
CA ARG D 66 -2.23 -44.59 -19.09
C ARG D 66 -2.97 -43.48 -18.37
N PHE D 67 -2.70 -43.29 -17.08
CA PHE D 67 -3.36 -42.25 -16.29
C PHE D 67 -2.75 -40.89 -16.62
N SER D 68 -3.60 -39.91 -16.90
CA SER D 68 -3.11 -38.56 -17.18
C SER D 68 -4.21 -37.57 -16.86
N GLY D 69 -3.83 -36.40 -16.35
CA GLY D 69 -4.80 -35.41 -15.95
C GLY D 69 -4.48 -34.03 -16.50
N SER D 70 -5.52 -33.19 -16.52
CA SER D 70 -5.45 -31.86 -17.09
C SER D 70 -6.55 -31.01 -16.50
N GLY D 71 -6.52 -29.72 -16.79
CA GLY D 71 -7.51 -28.77 -16.31
C GLY D 71 -6.87 -27.57 -15.67
N SER D 72 -7.69 -26.54 -15.50
CA SER D 72 -7.21 -25.34 -14.83
C SER D 72 -8.37 -24.53 -14.32
N GLY D 73 -8.08 -23.64 -13.36
CA GLY D 73 -9.12 -22.81 -12.79
C GLY D 73 -9.93 -23.55 -11.76
N THR D 74 -11.16 -23.89 -12.12
CA THR D 74 -12.06 -24.64 -11.25
C THR D 74 -12.54 -25.93 -11.91
N ASP D 75 -11.97 -26.30 -13.06
CA ASP D 75 -12.35 -27.53 -13.74
C ASP D 75 -11.13 -28.41 -13.98
N PHE D 76 -11.23 -29.68 -13.58
CA PHE D 76 -10.16 -30.63 -13.71
C PHE D 76 -10.72 -31.97 -14.18
N THR D 77 -9.87 -32.73 -14.87
CA THR D 77 -10.26 -33.99 -15.50
C THR D 77 -9.08 -34.96 -15.46
N LEU D 78 -9.39 -36.22 -15.17
CA LEU D 78 -8.44 -37.32 -15.24
C LEU D 78 -8.94 -38.33 -16.25
N LYS D 79 -8.04 -38.81 -17.11
CA LYS D 79 -8.39 -39.72 -18.19
C LYS D 79 -7.46 -40.91 -18.21
N ILE D 80 -8.04 -42.07 -18.50
CA ILE D 80 -7.33 -43.33 -18.64
C ILE D 80 -7.38 -43.72 -20.10
N SER D 81 -6.20 -43.91 -20.71
CA SER D 81 -6.11 -44.19 -22.13
C SER D 81 -6.67 -45.58 -22.44
N ARG D 82 -6.24 -46.59 -21.70
CA ARG D 82 -6.70 -47.96 -21.86
C ARG D 82 -7.12 -48.52 -20.51
N VAL D 83 -8.27 -49.19 -20.48
CA VAL D 83 -8.81 -49.78 -19.26
C VAL D 83 -8.50 -51.27 -19.28
N GLU D 84 -7.72 -51.71 -18.30
CA GLU D 84 -7.42 -53.12 -18.10
C GLU D 84 -8.37 -53.70 -17.05
N ALA D 85 -8.12 -54.94 -16.65
CA ALA D 85 -8.94 -55.59 -15.64
C ALA D 85 -8.53 -55.22 -14.21
N GLU D 86 -7.41 -54.53 -14.04
CA GLU D 86 -6.92 -54.14 -12.73
C GLU D 86 -7.23 -52.68 -12.40
N ASP D 87 -8.03 -52.01 -13.22
CA ASP D 87 -8.40 -50.61 -13.02
C ASP D 87 -9.79 -50.46 -12.42
N VAL D 88 -10.18 -51.39 -11.55
CA VAL D 88 -11.50 -51.39 -10.92
C VAL D 88 -11.34 -50.87 -9.50
N GLY D 89 -12.09 -49.84 -9.15
CA GLY D 89 -12.00 -49.27 -7.83
C GLY D 89 -12.54 -47.86 -7.80
N PHE D 90 -12.46 -47.26 -6.60
CA PHE D 90 -12.92 -45.90 -6.40
C PHE D 90 -11.80 -44.91 -6.74
N TYR D 91 -12.20 -43.73 -7.20
CA TYR D 91 -11.30 -42.65 -7.56
C TYR D 91 -11.75 -41.37 -6.90
N TYR D 92 -10.81 -40.66 -6.27
CA TYR D 92 -11.10 -39.43 -5.54
C TYR D 92 -10.17 -38.32 -6.02
N CYS D 93 -10.67 -37.09 -6.02
CA CYS D 93 -9.85 -35.91 -6.29
C CYS D 93 -9.91 -35.01 -5.07
N MET D 94 -8.74 -34.55 -4.60
CA MET D 94 -8.72 -33.68 -3.44
C MET D 94 -7.77 -32.52 -3.69
N GLN D 95 -7.94 -31.47 -2.89
CA GLN D 95 -7.17 -30.23 -3.00
C GLN D 95 -6.38 -29.99 -1.72
N ASN D 96 -5.17 -29.44 -1.86
CA ASN D 96 -4.39 -28.95 -0.73
C ASN D 96 -3.91 -27.53 -1.05
N THR D 97 -4.80 -26.57 -0.92
CA THR D 97 -4.43 -25.16 -1.01
C THR D 97 -5.03 -24.34 0.12
N HIS D 98 -6.26 -24.64 0.53
CA HIS D 98 -6.97 -23.87 1.54
C HIS D 98 -7.19 -24.75 2.77
N TRP D 99 -6.79 -24.26 3.93
CA TRP D 99 -6.99 -24.99 5.16
C TRP D 99 -8.47 -24.98 5.53
N PRO D 100 -9.10 -26.14 5.76
CA PRO D 100 -8.54 -27.50 5.66
C PRO D 100 -8.77 -28.15 4.30
N LEU D 101 -8.04 -29.23 4.03
CA LEU D 101 -8.19 -29.95 2.77
C LEU D 101 -9.56 -30.63 2.70
N THR D 102 -10.08 -30.73 1.48
CA THR D 102 -11.38 -31.34 1.23
C THR D 102 -11.24 -32.38 0.13
N PHE D 103 -11.87 -33.54 0.34
CA PHE D 103 -11.83 -34.63 -0.62
C PHE D 103 -12.99 -34.50 -1.62
N GLY D 104 -13.11 -35.50 -2.50
CA GLY D 104 -14.16 -35.53 -3.49
C GLY D 104 -15.24 -36.54 -3.14
N GLY D 105 -16.29 -36.53 -3.96
CA GLY D 105 -17.40 -37.45 -3.75
C GLY D 105 -17.01 -38.90 -3.97
N GLY D 106 -16.28 -39.18 -5.04
CA GLY D 106 -15.87 -40.54 -5.32
C GLY D 106 -16.53 -41.06 -6.59
N THR D 107 -15.75 -41.77 -7.41
CA THR D 107 -16.23 -42.36 -8.64
C THR D 107 -15.81 -43.81 -8.69
N LYS D 108 -16.72 -44.71 -9.00
CA LYS D 108 -16.42 -46.14 -9.04
C LYS D 108 -16.36 -46.59 -10.50
N VAL D 109 -15.31 -47.30 -10.86
CA VAL D 109 -15.12 -47.75 -12.24
C VAL D 109 -15.39 -49.24 -12.31
N GLU D 110 -16.43 -49.62 -13.05
CA GLU D 110 -16.81 -50.99 -13.29
C GLU D 110 -16.22 -51.50 -14.61
N ILE D 111 -16.63 -52.69 -15.03
CA ILE D 111 -16.21 -53.28 -16.28
C ILE D 111 -17.45 -53.55 -17.13
N LYS D 112 -17.44 -53.04 -18.36
CA LYS D 112 -18.55 -53.25 -19.29
C LYS D 112 -18.06 -53.93 -20.57
N GLN E 1 12.80 -47.92 2.70
CA GLN E 1 11.44 -47.52 2.34
C GLN E 1 10.79 -46.71 3.45
N VAL E 2 9.73 -45.98 3.11
CA VAL E 2 8.97 -45.18 4.05
C VAL E 2 7.61 -45.84 4.23
N GLN E 3 7.20 -46.02 5.49
CA GLN E 3 5.94 -46.71 5.73
C GLN E 3 5.36 -46.32 7.09
N LEU E 4 4.04 -46.49 7.19
CA LEU E 4 3.28 -46.23 8.40
C LEU E 4 2.46 -47.47 8.74
N VAL E 5 2.53 -47.91 9.99
CA VAL E 5 1.85 -49.10 10.46
C VAL E 5 0.92 -48.71 11.59
N GLN E 6 -0.30 -49.20 11.57
CA GLN E 6 -1.28 -48.87 12.59
C GLN E 6 -1.55 -50.09 13.49
N SER E 7 -2.51 -49.94 14.39
CA SER E 7 -2.90 -51.00 15.30
C SER E 7 -3.99 -51.86 14.67
N GLY E 8 -4.62 -52.72 15.47
CA GLY E 8 -5.69 -53.57 15.00
C GLY E 8 -7.06 -52.92 15.12
N ALA E 9 -8.06 -53.63 14.59
CA ALA E 9 -9.44 -53.15 14.66
C ALA E 9 -9.98 -53.29 16.07
N GLU E 10 -10.88 -52.36 16.44
CA GLU E 10 -11.42 -52.37 17.79
C GLU E 10 -12.93 -52.19 17.81
N VAL E 11 -13.55 -52.71 18.87
CA VAL E 11 -14.98 -52.56 19.14
C VAL E 11 -15.15 -52.09 20.57
N LYS E 12 -15.95 -51.05 20.76
CA LYS E 12 -16.14 -50.44 22.07
C LYS E 12 -17.58 -50.01 22.24
N LYS E 13 -18.01 -49.93 23.50
CA LYS E 13 -19.36 -49.51 23.82
C LYS E 13 -19.48 -48.00 23.71
N PRO E 14 -20.70 -47.48 23.50
CA PRO E 14 -20.90 -46.03 23.42
C PRO E 14 -20.46 -45.34 24.71
N GLY E 15 -19.88 -44.15 24.57
CA GLY E 15 -19.41 -43.40 25.70
C GLY E 15 -18.01 -43.72 26.16
N ALA E 16 -17.35 -44.70 25.54
CA ALA E 16 -16.00 -45.09 25.91
C ALA E 16 -14.96 -44.17 25.27
N SER E 17 -13.70 -44.62 25.24
CA SER E 17 -12.62 -43.86 24.63
C SER E 17 -11.73 -44.83 23.87
N VAL E 18 -11.25 -44.41 22.70
CA VAL E 18 -10.39 -45.22 21.85
C VAL E 18 -9.15 -44.45 21.43
N LYS E 19 -7.99 -45.11 21.50
CA LYS E 19 -6.72 -44.56 21.07
C LYS E 19 -6.09 -45.48 20.04
N VAL E 20 -5.73 -44.94 18.88
CA VAL E 20 -5.15 -45.72 17.79
C VAL E 20 -3.72 -45.26 17.55
N SER E 21 -2.77 -46.19 17.61
CA SER E 21 -1.36 -45.88 17.41
C SER E 21 -1.05 -45.76 15.91
N CYS E 22 0.00 -44.99 15.60
CA CYS E 22 0.43 -44.82 14.20
C CYS E 22 1.96 -44.73 14.18
N LYS E 23 2.60 -45.90 14.05
CA LYS E 23 4.06 -45.97 14.08
C LYS E 23 4.61 -45.71 12.69
N ALA E 24 5.58 -44.81 12.58
CA ALA E 24 6.12 -44.43 11.29
C ALA E 24 7.61 -44.74 11.24
N SER E 25 8.08 -45.21 10.09
CA SER E 25 9.51 -45.49 9.95
C SER E 25 9.92 -45.29 8.50
N GLY E 26 11.24 -45.11 8.32
CA GLY E 26 11.81 -44.91 7.01
C GLY E 26 12.17 -43.47 6.67
N TYR E 27 11.84 -42.53 7.55
CA TYR E 27 12.19 -41.13 7.32
C TYR E 27 12.25 -40.43 8.68
N THR E 28 12.82 -39.22 8.66
CA THR E 28 12.92 -38.41 9.88
C THR E 28 11.52 -38.04 10.33
N PHE E 29 11.10 -38.62 11.45
CA PHE E 29 9.73 -38.44 11.93
C PHE E 29 9.44 -37.00 12.37
N THR E 30 10.46 -36.24 12.75
CA THR E 30 10.29 -34.90 13.30
C THR E 30 10.40 -33.81 12.25
N SER E 31 10.03 -34.10 11.00
CA SER E 31 10.03 -33.09 9.96
C SER E 31 8.82 -33.19 9.04
N TYR E 32 7.80 -33.95 9.42
CA TYR E 32 6.55 -34.04 8.66
C TYR E 32 5.39 -34.18 9.63
N GLY E 33 4.39 -33.32 9.47
CA GLY E 33 3.19 -33.43 10.28
C GLY E 33 2.39 -34.67 9.90
N ILE E 34 1.39 -34.96 10.71
CA ILE E 34 0.54 -36.13 10.49
C ILE E 34 -0.92 -35.70 10.54
N SER E 35 -1.68 -36.09 9.54
CA SER E 35 -3.11 -35.79 9.47
C SER E 35 -3.92 -37.07 9.58
N TRP E 36 -4.98 -37.00 10.36
CA TRP E 36 -5.83 -38.15 10.63
C TRP E 36 -7.10 -38.02 9.79
N VAL E 37 -7.37 -39.03 8.96
CA VAL E 37 -8.49 -38.99 8.03
C VAL E 37 -9.37 -40.19 8.32
N ARG E 38 -10.68 -39.97 8.38
CA ARG E 38 -11.63 -41.03 8.66
C ARG E 38 -12.61 -41.19 7.51
N GLN E 39 -12.82 -42.44 7.10
CA GLN E 39 -13.75 -42.78 6.03
C GLN E 39 -14.90 -43.62 6.57
N ALA E 40 -16.08 -43.01 6.61
CA ALA E 40 -17.26 -43.71 7.08
C ALA E 40 -17.61 -44.79 6.05
N PRO E 41 -18.14 -45.94 6.47
CA PRO E 41 -18.46 -46.98 5.49
C PRO E 41 -19.54 -46.48 4.55
N GLY E 42 -19.36 -46.75 3.26
CA GLY E 42 -20.34 -46.29 2.28
C GLY E 42 -20.51 -44.79 2.26
N GLN E 43 -19.41 -44.04 2.40
CA GLN E 43 -19.49 -42.58 2.41
C GLN E 43 -18.17 -42.00 1.92
N GLY E 44 -18.21 -40.70 1.62
CA GLY E 44 -17.02 -40.01 1.16
C GLY E 44 -16.00 -39.83 2.27
N ILE E 45 -14.73 -39.79 1.86
CA ILE E 45 -13.64 -39.62 2.82
C ILE E 45 -13.76 -38.25 3.50
N GLU E 46 -13.48 -38.23 4.81
CA GLU E 46 -13.57 -37.02 5.61
C GLU E 46 -12.29 -36.80 6.38
N TRP E 47 -12.06 -35.54 6.75
CA TRP E 47 -10.88 -35.12 7.49
C TRP E 47 -11.31 -34.75 8.90
N MET E 48 -10.47 -35.05 9.90
CA MET E 48 -10.80 -34.66 11.26
C MET E 48 -9.67 -34.04 12.06
N GLY E 49 -8.43 -34.09 11.62
CA GLY E 49 -7.39 -33.53 12.46
C GLY E 49 -6.02 -33.51 11.79
N TRP E 50 -5.10 -32.86 12.49
CA TRP E 50 -3.70 -32.70 12.06
C TRP E 50 -2.86 -32.27 13.24
N ILE E 51 -1.72 -32.93 13.44
CA ILE E 51 -0.79 -32.56 14.49
C ILE E 51 0.60 -32.42 13.89
N SER E 52 1.31 -31.38 14.31
CA SER E 52 2.68 -31.12 13.87
C SER E 52 3.65 -31.77 14.85
N THR E 53 4.36 -32.80 14.40
CA THR E 53 5.32 -33.50 15.24
C THR E 53 6.52 -32.63 15.62
N TYR E 54 6.72 -31.49 14.94
CA TYR E 54 7.81 -30.60 15.27
C TYR E 54 7.67 -30.03 16.69
N ASN E 55 6.50 -29.44 16.98
CA ASN E 55 6.30 -28.84 18.30
C ASN E 55 4.90 -29.04 18.85
N GLY E 56 4.14 -30.01 18.34
CA GLY E 56 2.84 -30.31 18.90
C GLY E 56 1.81 -29.20 18.77
N ASN E 57 1.66 -28.65 17.57
CA ASN E 57 0.67 -27.60 17.31
C ASN E 57 -0.57 -28.26 16.72
N ARG E 58 -1.41 -28.81 17.59
CA ARG E 58 -2.54 -29.59 17.13
C ARG E 58 -3.60 -28.69 16.50
N ASN E 59 -4.46 -29.31 15.69
CA ASN E 59 -5.60 -28.63 15.08
C ASN E 59 -6.67 -29.67 14.80
N TYR E 60 -7.92 -29.28 14.96
CA TYR E 60 -9.04 -30.21 14.91
C TYR E 60 -10.09 -29.73 13.92
N ALA E 61 -10.90 -30.67 13.43
CA ALA E 61 -11.99 -30.31 12.55
C ALA E 61 -13.18 -29.84 13.37
N GLN E 62 -14.03 -29.01 12.76
CA GLN E 62 -15.14 -28.41 13.49
C GLN E 62 -16.14 -29.47 13.94
N LYS E 63 -16.40 -30.47 13.10
CA LYS E 63 -17.45 -31.44 13.39
C LYS E 63 -17.10 -32.35 14.56
N VAL E 64 -15.82 -32.53 14.84
CA VAL E 64 -15.38 -33.47 15.87
C VAL E 64 -14.72 -32.75 17.05
N GLN E 65 -14.42 -31.46 16.91
CA GLN E 65 -13.73 -30.70 17.95
C GLN E 65 -14.45 -30.80 19.28
N GLY E 66 -13.66 -30.95 20.35
CA GLY E 66 -14.18 -31.08 21.69
C GLY E 66 -14.26 -32.50 22.20
N ARG E 67 -14.09 -33.50 21.33
CA ARG E 67 -14.13 -34.89 21.74
C ARG E 67 -12.86 -35.65 21.39
N VAL E 68 -11.90 -35.03 20.70
CA VAL E 68 -10.66 -35.69 20.31
C VAL E 68 -9.47 -34.91 20.86
N THR E 69 -8.55 -35.63 21.48
CA THR E 69 -7.22 -35.11 21.79
C THR E 69 -6.18 -36.06 21.20
N MET E 70 -5.26 -35.50 20.42
CA MET E 70 -4.31 -36.30 19.66
C MET E 70 -2.90 -35.78 19.93
N THR E 71 -1.99 -36.70 20.25
CA THR E 71 -0.65 -36.33 20.69
C THR E 71 0.34 -37.27 20.03
N THR E 72 1.62 -36.94 20.15
CA THR E 72 2.70 -37.71 19.56
C THR E 72 3.68 -38.15 20.64
N ASP E 73 4.40 -39.23 20.34
CA ASP E 73 5.42 -39.78 21.22
C ASP E 73 6.72 -39.77 20.43
N ARG E 74 7.45 -38.65 20.51
CA ARG E 74 8.63 -38.48 19.67
C ARG E 74 9.73 -39.47 20.01
N SER E 75 9.77 -39.96 21.26
CA SER E 75 10.85 -40.85 21.67
C SER E 75 10.81 -42.15 20.88
N THR E 76 9.63 -42.72 20.68
CA THR E 76 9.47 -43.96 19.94
C THR E 76 8.94 -43.74 18.53
N SER E 77 8.82 -42.48 18.11
CA SER E 77 8.37 -42.11 16.77
C SER E 77 7.01 -42.72 16.44
N THR E 78 6.04 -42.39 17.30
CA THR E 78 4.67 -42.84 17.14
C THR E 78 3.72 -41.66 17.34
N ALA E 79 2.56 -41.73 16.69
CA ALA E 79 1.53 -40.72 16.80
C ALA E 79 0.23 -41.39 17.22
N TYR E 80 -0.44 -40.80 18.21
CA TYR E 80 -1.68 -41.36 18.74
C TYR E 80 -2.85 -40.42 18.43
N MET E 81 -4.05 -40.92 18.70
CA MET E 81 -5.25 -40.10 18.64
C MET E 81 -6.29 -40.69 19.58
N ASP E 82 -6.84 -39.85 20.45
CA ASP E 82 -7.83 -40.28 21.44
C ASP E 82 -9.18 -39.68 21.10
N LEU E 83 -10.20 -40.53 21.05
CA LEU E 83 -11.58 -40.10 20.79
C LEU E 83 -12.46 -40.60 21.93
N ARG E 84 -13.27 -39.71 22.48
CA ARG E 84 -14.15 -40.02 23.59
C ARG E 84 -15.58 -39.63 23.24
N SER E 85 -16.52 -40.16 24.01
CA SER E 85 -17.95 -39.96 23.81
C SER E 85 -18.37 -40.43 22.41
N LEU E 86 -18.06 -41.69 22.12
CA LEU E 86 -18.37 -42.26 20.81
C LEU E 86 -19.89 -42.37 20.63
N ARG E 87 -20.33 -42.12 19.40
CA ARG E 87 -21.74 -42.20 19.03
C ARG E 87 -21.96 -43.43 18.16
N SER E 88 -23.23 -43.62 17.75
CA SER E 88 -23.59 -44.81 16.99
C SER E 88 -22.98 -44.80 15.60
N ASP E 89 -22.90 -43.63 14.97
CA ASP E 89 -22.47 -43.53 13.59
C ASP E 89 -20.95 -43.45 13.45
N ASP E 90 -20.21 -43.61 14.55
CA ASP E 90 -18.76 -43.48 14.52
C ASP E 90 -18.07 -44.72 13.95
N THR E 91 -18.79 -45.80 13.73
CA THR E 91 -18.19 -47.01 13.15
C THR E 91 -17.60 -46.68 11.79
N ALA E 92 -16.28 -46.72 11.66
CA ALA E 92 -15.66 -46.33 10.39
C ALA E 92 -14.23 -46.85 10.33
N VAL E 93 -13.47 -46.36 9.35
CA VAL E 93 -12.06 -46.73 9.20
C VAL E 93 -11.18 -45.48 9.24
N TYR E 94 -10.15 -45.52 10.07
CA TYR E 94 -9.26 -44.39 10.32
C TYR E 94 -7.90 -44.65 9.69
N TYR E 95 -7.43 -43.66 8.92
CA TYR E 95 -6.17 -43.69 8.19
C TYR E 95 -5.25 -42.61 8.73
N CYS E 96 -3.99 -42.95 8.95
CA CYS E 96 -2.97 -42.03 9.42
C CYS E 96 -2.13 -41.69 8.20
N ALA E 97 -2.15 -40.42 7.77
CA ALA E 97 -1.45 -40.03 6.56
C ALA E 97 -0.52 -38.85 6.78
N ARG E 98 0.71 -38.97 6.28
CA ARG E 98 1.69 -37.90 6.44
C ARG E 98 1.21 -36.65 5.72
N HIS E 99 1.45 -35.49 6.33
CA HIS E 99 0.99 -34.23 5.76
C HIS E 99 1.92 -33.10 6.16
N GLY E 100 2.00 -32.09 5.31
CA GLY E 100 2.78 -30.91 5.60
C GLY E 100 4.29 -31.11 5.52
N ILE E 101 5.00 -30.10 6.01
CA ILE E 101 6.46 -30.11 6.09
C ILE E 101 6.87 -29.03 7.09
N THR E 102 7.64 -29.41 8.10
CA THR E 102 8.04 -28.49 9.17
C THR E 102 9.55 -28.38 9.22
N GLY E 103 10.05 -27.15 9.26
CA GLY E 103 11.48 -26.91 9.31
C GLY E 103 11.76 -25.60 10.00
N ALA E 104 13.05 -25.27 10.09
CA ALA E 104 13.44 -24.02 10.76
C ALA E 104 12.91 -22.80 10.04
N ARG E 105 13.02 -22.77 8.71
CA ARG E 105 12.59 -21.62 7.92
C ARG E 105 11.44 -21.93 6.99
N ASN E 106 10.86 -23.13 7.07
CA ASN E 106 9.81 -23.55 6.15
C ASN E 106 8.83 -24.42 6.93
N TYR E 107 7.57 -23.97 7.00
CA TYR E 107 6.56 -24.62 7.82
C TYR E 107 5.24 -24.68 7.06
N TYR E 108 5.32 -25.06 5.78
CA TYR E 108 4.17 -25.09 4.89
C TYR E 108 3.31 -26.33 5.13
N TYR E 109 2.13 -26.33 4.51
CA TYR E 109 1.16 -27.41 4.71
C TYR E 109 0.64 -28.00 3.41
N HIS E 110 1.17 -27.63 2.26
CA HIS E 110 0.68 -28.13 0.98
C HIS E 110 1.63 -29.13 0.34
N TYR E 111 2.36 -29.89 1.16
CA TYR E 111 3.27 -30.93 0.67
C TYR E 111 3.02 -32.19 1.50
N GLY E 112 2.20 -33.10 1.00
CA GLY E 112 1.94 -34.33 1.75
C GLY E 112 0.81 -35.14 1.14
N MET E 113 0.15 -35.90 2.02
CA MET E 113 -0.87 -36.88 1.63
C MET E 113 -0.31 -37.93 0.68
N ASP E 114 0.96 -38.29 0.88
CA ASP E 114 1.64 -39.21 -0.03
C ASP E 114 1.51 -40.65 0.46
N VAL E 115 1.99 -40.92 1.67
CA VAL E 115 1.99 -42.26 2.24
C VAL E 115 0.90 -42.38 3.29
N TRP E 116 0.18 -43.50 3.25
CA TRP E 116 -0.94 -43.74 4.15
C TRP E 116 -0.68 -45.00 4.96
N GLY E 117 -1.28 -45.05 6.15
CA GLY E 117 -1.21 -46.24 6.96
C GLY E 117 -2.15 -47.31 6.45
N GLN E 118 -2.02 -48.51 7.03
CA GLN E 118 -2.89 -49.61 6.61
C GLN E 118 -4.34 -49.34 6.95
N GLY E 119 -4.58 -48.56 8.00
CA GLY E 119 -5.95 -48.24 8.40
C GLY E 119 -6.50 -49.21 9.41
N THR E 120 -7.36 -48.70 10.28
CA THR E 120 -7.97 -49.53 11.31
C THR E 120 -9.47 -49.23 11.35
N THR E 121 -10.27 -50.21 11.73
CA THR E 121 -11.71 -50.02 11.78
C THR E 121 -12.18 -50.13 13.22
N VAL E 122 -13.01 -49.17 13.62
CA VAL E 122 -13.57 -49.15 14.96
C VAL E 122 -15.08 -49.15 14.86
N THR E 123 -15.71 -49.94 15.73
CA THR E 123 -17.16 -50.07 15.76
C THR E 123 -17.67 -49.90 17.18
N VAL E 124 -18.91 -49.43 17.27
CA VAL E 124 -19.60 -49.17 18.53
C VAL E 124 -20.79 -50.11 18.65
N SER E 125 -20.89 -50.80 19.79
CA SER E 125 -21.97 -51.73 20.02
C SER E 125 -22.40 -51.72 21.48
N MET F 42 -0.33 -27.26 23.14
CA MET F 42 -1.74 -26.90 23.29
C MET F 42 -2.02 -25.53 22.69
N LYS F 43 -1.81 -25.40 21.38
CA LYS F 43 -2.00 -24.14 20.69
C LYS F 43 -2.31 -24.43 19.23
N GLU F 44 -2.96 -23.46 18.57
CA GLU F 44 -3.23 -23.78 17.18
C GLU F 44 -2.10 -23.29 16.28
N PRO F 45 -1.83 -23.99 15.19
CA PRO F 45 -0.77 -23.57 14.26
C PRO F 45 -1.28 -22.63 13.19
N CYS F 46 -0.41 -21.70 12.81
CA CYS F 46 -0.64 -20.86 11.64
C CYS F 46 0.58 -20.94 10.74
N PHE F 47 0.34 -21.24 9.46
CA PHE F 47 1.40 -21.61 8.55
C PHE F 47 2.00 -20.36 7.91
N ARG F 48 3.32 -20.35 7.80
CA ARG F 48 4.04 -19.23 7.21
C ARG F 48 3.73 -19.10 5.73
N GLU F 49 3.47 -17.88 5.28
CA GLU F 49 3.18 -17.61 3.89
C GLU F 49 4.43 -17.11 3.19
N GLU F 50 4.57 -17.45 1.92
CA GLU F 50 5.77 -17.14 1.16
C GLU F 50 5.91 -15.64 0.93
N ASN F 51 7.15 -15.21 0.71
CA ASN F 51 7.47 -13.80 0.57
C ASN F 51 6.79 -13.20 -0.65
N ALA F 52 6.62 -11.88 -0.61
CA ALA F 52 5.98 -11.15 -1.69
C ALA F 52 6.84 -11.21 -2.96
N ASN F 53 6.20 -10.92 -4.09
CA ASN F 53 6.90 -10.96 -5.38
C ASN F 53 8.03 -9.94 -5.43
N PHE F 54 7.79 -8.75 -4.88
CA PHE F 54 8.86 -7.75 -4.84
C PHE F 54 10.05 -8.25 -4.04
N ASN F 55 9.79 -9.00 -2.96
CA ASN F 55 10.90 -9.57 -2.21
C ASN F 55 11.62 -10.63 -3.03
N LYS F 56 10.85 -11.45 -3.77
CA LYS F 56 11.45 -12.48 -4.61
C LYS F 56 12.32 -11.88 -5.70
N ILE F 57 12.05 -10.64 -6.12
CA ILE F 57 12.92 -9.98 -7.08
C ILE F 57 14.02 -9.18 -6.41
N PHE F 58 13.77 -8.64 -5.21
CA PHE F 58 14.72 -7.75 -4.56
C PHE F 58 15.87 -8.52 -3.92
N LEU F 59 15.61 -9.70 -3.39
CA LEU F 59 16.70 -10.49 -2.80
C LEU F 59 17.75 -10.86 -3.82
N PRO F 60 17.41 -11.40 -5.01
CA PRO F 60 18.46 -11.76 -5.97
C PRO F 60 19.33 -10.59 -6.41
N THR F 61 18.75 -9.40 -6.59
CA THR F 61 19.58 -8.28 -7.06
C THR F 61 20.51 -7.81 -5.97
N ILE F 62 20.05 -7.79 -4.71
CA ILE F 62 20.93 -7.45 -3.60
C ILE F 62 22.05 -8.47 -3.48
N TYR F 63 21.72 -9.76 -3.59
CA TYR F 63 22.74 -10.81 -3.51
C TYR F 63 23.75 -10.68 -4.64
N SER F 64 23.28 -10.39 -5.86
CA SER F 64 24.17 -10.26 -7.00
C SER F 64 25.10 -9.05 -6.83
N ILE F 65 24.56 -7.92 -6.37
CA ILE F 65 25.39 -6.75 -6.15
C ILE F 65 26.43 -7.02 -5.08
N ILE F 66 26.02 -7.67 -3.99
CA ILE F 66 26.97 -7.98 -2.92
C ILE F 66 28.06 -8.92 -3.43
N PHE F 67 27.68 -9.93 -4.20
CA PHE F 67 28.66 -10.86 -4.75
C PHE F 67 29.64 -10.15 -5.67
N LEU F 68 29.14 -9.33 -6.59
CA LEU F 68 30.00 -8.66 -7.54
C LEU F 68 30.97 -7.70 -6.86
N THR F 69 30.49 -6.95 -5.87
CA THR F 69 31.39 -6.05 -5.15
C THR F 69 32.40 -6.82 -4.31
N GLY F 70 31.91 -7.80 -3.54
CA GLY F 70 32.76 -8.49 -2.59
C GLY F 70 33.83 -9.34 -3.25
N ILE F 71 33.50 -10.03 -4.32
CA ILE F 71 34.50 -10.89 -4.97
C ILE F 71 35.68 -10.06 -5.43
N VAL F 72 35.43 -8.93 -6.09
CA VAL F 72 36.51 -8.11 -6.61
C VAL F 72 37.28 -7.47 -5.45
N GLY F 73 36.55 -6.89 -4.48
CA GLY F 73 37.24 -6.23 -3.38
C GLY F 73 38.11 -7.16 -2.58
N ASN F 74 37.56 -8.32 -2.20
CA ASN F 74 38.29 -9.28 -1.40
C ASN F 74 39.44 -9.91 -2.17
N GLY F 75 39.23 -10.21 -3.46
CA GLY F 75 40.32 -10.72 -4.27
C GLY F 75 41.48 -9.75 -4.33
N LEU F 76 41.17 -8.46 -4.53
CA LEU F 76 42.24 -7.48 -4.64
C LEU F 76 42.98 -7.30 -3.32
N VAL F 77 42.24 -7.08 -2.23
CA VAL F 77 42.91 -6.85 -0.94
C VAL F 77 43.73 -8.07 -0.55
N ILE F 78 43.15 -9.26 -0.66
CA ILE F 78 43.87 -10.47 -0.28
C ILE F 78 45.12 -10.64 -1.14
N LEU F 79 44.98 -10.43 -2.46
CA LEU F 79 46.13 -10.62 -3.34
C LEU F 79 47.27 -9.67 -2.97
N VAL F 80 46.97 -8.39 -2.80
CA VAL F 80 48.02 -7.43 -2.50
C VAL F 80 48.64 -7.71 -1.14
N MET F 81 47.81 -7.94 -0.11
CA MET F 81 48.34 -8.14 1.23
C MET F 81 49.14 -9.44 1.33
N GLY F 82 48.70 -10.49 0.66
CA GLY F 82 49.27 -11.82 0.77
C GLY F 82 50.14 -12.28 -0.39
N TYR F 83 50.59 -11.39 -1.29
CA TYR F 83 51.41 -11.94 -2.36
C TYR F 83 52.54 -11.04 -2.84
N GLN F 84 52.48 -9.73 -2.62
CA GLN F 84 53.57 -8.90 -3.14
C GLN F 84 54.00 -7.76 -2.21
N LYS F 85 53.22 -6.69 -2.17
CA LYS F 85 53.58 -5.52 -1.36
C LYS F 85 53.63 -5.86 0.12
N LYS F 86 52.73 -6.75 0.57
CA LYS F 86 52.63 -7.21 1.94
C LYS F 86 52.05 -6.11 2.82
N LEU F 87 52.10 -6.30 4.14
CA LEU F 87 51.50 -5.39 5.09
C LEU F 87 52.47 -4.71 6.06
N ARG F 88 52.45 -3.39 6.08
CA ARG F 88 53.30 -2.65 7.01
C ARG F 88 52.89 -2.84 8.48
N SER F 89 51.59 -2.81 8.78
CA SER F 89 51.11 -2.86 10.15
C SER F 89 50.28 -4.09 10.53
N MET F 90 50.44 -4.49 11.79
CA MET F 90 49.75 -5.62 12.43
C MET F 90 48.22 -5.59 12.21
N THR F 91 47.66 -4.39 12.08
CA THR F 91 46.22 -4.28 11.86
C THR F 91 45.88 -4.76 10.47
N ASP F 92 46.77 -4.51 9.51
CA ASP F 92 46.54 -5.01 8.17
C ASP F 92 46.52 -6.54 8.23
N LYS F 93 47.35 -7.13 9.09
CA LYS F 93 47.35 -8.59 9.23
C LYS F 93 46.01 -9.07 9.72
N TYR F 94 45.42 -8.36 10.69
CA TYR F 94 44.10 -8.79 11.15
C TYR F 94 43.10 -8.68 9.99
N ARG F 95 43.21 -7.58 9.25
CA ARG F 95 42.27 -7.33 8.16
C ARG F 95 42.35 -8.42 7.11
N LEU F 96 43.52 -9.08 6.97
CA LEU F 96 43.64 -10.13 5.99
C LEU F 96 42.76 -11.32 6.35
N HIS F 97 42.73 -11.66 7.65
CA HIS F 97 41.84 -12.73 8.11
C HIS F 97 40.40 -12.34 7.89
N LEU F 98 40.07 -11.07 8.16
CA LEU F 98 38.72 -10.59 7.90
C LEU F 98 38.37 -10.72 6.42
N SER F 99 39.31 -10.37 5.53
CA SER F 99 39.08 -10.49 4.10
C SER F 99 38.89 -11.94 3.67
N VAL F 100 39.68 -12.86 4.22
CA VAL F 100 39.53 -14.27 3.87
C VAL F 100 38.16 -14.77 4.30
N ALA F 101 37.72 -14.41 5.50
CA ALA F 101 36.39 -14.82 5.95
C ALA F 101 35.30 -14.25 5.05
N ASP F 102 35.44 -12.97 4.66
CA ASP F 102 34.45 -12.36 3.78
C ASP F 102 34.43 -13.06 2.41
N LEU F 103 35.59 -13.43 1.89
CA LEU F 103 35.64 -14.16 0.62
C LEU F 103 34.96 -15.51 0.75
N LEU F 104 35.21 -16.22 1.84
CA LEU F 104 34.57 -17.51 2.05
C LEU F 104 33.05 -17.37 2.10
N PHE F 105 32.57 -16.32 2.74
CA PHE F 105 31.12 -16.08 2.75
C PHE F 105 30.62 -15.79 1.34
N VAL F 106 31.28 -14.87 0.64
CA VAL F 106 30.81 -14.39 -0.66
C VAL F 106 30.75 -15.52 -1.67
N ILE F 107 31.61 -16.54 -1.53
CA ILE F 107 31.64 -17.64 -2.48
C ILE F 107 30.27 -18.32 -2.60
N THR F 108 29.51 -18.37 -1.51
CA THR F 108 28.27 -19.15 -1.47
C THR F 108 27.02 -18.37 -1.87
N LEU F 109 27.14 -17.09 -2.25
CA LEU F 109 25.96 -16.29 -2.55
C LEU F 109 25.14 -16.78 -3.75
N PRO F 110 25.73 -17.22 -4.88
CA PRO F 110 24.88 -17.67 -6.00
C PRO F 110 23.90 -18.77 -5.62
N PHE F 111 24.30 -19.69 -4.73
CA PHE F 111 23.36 -20.70 -4.25
C PHE F 111 22.19 -20.06 -3.52
N TRP F 112 22.48 -19.04 -2.70
CA TRP F 112 21.41 -18.32 -2.01
C TRP F 112 20.45 -17.69 -3.00
N ALA F 113 20.98 -17.04 -4.04
CA ALA F 113 20.11 -16.39 -5.02
C ALA F 113 19.26 -17.41 -5.77
N VAL F 114 19.88 -18.52 -6.20
CA VAL F 114 19.12 -19.53 -6.94
C VAL F 114 18.04 -20.15 -6.06
N ASP F 115 18.37 -20.44 -4.80
CA ASP F 115 17.37 -20.98 -3.88
C ASP F 115 16.25 -19.98 -3.66
N ALA F 116 16.58 -18.69 -3.57
CA ALA F 116 15.56 -17.67 -3.38
C ALA F 116 14.62 -17.62 -4.58
N VAL F 117 15.15 -17.77 -5.79
CA VAL F 117 14.31 -17.70 -6.99
C VAL F 117 13.70 -19.05 -7.31
N ALA F 118 14.55 -20.03 -7.63
CA ALA F 118 14.11 -21.33 -8.11
C ALA F 118 14.22 -22.37 -7.01
N ASN F 119 13.98 -23.63 -7.38
CA ASN F 119 14.07 -24.73 -6.43
C ASN F 119 15.53 -25.13 -6.20
N TRP F 120 15.74 -25.93 -5.16
CA TRP F 120 17.06 -26.46 -4.86
C TRP F 120 17.37 -27.66 -5.74
N TYR F 121 18.54 -27.63 -6.41
CA TYR F 121 18.95 -28.70 -7.29
C TYR F 121 20.33 -29.25 -6.98
N PHE F 122 21.12 -28.58 -6.13
CA PHE F 122 22.55 -28.86 -6.05
C PHE F 122 22.86 -30.15 -5.32
N GLY F 123 22.18 -30.42 -4.21
CA GLY F 123 22.32 -31.68 -3.51
C GLY F 123 22.57 -31.48 -2.02
N ASN F 124 22.49 -32.60 -1.30
CA ASN F 124 22.58 -32.59 0.16
C ASN F 124 23.96 -32.13 0.63
N PHE F 125 25.03 -32.62 0.00
CA PHE F 125 26.37 -32.23 0.41
C PHE F 125 26.62 -30.75 0.21
N LEU F 126 26.14 -30.19 -0.89
CA LEU F 126 26.32 -28.76 -1.12
C LEU F 126 25.48 -27.95 -0.14
N CYS F 127 24.30 -28.43 0.22
CA CYS F 127 23.50 -27.77 1.26
C CYS F 127 24.27 -27.72 2.58
N LYS F 128 24.84 -28.86 3.00
CA LYS F 128 25.62 -28.88 4.24
C LYS F 128 26.81 -27.96 4.17
N ALA F 129 27.53 -27.97 3.03
CA ALA F 129 28.71 -27.13 2.90
C ALA F 129 28.35 -25.65 2.94
N VAL F 130 27.26 -25.27 2.27
CA VAL F 130 26.82 -23.88 2.29
C VAL F 130 26.51 -23.43 3.71
N HIS F 131 25.75 -24.26 4.44
CA HIS F 131 25.39 -23.89 5.80
C HIS F 131 26.63 -23.79 6.70
N VAL F 132 27.57 -24.72 6.55
CA VAL F 132 28.77 -24.71 7.36
C VAL F 132 29.59 -23.46 7.09
N ILE F 133 29.77 -23.10 5.82
CA ILE F 133 30.55 -21.92 5.49
C ILE F 133 29.86 -20.66 6.00
N TYR F 134 28.53 -20.60 5.87
CA TYR F 134 27.78 -19.45 6.35
C TYR F 134 27.95 -19.28 7.86
N THR F 135 27.91 -20.39 8.60
CA THR F 135 28.07 -20.30 10.04
C THR F 135 29.49 -19.93 10.42
N VAL F 136 30.49 -20.41 9.66
CA VAL F 136 31.88 -20.14 10.00
C VAL F 136 32.22 -18.66 9.81
N SER F 137 31.82 -18.09 8.67
CA SER F 137 32.32 -16.76 8.28
C SER F 137 31.88 -15.69 9.27
N LEU F 138 30.63 -15.73 9.71
CA LEU F 138 30.10 -14.70 10.60
C LEU F 138 30.88 -14.64 11.91
N TYR F 139 31.02 -15.79 12.57
CA TYR F 139 31.74 -15.84 13.83
C TYR F 139 33.21 -15.47 13.64
N SER F 140 33.80 -15.92 12.53
CA SER F 140 35.19 -15.56 12.27
C SER F 140 35.36 -14.05 12.18
N SER F 141 34.47 -13.39 11.44
CA SER F 141 34.56 -11.94 11.29
C SER F 141 34.40 -11.23 12.64
N VAL F 142 33.41 -11.67 13.43
CA VAL F 142 33.15 -11.00 14.71
C VAL F 142 34.35 -11.13 15.64
N LEU F 143 34.92 -12.33 15.72
CA LEU F 143 36.05 -12.52 16.62
C LEU F 143 37.31 -11.82 16.11
N ILE F 144 37.49 -11.70 14.80
CA ILE F 144 38.60 -10.90 14.29
C ILE F 144 38.43 -9.44 14.70
N LEU F 145 37.21 -8.93 14.63
CA LEU F 145 36.98 -7.55 15.09
C LEU F 145 37.33 -7.41 16.57
N ALA F 146 36.91 -8.40 17.38
CA ALA F 146 37.23 -8.33 18.81
C ALA F 146 38.74 -8.32 19.02
N PHE F 147 39.46 -9.14 18.26
CA PHE F 147 40.91 -9.20 18.38
C PHE F 147 41.53 -7.86 18.00
N ILE F 148 40.98 -7.21 16.97
CA ILE F 148 41.52 -5.91 16.56
C ILE F 148 41.34 -4.91 17.69
N SER F 149 40.18 -4.94 18.35
CA SER F 149 39.94 -4.01 19.46
C SER F 149 40.92 -4.29 20.60
N LEU F 150 41.14 -5.57 20.91
CA LEU F 150 42.07 -5.93 21.97
C LEU F 150 43.49 -5.48 21.64
N ASP F 151 43.89 -5.62 20.37
CA ASP F 151 45.21 -5.17 19.97
C ASP F 151 45.32 -3.66 20.11
N ARG F 152 44.26 -2.93 19.76
CA ARG F 152 44.28 -1.48 19.93
C ARG F 152 44.49 -1.13 21.39
N TYR F 153 43.72 -1.77 22.27
CA TYR F 153 43.85 -1.56 23.71
C TYR F 153 45.29 -1.75 24.17
N LEU F 154 45.91 -2.86 23.75
CA LEU F 154 47.31 -3.10 24.13
C LEU F 154 48.24 -2.06 23.52
N ALA F 155 47.96 -1.60 22.31
CA ALA F 155 48.85 -0.67 21.63
C ALA F 155 48.78 0.71 22.27
N ILE F 156 47.63 1.05 22.85
CA ILE F 156 47.41 2.37 23.41
C ILE F 156 47.92 2.45 24.84
N VAL F 157 47.42 1.58 25.73
CA VAL F 157 47.72 1.81 27.13
C VAL F 157 49.09 1.24 27.52
N HIS F 158 49.43 0.05 27.06
CA HIS F 158 50.67 -0.63 27.40
C HIS F 158 51.67 -0.60 26.25
N ALA F 159 51.77 0.53 25.56
CA ALA F 159 52.60 0.61 24.36
C ALA F 159 54.06 0.31 24.66
N THR F 160 54.59 0.90 25.73
CA THR F 160 56.01 0.73 26.04
C THR F 160 56.30 -0.70 26.49
N ASN F 161 55.49 -1.21 27.43
CA ASN F 161 55.78 -2.49 28.07
C ASN F 161 55.48 -3.65 27.14
N SER F 162 54.42 -3.55 26.33
CA SER F 162 53.81 -4.73 25.74
C SER F 162 53.94 -4.87 24.22
N GLN F 163 55.16 -4.82 23.69
CA GLN F 163 55.29 -5.07 22.26
C GLN F 163 55.38 -6.57 21.98
N ARG F 164 56.13 -7.28 22.82
CA ARG F 164 56.26 -8.73 22.65
C ARG F 164 54.92 -9.43 22.81
N PRO F 165 54.07 -9.07 23.79
CA PRO F 165 52.75 -9.73 23.87
C PRO F 165 51.92 -9.46 22.63
N ARG F 166 51.96 -8.23 22.12
CA ARG F 166 51.19 -7.92 20.92
C ARG F 166 51.64 -8.78 19.75
N LYS F 167 52.95 -8.90 19.55
CA LYS F 167 53.44 -9.71 18.44
C LYS F 167 53.02 -11.17 18.62
N LEU F 168 53.16 -11.69 19.84
CA LEU F 168 52.81 -13.09 20.08
C LEU F 168 51.32 -13.33 19.84
N LEU F 169 50.47 -12.42 20.32
CA LEU F 169 49.03 -12.57 20.15
C LEU F 169 48.64 -12.51 18.69
N ALA F 170 49.28 -11.61 17.93
CA ALA F 170 48.93 -11.45 16.52
C ALA F 170 49.54 -12.52 15.63
N GLU F 171 50.52 -13.27 16.12
CA GLU F 171 51.17 -14.27 15.29
C GLU F 171 50.67 -15.69 15.55
N LYS F 172 50.50 -16.07 16.81
CA LYS F 172 50.23 -17.45 17.16
C LYS F 172 48.85 -17.65 17.76
N VAL F 173 48.46 -16.80 18.72
CA VAL F 173 47.27 -17.06 19.51
C VAL F 173 46.00 -16.89 18.67
N VAL F 174 46.06 -16.07 17.62
CA VAL F 174 44.87 -15.69 16.89
C VAL F 174 44.18 -16.90 16.28
N TYR F 175 44.96 -17.89 15.80
CA TYR F 175 44.36 -19.07 15.20
C TYR F 175 43.48 -19.80 16.20
N VAL F 176 44.02 -20.11 17.38
CA VAL F 176 43.23 -20.77 18.42
C VAL F 176 42.07 -19.88 18.84
N GLY F 177 42.29 -18.57 18.85
CA GLY F 177 41.27 -17.65 19.32
C GLY F 177 40.03 -17.62 18.44
N VAL F 178 40.22 -17.57 17.12
CA VAL F 178 39.12 -17.33 16.19
C VAL F 178 38.74 -18.59 15.40
N TRP F 179 39.73 -19.28 14.81
CA TRP F 179 39.39 -20.32 13.85
C TRP F 179 38.91 -21.60 14.53
N ILE F 180 39.44 -21.91 15.71
CA ILE F 180 39.04 -23.12 16.44
C ILE F 180 37.60 -23.01 16.93
N PRO F 181 37.22 -21.99 17.71
CA PRO F 181 35.81 -21.93 18.16
C PRO F 181 34.82 -21.79 17.02
N ALA F 182 35.18 -21.07 15.96
CA ALA F 182 34.28 -20.95 14.82
C ALA F 182 34.01 -22.29 14.18
N LEU F 183 35.07 -23.10 14.02
CA LEU F 183 34.90 -24.46 13.51
C LEU F 183 34.09 -25.31 14.48
N LEU F 184 34.32 -25.13 15.78
CA LEU F 184 33.68 -25.96 16.79
C LEU F 184 32.18 -25.68 16.86
N LEU F 185 31.77 -24.44 16.63
CA LEU F 185 30.37 -24.08 16.77
C LEU F 185 29.50 -24.57 15.62
N THR F 186 30.09 -25.21 14.62
CA THR F 186 29.36 -25.66 13.43
C THR F 186 28.79 -27.07 13.54
N ILE F 187 29.04 -27.79 14.63
CA ILE F 187 28.55 -29.17 14.74
C ILE F 187 27.02 -29.21 14.68
N PRO F 188 26.27 -28.28 15.27
CA PRO F 188 24.81 -28.36 15.14
C PRO F 188 24.38 -28.24 13.70
N ASP F 189 25.00 -27.35 12.94
CA ASP F 189 24.65 -27.25 11.53
C ASP F 189 25.09 -28.50 10.79
N PHE F 190 26.27 -29.03 11.15
CA PHE F 190 26.79 -30.24 10.52
C PHE F 190 25.83 -31.42 10.66
N ILE F 191 25.11 -31.51 11.77
CA ILE F 191 24.14 -32.60 11.94
C ILE F 191 22.76 -32.25 11.39
N PHE F 192 22.24 -31.07 11.72
CA PHE F 192 20.82 -30.78 11.51
C PHE F 192 20.50 -30.01 10.23
N ALA F 193 21.44 -29.88 9.30
CA ALA F 193 21.18 -29.22 8.03
C ALA F 193 21.12 -30.27 6.93
N ASN F 194 19.97 -30.36 6.26
CA ASN F 194 19.85 -31.35 5.18
C ASN F 194 18.70 -30.96 4.27
N VAL F 195 18.64 -31.62 3.10
CA VAL F 195 17.63 -31.35 2.09
C VAL F 195 16.51 -32.38 2.21
N SER F 196 15.28 -31.90 2.17
CA SER F 196 14.08 -32.72 2.26
C SER F 196 13.31 -32.71 0.95
N GLU F 197 12.71 -33.85 0.63
CA GLU F 197 11.95 -34.03 -0.61
C GLU F 197 10.48 -33.79 -0.30
N ALA F 198 9.96 -32.64 -0.71
CA ALA F 198 8.54 -32.33 -0.57
C ALA F 198 7.94 -32.39 -1.97
N ASP F 199 7.21 -33.47 -2.27
CA ASP F 199 6.68 -33.70 -3.60
C ASP F 199 7.80 -33.68 -4.65
N ASP F 200 7.78 -32.69 -5.55
CA ASP F 200 8.81 -32.54 -6.55
C ASP F 200 9.79 -31.40 -6.25
N ARG F 201 9.70 -30.81 -5.06
CA ARG F 201 10.51 -29.68 -4.67
C ARG F 201 11.48 -30.08 -3.58
N TYR F 202 12.76 -29.76 -3.77
CA TYR F 202 13.79 -30.06 -2.79
C TYR F 202 14.03 -28.82 -1.94
N ILE F 203 14.12 -29.01 -0.63
CA ILE F 203 14.23 -27.91 0.34
C ILE F 203 15.52 -28.10 1.13
N CYS F 204 16.41 -27.12 1.07
CA CYS F 204 17.64 -27.12 1.86
C CYS F 204 17.44 -26.23 3.07
N ASP F 205 17.34 -26.84 4.23
CA ASP F 205 17.02 -26.11 5.46
C ASP F 205 17.57 -26.90 6.64
N ARG F 206 17.27 -26.42 7.84
CA ARG F 206 17.68 -27.00 9.11
C ARG F 206 16.49 -27.69 9.76
N PHE F 207 16.58 -29.00 9.91
CA PHE F 207 15.49 -29.82 10.44
C PHE F 207 15.87 -30.28 11.85
N TYR F 208 15.44 -29.51 12.85
CA TYR F 208 15.79 -29.79 14.23
C TYR F 208 14.86 -30.83 14.84
N PRO F 209 15.32 -31.55 15.87
CA PRO F 209 14.46 -32.56 16.50
C PRO F 209 13.16 -32.00 17.06
N ASN F 210 13.19 -30.82 17.66
CA ASN F 210 11.97 -30.18 18.14
C ASN F 210 12.20 -28.67 18.19
N ASP F 211 11.26 -27.96 18.81
CA ASP F 211 11.22 -26.50 18.68
C ASP F 211 12.33 -25.82 19.46
N LEU F 212 12.58 -26.27 20.69
CA LEU F 212 13.47 -25.52 21.59
C LEU F 212 14.91 -25.45 21.09
N TRP F 213 15.33 -26.36 20.20
CA TRP F 213 16.69 -26.31 19.69
C TRP F 213 16.97 -25.00 18.96
N VAL F 214 16.01 -24.54 18.15
CA VAL F 214 16.24 -23.29 17.43
C VAL F 214 16.31 -22.11 18.40
N VAL F 215 15.54 -22.15 19.49
CA VAL F 215 15.61 -21.08 20.48
C VAL F 215 16.99 -21.06 21.12
N VAL F 216 17.49 -22.24 21.50
CA VAL F 216 18.81 -22.31 22.11
C VAL F 216 19.90 -21.82 21.16
N PHE F 217 19.80 -22.22 19.88
CA PHE F 217 20.84 -21.84 18.94
C PHE F 217 20.76 -20.36 18.58
N GLN F 218 19.55 -19.78 18.52
CA GLN F 218 19.43 -18.34 18.35
C GLN F 218 20.01 -17.60 19.55
N PHE F 219 19.78 -18.11 20.76
CA PHE F 219 20.37 -17.48 21.93
C PHE F 219 21.89 -17.53 21.89
N GLN F 220 22.47 -18.66 21.50
CA GLN F 220 23.94 -18.68 21.44
C GLN F 220 24.45 -17.78 20.31
N HIS F 221 23.70 -17.70 19.21
CA HIS F 221 24.03 -16.78 18.13
C HIS F 221 24.14 -15.35 18.68
N ILE F 222 23.11 -14.92 19.40
CA ILE F 222 23.13 -13.57 19.97
C ILE F 222 24.28 -13.42 20.95
N MET F 223 24.42 -14.36 21.89
CA MET F 223 25.41 -14.22 22.95
C MET F 223 26.85 -14.22 22.42
N VAL F 224 27.09 -14.88 21.28
CA VAL F 224 28.45 -14.95 20.76
C VAL F 224 28.72 -13.92 19.66
N GLY F 225 27.68 -13.41 19.00
CA GLY F 225 27.89 -12.41 17.97
C GLY F 225 27.81 -10.99 18.47
N LEU F 226 26.76 -10.70 19.23
CA LEU F 226 26.45 -9.32 19.64
C LEU F 226 27.00 -8.98 21.03
N ILE F 227 26.65 -9.77 22.04
CA ILE F 227 26.82 -9.31 23.42
C ILE F 227 28.28 -9.35 23.85
N LEU F 228 28.89 -10.54 23.89
CA LEU F 228 30.23 -10.64 24.46
C LEU F 228 31.29 -9.86 23.69
N PRO F 229 31.42 -9.99 22.36
CA PRO F 229 32.34 -9.10 21.64
C PRO F 229 31.99 -7.64 21.76
N GLY F 230 30.70 -7.30 21.81
CA GLY F 230 30.33 -5.91 22.03
C GLY F 230 30.82 -5.39 23.36
N ILE F 231 30.69 -6.19 24.42
CA ILE F 231 31.17 -5.80 25.74
C ILE F 231 32.67 -5.58 25.70
N VAL F 232 33.40 -6.50 25.06
CA VAL F 232 34.86 -6.37 25.00
C VAL F 232 35.25 -5.10 24.25
N ILE F 233 34.62 -4.85 23.10
CA ILE F 233 34.97 -3.70 22.29
C ILE F 233 34.65 -2.40 23.02
N LEU F 234 33.46 -2.31 23.61
CA LEU F 234 33.08 -1.09 24.34
C LEU F 234 34.00 -0.85 25.52
N SER F 235 34.33 -1.89 26.29
CA SER F 235 35.22 -1.70 27.43
C SER F 235 36.59 -1.22 26.97
N CYS F 236 37.11 -1.84 25.91
CA CYS F 236 38.44 -1.45 25.42
C CYS F 236 38.44 -0.02 24.96
N TYR F 237 37.43 0.39 24.18
CA TYR F 237 37.43 1.75 23.67
C TYR F 237 37.19 2.75 24.80
N CYS F 238 36.47 2.36 25.84
CA CYS F 238 36.30 3.27 26.96
C CYS F 238 37.64 3.52 27.62
N ILE F 239 38.42 2.46 27.86
CA ILE F 239 39.73 2.66 28.48
C ILE F 239 40.65 3.51 27.60
N ILE F 240 40.66 3.27 26.27
CA ILE F 240 41.50 4.10 25.40
C ILE F 240 41.05 5.56 25.46
N ILE F 241 39.73 5.80 25.42
CA ILE F 241 39.25 7.17 25.47
C ILE F 241 39.66 7.84 26.77
N SER F 242 39.55 7.12 27.89
CA SER F 242 39.94 7.70 29.17
C SER F 242 41.42 8.05 29.18
N LYS F 243 42.26 7.12 28.68
CA LYS F 243 43.70 7.39 28.65
C LYS F 243 44.02 8.59 27.77
N LEU F 244 43.38 8.67 26.60
CA LEU F 244 43.64 9.78 25.68
C LEU F 244 43.24 11.11 26.31
N SER F 245 42.11 11.14 27.00
CA SER F 245 41.66 12.38 27.63
C SER F 245 42.65 12.82 28.71
N HIS F 246 43.17 11.88 29.48
CA HIS F 246 44.12 12.18 30.53
C HIS F 246 45.56 12.02 30.04
N ARG F 253 44.15 10.21 16.79
CA ARG F 253 44.95 9.10 16.26
C ARG F 253 44.28 8.53 15.00
N LYS F 254 45.01 8.57 13.88
CA LYS F 254 44.45 8.10 12.62
C LYS F 254 44.10 6.63 12.68
N ALA F 255 44.94 5.82 13.32
CA ALA F 255 44.67 4.39 13.45
C ALA F 255 43.39 4.15 14.24
N LEU F 256 43.21 4.89 15.33
CA LEU F 256 42.00 4.70 16.12
C LEU F 256 40.76 5.01 15.29
N LYS F 257 40.80 6.12 14.54
CA LYS F 257 39.64 6.50 13.72
C LYS F 257 39.33 5.43 12.67
N THR F 258 40.37 4.95 11.98
CA THR F 258 40.14 3.94 10.94
C THR F 258 39.58 2.65 11.52
N THR F 259 40.06 2.22 12.70
CA THR F 259 39.49 0.96 13.18
C THR F 259 38.20 1.18 13.96
N VAL F 260 37.81 2.43 14.22
CA VAL F 260 36.55 2.69 14.92
C VAL F 260 35.42 2.71 13.91
N ILE F 261 35.68 3.27 12.73
CA ILE F 261 34.64 3.35 11.71
C ILE F 261 34.26 1.96 11.22
N LEU F 262 35.24 1.06 11.11
CA LEU F 262 34.95 -0.30 10.66
C LEU F 262 34.00 -0.99 11.62
N ILE F 263 34.21 -0.80 12.92
CA ILE F 263 33.44 -1.53 13.92
C ILE F 263 32.04 -0.95 14.02
N LEU F 264 31.92 0.38 14.06
CA LEU F 264 30.58 0.97 14.12
C LEU F 264 29.79 0.62 12.87
N ALA F 265 30.40 0.69 11.69
CA ALA F 265 29.70 0.32 10.47
C ALA F 265 29.33 -1.16 10.44
N PHE F 266 30.11 -2.02 11.10
CA PHE F 266 29.77 -3.44 11.16
C PHE F 266 28.55 -3.67 12.06
N PHE F 267 28.54 -3.05 13.24
CA PHE F 267 27.45 -3.31 14.14
C PHE F 267 26.21 -2.51 13.78
N ALA F 268 26.33 -1.47 12.95
CA ALA F 268 25.13 -0.77 12.50
C ALA F 268 24.41 -1.61 11.46
N CYS F 269 25.16 -2.38 10.69
CA CYS F 269 24.53 -3.27 9.71
C CYS F 269 23.91 -4.47 10.41
N TRP F 270 24.61 -5.03 11.40
CA TRP F 270 24.07 -6.21 12.06
C TRP F 270 22.98 -5.92 13.10
N LEU F 271 22.87 -4.68 13.58
CA LEU F 271 21.94 -4.40 14.69
C LEU F 271 20.47 -4.69 14.38
N PRO F 272 19.88 -4.22 13.27
CA PRO F 272 18.45 -4.50 13.03
C PRO F 272 18.09 -5.97 12.91
N TYR F 273 19.07 -6.85 12.63
CA TYR F 273 18.78 -8.27 12.53
C TYR F 273 18.55 -8.89 13.91
N TYR F 274 19.34 -8.49 14.89
CA TYR F 274 19.29 -9.13 16.19
C TYR F 274 18.03 -8.79 16.99
N ILE F 275 17.45 -7.62 16.80
CA ILE F 275 16.11 -7.40 17.37
C ILE F 275 15.08 -8.30 16.69
N GLY F 276 15.22 -8.55 15.39
CA GLY F 276 14.34 -9.48 14.71
C GLY F 276 14.44 -10.89 15.27
N ILE F 277 15.67 -11.33 15.56
CA ILE F 277 15.86 -12.65 16.14
C ILE F 277 15.33 -12.68 17.57
N SER F 278 15.70 -11.69 18.38
CA SER F 278 15.25 -11.65 19.77
C SER F 278 13.73 -11.74 19.86
N ILE F 279 13.03 -10.92 19.07
CA ILE F 279 11.57 -10.96 19.06
C ILE F 279 11.05 -12.30 18.57
N ASP F 280 11.69 -12.89 17.54
CA ASP F 280 11.23 -14.19 17.09
C ASP F 280 11.36 -15.25 18.18
N SER F 281 12.47 -15.23 18.91
CA SER F 281 12.66 -16.18 20.01
C SER F 281 11.63 -15.98 21.11
N PHE F 282 11.36 -14.71 21.48
CA PHE F 282 10.36 -14.48 22.51
C PHE F 282 8.98 -14.94 22.07
N ILE F 283 8.64 -14.72 20.80
CA ILE F 283 7.35 -15.17 20.26
C ILE F 283 7.27 -16.68 20.31
N LEU F 284 8.38 -17.36 20.00
CA LEU F 284 8.43 -18.82 20.05
C LEU F 284 8.16 -19.37 21.45
N LEU F 285 8.70 -18.74 22.49
CA LEU F 285 8.52 -19.24 23.84
C LEU F 285 7.20 -18.79 24.50
N GLU F 286 6.18 -18.43 23.74
CA GLU F 286 4.91 -17.94 24.29
C GLU F 286 5.14 -16.87 25.34
N ILE F 287 5.89 -15.83 24.97
CA ILE F 287 6.03 -14.65 25.82
C ILE F 287 5.45 -13.45 25.09
N ILE F 288 5.49 -13.47 23.77
CA ILE F 288 4.94 -12.40 22.95
C ILE F 288 3.87 -13.02 22.05
N LYS F 289 2.63 -13.05 22.52
CA LYS F 289 1.53 -13.64 21.75
C LYS F 289 0.74 -12.50 21.11
N GLN F 290 1.31 -11.95 20.05
CA GLN F 290 0.68 -10.86 19.31
C GLN F 290 -0.15 -11.32 18.12
N GLY F 291 -0.27 -12.62 17.89
CA GLY F 291 -1.06 -13.13 16.77
C GLY F 291 -0.20 -13.92 15.81
N CYS F 292 -0.61 -13.90 14.55
CA CYS F 292 0.18 -14.54 13.49
C CYS F 292 0.54 -13.60 12.34
N GLU F 293 -0.27 -12.59 12.06
CA GLU F 293 0.15 -11.57 11.11
C GLU F 293 1.42 -10.88 11.58
N PHE F 294 1.54 -10.68 12.89
CA PHE F 294 2.79 -10.18 13.46
C PHE F 294 3.93 -11.15 13.21
N GLU F 295 3.66 -12.45 13.31
CA GLU F 295 4.69 -13.45 13.04
C GLU F 295 5.17 -13.40 11.60
N ASN F 296 4.25 -13.31 10.65
CA ASN F 296 4.65 -13.21 9.25
C ASN F 296 5.39 -11.92 8.96
N THR F 297 4.95 -10.82 9.58
CA THR F 297 5.63 -9.54 9.40
C THR F 297 7.06 -9.61 9.93
N VAL F 298 7.25 -10.21 11.12
CA VAL F 298 8.60 -10.29 11.67
C VAL F 298 9.46 -11.25 10.87
N HIS F 299 8.86 -12.30 10.29
CA HIS F 299 9.62 -13.18 9.41
C HIS F 299 10.12 -12.43 8.17
N LYS F 300 9.25 -11.64 7.55
CA LYS F 300 9.67 -10.84 6.40
C LYS F 300 10.74 -9.83 6.81
N TRP F 301 10.58 -9.23 7.99
CA TRP F 301 11.58 -8.31 8.51
C TRP F 301 12.93 -8.99 8.67
N ILE F 302 12.94 -10.20 9.23
CA ILE F 302 14.19 -10.94 9.42
C ILE F 302 14.84 -11.21 8.07
N SER F 303 14.05 -11.66 7.09
CA SER F 303 14.60 -11.97 5.78
C SER F 303 15.24 -10.74 5.14
N ILE F 304 14.48 -9.65 5.06
CA ILE F 304 14.99 -8.43 4.42
C ILE F 304 16.18 -7.90 5.18
N THR F 305 16.15 -7.99 6.51
CA THR F 305 17.21 -7.37 7.30
C THR F 305 18.51 -8.16 7.19
N GLU F 306 18.43 -9.50 7.12
CA GLU F 306 19.66 -10.26 6.89
C GLU F 306 20.19 -10.02 5.48
N ALA F 307 19.28 -9.88 4.51
CA ALA F 307 19.71 -9.57 3.15
C ALA F 307 20.46 -8.24 3.11
N LEU F 308 19.97 -7.24 3.85
CA LEU F 308 20.64 -5.95 3.88
C LEU F 308 21.91 -5.99 4.71
N ALA F 309 21.95 -6.83 5.75
CA ALA F 309 23.10 -6.89 6.64
C ALA F 309 24.23 -7.73 6.09
N PHE F 310 24.00 -8.43 4.98
CA PHE F 310 25.09 -9.15 4.33
C PHE F 310 26.18 -8.21 3.79
N PHE F 311 26.03 -6.89 4.00
CA PHE F 311 26.99 -5.90 3.50
C PHE F 311 28.31 -5.89 4.27
N HIS F 312 28.43 -6.67 5.35
CA HIS F 312 29.66 -6.65 6.13
C HIS F 312 30.85 -7.19 5.36
N CYS F 313 30.62 -8.02 4.35
CA CYS F 313 31.73 -8.47 3.51
C CYS F 313 32.17 -7.39 2.54
N CYS F 314 31.22 -6.58 2.04
CA CYS F 314 31.55 -5.51 1.12
C CYS F 314 32.19 -4.31 1.82
N LEU F 315 31.88 -4.12 3.11
CA LEU F 315 32.36 -2.92 3.80
C LEU F 315 33.86 -2.89 3.98
N ASN F 316 34.49 -4.06 4.15
CA ASN F 316 35.92 -4.09 4.46
C ASN F 316 36.81 -3.50 3.37
N PRO F 317 36.74 -3.92 2.10
CA PRO F 317 37.68 -3.37 1.11
C PRO F 317 37.46 -1.91 0.80
N ILE F 318 36.24 -1.39 0.98
CA ILE F 318 35.94 0.00 0.63
C ILE F 318 36.78 0.96 1.47
N LEU F 319 36.93 0.66 2.77
CA LEU F 319 37.64 1.58 3.64
C LEU F 319 39.08 1.78 3.20
N TYR F 320 39.67 0.79 2.53
CA TYR F 320 41.01 1.00 1.98
C TYR F 320 40.98 2.05 0.88
N ALA F 321 39.93 2.02 0.04
CA ALA F 321 39.83 2.98 -1.06
C ALA F 321 39.61 4.38 -0.52
N PHE F 322 38.74 4.54 0.47
CA PHE F 322 38.42 5.87 0.95
C PHE F 322 39.45 6.39 1.95
N LEU F 323 39.59 5.71 3.09
CA LEU F 323 40.49 6.20 4.13
C LEU F 323 41.95 5.96 3.77
N GLY F 324 42.26 4.79 3.23
CA GLY F 324 43.63 4.45 2.90
C GLY F 324 44.19 5.29 1.76
N ASP G 1 -25.26 -7.34 13.42
CA ASP G 1 -24.06 -7.66 14.18
C ASP G 1 -23.85 -9.17 14.29
N VAL G 2 -22.75 -9.57 14.94
CA VAL G 2 -22.44 -10.98 15.09
C VAL G 2 -23.54 -11.67 15.90
N VAL G 3 -23.98 -12.83 15.44
CA VAL G 3 -25.03 -13.61 16.08
C VAL G 3 -24.45 -14.96 16.50
N MET G 4 -24.67 -15.33 17.76
CA MET G 4 -24.14 -16.57 18.31
C MET G 4 -25.30 -17.47 18.77
N THR G 5 -25.28 -18.72 18.32
CA THR G 5 -26.27 -19.71 18.74
C THR G 5 -25.61 -20.66 19.74
N GLN G 6 -26.30 -20.92 20.84
CA GLN G 6 -25.78 -21.74 21.93
C GLN G 6 -26.57 -23.03 22.04
N SER G 7 -25.88 -24.15 22.20
CA SER G 7 -26.51 -25.46 22.29
C SER G 7 -25.89 -26.25 23.43
N PRO G 8 -26.68 -27.08 24.11
CA PRO G 8 -28.12 -27.26 23.95
C PRO G 8 -28.92 -26.21 24.74
N LEU G 9 -30.20 -26.04 24.40
CA LEU G 9 -31.02 -25.08 25.13
C LEU G 9 -31.30 -25.55 26.55
N SER G 10 -31.57 -26.84 26.71
CA SER G 10 -31.79 -27.45 28.03
C SER G 10 -30.86 -28.65 28.15
N LEU G 11 -30.12 -28.71 29.24
CA LEU G 11 -29.09 -29.74 29.45
C LEU G 11 -29.31 -30.38 30.81
N PRO G 12 -30.11 -31.44 30.87
CA PRO G 12 -30.21 -32.20 32.13
C PRO G 12 -28.92 -32.96 32.38
N VAL G 13 -28.37 -32.80 33.59
CA VAL G 13 -27.12 -33.44 33.96
C VAL G 13 -27.29 -34.14 35.30
N THR G 14 -26.53 -35.22 35.48
CA THR G 14 -26.56 -36.01 36.69
C THR G 14 -25.38 -35.64 37.58
N LEU G 15 -25.62 -35.59 38.89
CA LEU G 15 -24.60 -35.18 39.84
C LEU G 15 -23.36 -36.06 39.71
N GLY G 16 -22.19 -35.44 39.76
CA GLY G 16 -20.95 -36.17 39.66
C GLY G 16 -20.53 -36.54 38.25
N GLN G 17 -21.16 -35.95 37.23
CA GLN G 17 -20.82 -36.24 35.85
C GLN G 17 -20.50 -34.97 35.09
N PRO G 18 -19.53 -35.00 34.17
CA PRO G 18 -19.17 -33.79 33.43
C PRO G 18 -20.24 -33.42 32.42
N ALA G 19 -20.22 -32.15 32.02
CA ALA G 19 -21.16 -31.68 31.00
C ALA G 19 -20.52 -30.59 30.16
N SER G 20 -21.02 -30.44 28.94
CA SER G 20 -20.45 -29.49 27.98
C SER G 20 -21.54 -28.69 27.29
N ILE G 21 -21.28 -27.39 27.14
CA ILE G 21 -22.14 -26.45 26.44
C ILE G 21 -21.29 -25.77 25.38
N SER G 22 -21.81 -25.67 24.16
CA SER G 22 -21.01 -25.10 23.08
C SER G 22 -21.82 -24.09 22.29
N CYS G 23 -21.21 -22.95 22.00
CA CYS G 23 -21.87 -21.93 21.20
C CYS G 23 -21.04 -21.55 19.99
N ARG G 24 -21.72 -21.41 18.86
CA ARG G 24 -21.11 -21.13 17.57
C ARG G 24 -21.49 -19.74 17.09
N SER G 25 -20.53 -19.05 16.49
CA SER G 25 -20.71 -17.69 16.04
C SER G 25 -21.06 -17.69 14.55
N SER G 26 -21.26 -16.49 14.00
CA SER G 26 -21.52 -16.32 12.58
C SER G 26 -20.40 -15.59 11.87
N GLN G 27 -19.43 -15.05 12.61
CA GLN G 27 -18.26 -14.36 12.09
C GLN G 27 -17.07 -14.76 12.95
N SER G 28 -15.90 -14.88 12.34
CA SER G 28 -14.73 -15.32 13.10
C SER G 28 -14.40 -14.32 14.20
N LEU G 29 -14.22 -14.82 15.42
CA LEU G 29 -13.90 -13.98 16.58
C LEU G 29 -12.40 -13.81 16.74
N VAL G 30 -11.75 -13.23 15.73
CA VAL G 30 -10.33 -12.96 15.82
C VAL G 30 -10.13 -11.46 15.65
N TYR G 31 -9.52 -10.84 16.64
CA TYR G 31 -9.25 -9.42 16.62
C TYR G 31 -8.01 -9.12 15.77
N THR G 32 -7.90 -7.85 15.36
CA THR G 32 -6.73 -7.45 14.61
C THR G 32 -5.47 -7.63 15.45
N ASP G 33 -5.59 -7.38 16.75
CA ASP G 33 -4.45 -7.56 17.65
C ASP G 33 -3.95 -9.00 17.64
N GLY G 34 -4.87 -9.97 17.65
CA GLY G 34 -4.45 -11.35 17.57
C GLY G 34 -5.06 -12.27 18.62
N ASN G 35 -6.03 -11.77 19.38
CA ASN G 35 -6.67 -12.54 20.43
C ASN G 35 -8.14 -12.79 20.09
N THR G 36 -8.79 -13.59 20.91
CA THR G 36 -10.22 -13.84 20.83
C THR G 36 -10.86 -13.46 22.15
N TYR G 37 -11.81 -12.52 22.11
CA TYR G 37 -12.47 -12.00 23.30
C TYR G 37 -13.86 -12.60 23.37
N LEU G 38 -13.97 -13.78 23.95
CA LEU G 38 -15.25 -14.43 24.21
C LEU G 38 -15.23 -14.94 25.63
N ASN G 39 -16.24 -14.57 26.41
CA ASN G 39 -16.28 -14.92 27.82
C ASN G 39 -17.64 -15.47 28.21
N TRP G 40 -17.64 -16.25 29.29
CA TRP G 40 -18.84 -16.96 29.73
C TRP G 40 -19.32 -16.46 31.09
N PHE G 41 -20.63 -16.41 31.23
CA PHE G 41 -21.30 -15.95 32.45
C PHE G 41 -22.21 -17.05 32.97
N GLN G 42 -22.46 -17.00 34.28
CA GLN G 42 -23.44 -17.85 34.95
C GLN G 42 -24.35 -16.97 35.79
N GLN G 43 -25.66 -17.16 35.63
CA GLN G 43 -26.66 -16.39 36.34
C GLN G 43 -27.52 -17.32 37.18
N ARG G 44 -27.32 -17.28 38.49
CA ARG G 44 -28.14 -18.01 39.43
C ARG G 44 -29.52 -17.33 39.52
N PRO G 45 -30.57 -18.08 39.85
CA PRO G 45 -31.91 -17.47 39.87
C PRO G 45 -32.05 -16.41 40.95
N GLY G 46 -32.29 -15.17 40.52
CA GLY G 46 -32.53 -14.06 41.43
C GLY G 46 -31.36 -13.14 41.70
N GLN G 47 -30.22 -13.35 41.05
CA GLN G 47 -29.05 -12.49 41.26
C GLN G 47 -28.40 -12.18 39.91
N SER G 48 -27.57 -11.16 39.91
CA SER G 48 -26.94 -10.70 38.68
C SER G 48 -25.94 -11.75 38.17
N PRO G 49 -25.77 -11.85 36.85
CA PRO G 49 -24.79 -12.77 36.30
C PRO G 49 -23.38 -12.43 36.74
N ARG G 50 -22.57 -13.47 36.92
CA ARG G 50 -21.17 -13.33 37.28
C ARG G 50 -20.30 -13.92 36.17
N ARG G 51 -19.02 -13.56 36.19
CA ARG G 51 -18.08 -13.98 35.17
C ARG G 51 -17.35 -15.25 35.62
N LEU G 52 -17.33 -16.26 34.76
CA LEU G 52 -16.64 -17.51 35.06
C LEU G 52 -15.28 -17.57 34.40
N ILE G 53 -15.23 -17.44 33.07
CA ILE G 53 -13.98 -17.45 32.32
C ILE G 53 -14.00 -16.29 31.33
N TYR G 54 -12.89 -15.56 31.27
CA TYR G 54 -12.70 -14.48 30.31
C TYR G 54 -11.71 -14.91 29.26
N LYS G 55 -11.97 -14.52 28.00
CA LYS G 55 -11.28 -15.04 26.83
C LYS G 55 -11.58 -16.53 26.69
N VAL G 56 -10.92 -17.20 25.74
CA VAL G 56 -11.32 -18.55 25.39
C VAL G 56 -11.09 -19.51 26.55
N SER G 57 -9.95 -19.39 27.23
CA SER G 57 -9.55 -20.38 28.23
C SER G 57 -9.15 -19.79 29.58
N ASN G 58 -8.79 -18.51 29.66
CA ASN G 58 -8.36 -17.95 30.93
C ASN G 58 -9.50 -17.97 31.94
N ARG G 59 -9.17 -18.32 33.18
CA ARG G 59 -10.15 -18.49 34.24
C ARG G 59 -10.20 -17.25 35.12
N ASP G 60 -11.40 -16.73 35.34
CA ASP G 60 -11.56 -15.57 36.22
C ASP G 60 -11.30 -15.97 37.66
N SER G 61 -10.57 -15.12 38.38
CA SER G 61 -10.19 -15.42 39.75
C SER G 61 -11.41 -15.52 40.64
N GLY G 62 -11.46 -16.55 41.48
CA GLY G 62 -12.53 -16.74 42.43
C GLY G 62 -13.48 -17.88 42.12
N VAL G 63 -13.18 -18.73 41.13
CA VAL G 63 -14.06 -19.84 40.78
C VAL G 63 -13.25 -21.14 40.82
N PRO G 64 -13.88 -22.28 41.04
CA PRO G 64 -13.12 -23.54 41.11
C PRO G 64 -12.57 -23.93 39.74
N ASP G 65 -11.70 -24.95 39.77
CA ASP G 65 -11.07 -25.47 38.57
C ASP G 65 -11.97 -26.35 37.73
N ARG G 66 -13.19 -26.64 38.19
CA ARG G 66 -14.10 -27.51 37.44
C ARG G 66 -14.48 -26.89 36.11
N PHE G 67 -14.71 -25.58 36.08
CA PHE G 67 -15.09 -24.88 34.86
C PHE G 67 -13.85 -24.68 33.99
N SER G 68 -13.96 -25.03 32.71
CA SER G 68 -12.84 -24.83 31.79
C SER G 68 -13.39 -24.73 30.38
N GLY G 69 -12.78 -23.87 29.56
CA GLY G 69 -13.25 -23.66 28.21
C GLY G 69 -12.15 -23.75 27.18
N SER G 70 -12.57 -23.97 25.93
CA SER G 70 -11.67 -24.18 24.81
C SER G 70 -12.41 -23.86 23.53
N GLY G 71 -11.68 -23.84 22.43
CA GLY G 71 -12.22 -23.56 21.11
C GLY G 71 -11.44 -22.50 20.39
N SER G 72 -11.69 -22.42 19.09
CA SER G 72 -11.04 -21.39 18.29
C SER G 72 -11.80 -21.17 17.01
N GLY G 73 -11.57 -20.01 16.39
CA GLY G 73 -12.24 -19.68 15.15
C GLY G 73 -13.65 -19.19 15.39
N THR G 74 -14.63 -20.03 15.07
CA THR G 74 -16.03 -19.73 15.27
C THR G 74 -16.72 -20.76 16.14
N ASP G 75 -15.96 -21.68 16.75
CA ASP G 75 -16.54 -22.70 17.62
C ASP G 75 -15.88 -22.66 18.99
N PHE G 76 -16.70 -22.60 20.03
CA PHE G 76 -16.23 -22.54 21.40
C PHE G 76 -17.09 -23.44 22.28
N THR G 77 -16.48 -23.93 23.36
CA THR G 77 -17.09 -24.91 24.25
C THR G 77 -16.63 -24.65 25.68
N LEU G 78 -17.57 -24.76 26.62
CA LEU G 78 -17.29 -24.71 28.06
C LEU G 78 -17.72 -26.03 28.67
N LYS G 79 -16.87 -26.59 29.53
CA LYS G 79 -17.11 -27.89 30.14
C LYS G 79 -16.91 -27.82 31.64
N ILE G 80 -17.78 -28.53 32.36
CA ILE G 80 -17.73 -28.67 33.80
C ILE G 80 -17.34 -30.10 34.11
N SER G 81 -16.24 -30.27 34.86
CA SER G 81 -15.71 -31.59 35.15
C SER G 81 -16.66 -32.37 36.07
N ARG G 82 -17.08 -31.74 37.16
CA ARG G 82 -18.00 -32.35 38.11
C ARG G 82 -19.15 -31.38 38.40
N VAL G 83 -20.37 -31.91 38.39
CA VAL G 83 -21.57 -31.12 38.64
C VAL G 83 -22.00 -31.34 40.08
N GLU G 84 -21.99 -30.26 40.86
CA GLU G 84 -22.48 -30.27 42.23
C GLU G 84 -23.93 -29.78 42.25
N ALA G 85 -24.46 -29.57 43.46
CA ALA G 85 -25.82 -29.09 43.61
C ALA G 85 -25.92 -27.57 43.50
N GLU G 86 -24.79 -26.87 43.46
CA GLU G 86 -24.77 -25.41 43.37
C GLU G 86 -24.49 -24.92 41.95
N ASP G 87 -24.48 -25.81 40.97
CA ASP G 87 -24.21 -25.47 39.58
C ASP G 87 -25.49 -25.39 38.75
N VAL G 88 -26.58 -24.93 39.36
CA VAL G 88 -27.88 -24.83 38.70
C VAL G 88 -28.11 -23.37 38.34
N GLY G 89 -28.38 -23.11 37.07
CA GLY G 89 -28.60 -21.75 36.62
C GLY G 89 -28.40 -21.63 35.13
N PHE G 90 -28.56 -20.39 34.66
CA PHE G 90 -28.38 -20.08 33.26
C PHE G 90 -26.91 -19.78 32.96
N TYR G 91 -26.50 -20.09 31.73
CA TYR G 91 -25.15 -19.87 31.25
C TYR G 91 -25.20 -19.16 29.92
N TYR G 92 -24.40 -18.10 29.78
CA TYR G 92 -24.37 -17.29 28.57
C TYR G 92 -22.93 -17.16 28.06
N CYS G 93 -22.76 -17.08 26.74
CA CYS G 93 -21.47 -16.79 26.14
C CYS G 93 -21.62 -15.50 25.34
N MET G 94 -20.68 -14.56 25.52
CA MET G 94 -20.75 -13.32 24.78
C MET G 94 -19.37 -12.96 24.26
N GLN G 95 -19.36 -12.07 23.26
CA GLN G 95 -18.15 -11.64 22.58
C GLN G 95 -17.95 -10.14 22.77
N ASN G 96 -16.69 -9.72 22.89
CA ASN G 96 -16.32 -8.31 22.86
C ASN G 96 -15.16 -8.14 21.87
N THR G 97 -15.48 -8.13 20.59
CA THR G 97 -14.51 -7.78 19.56
C THR G 97 -15.08 -6.80 18.55
N HIS G 98 -16.35 -6.92 18.20
CA HIS G 98 -16.98 -6.10 17.18
C HIS G 98 -18.06 -5.25 17.83
N TRP G 99 -18.01 -3.94 17.61
CA TRP G 99 -19.01 -3.05 18.15
C TRP G 99 -20.33 -3.24 17.39
N PRO G 100 -21.45 -3.51 18.08
CA PRO G 100 -21.58 -3.68 19.54
C PRO G 100 -21.49 -5.13 19.99
N LEU G 101 -21.30 -5.35 21.29
CA LEU G 101 -21.22 -6.70 21.83
C LEU G 101 -22.58 -7.40 21.73
N THR G 102 -22.53 -8.72 21.56
CA THR G 102 -23.72 -9.54 21.44
C THR G 102 -23.63 -10.70 22.40
N PHE G 103 -24.74 -10.98 23.09
CA PHE G 103 -24.81 -12.06 24.05
C PHE G 103 -25.24 -13.36 23.36
N GLY G 104 -25.43 -14.41 24.16
CA GLY G 104 -25.86 -15.70 23.66
C GLY G 104 -27.31 -15.98 23.99
N GLY G 105 -27.80 -17.11 23.46
CA GLY G 105 -29.17 -17.50 23.70
C GLY G 105 -29.44 -17.86 25.15
N GLY G 106 -28.54 -18.63 25.75
CA GLY G 106 -28.72 -19.03 27.14
C GLY G 106 -28.95 -20.53 27.26
N THR G 107 -28.32 -21.14 28.25
CA THR G 107 -28.46 -22.57 28.52
C THR G 107 -28.76 -22.76 30.00
N LYS G 108 -29.77 -23.56 30.31
CA LYS G 108 -30.16 -23.79 31.70
C LYS G 108 -29.71 -25.18 32.11
N VAL G 109 -29.06 -25.28 33.26
CA VAL G 109 -28.53 -26.56 33.73
C VAL G 109 -29.40 -27.04 34.90
N GLU G 110 -30.08 -28.16 34.70
CA GLU G 110 -30.91 -28.81 35.70
C GLU G 110 -30.12 -29.90 36.42
N ILE G 111 -30.81 -30.68 37.25
CA ILE G 111 -30.23 -31.80 37.98
C ILE G 111 -30.97 -33.07 37.59
N LYS G 112 -30.23 -34.07 37.14
CA LYS G 112 -30.81 -35.36 36.77
C LYS G 112 -30.20 -36.49 37.60
N GLN H 1 -12.82 -3.00 47.89
CA GLN H 1 -13.56 -3.74 46.87
C GLN H 1 -14.16 -2.79 45.85
N VAL H 2 -14.53 -3.33 44.68
CA VAL H 2 -15.15 -2.58 43.61
C VAL H 2 -16.60 -3.03 43.50
N GLN H 3 -17.53 -2.07 43.45
CA GLN H 3 -18.93 -2.46 43.42
C GLN H 3 -19.77 -1.35 42.80
N LEU H 4 -20.93 -1.76 42.29
CA LEU H 4 -21.92 -0.87 41.69
C LEU H 4 -23.27 -1.12 42.35
N VAL H 5 -23.93 -0.05 42.77
CA VAL H 5 -25.21 -0.12 43.46
C VAL H 5 -26.23 0.66 42.65
N GLN H 6 -27.41 0.10 42.48
CA GLN H 6 -28.46 0.75 41.70
C GLN H 6 -29.59 1.22 42.61
N SER H 7 -30.65 1.72 42.01
CA SER H 7 -31.82 2.19 42.74
C SER H 7 -32.81 1.04 42.94
N GLY H 8 -34.03 1.36 43.36
CA GLY H 8 -35.07 0.37 43.56
C GLY H 8 -35.89 0.12 42.31
N ALA H 9 -36.79 -0.86 42.42
CA ALA H 9 -37.68 -1.20 41.32
C ALA H 9 -38.76 -0.14 41.17
N GLU H 10 -39.20 0.07 39.92
CA GLU H 10 -40.19 1.11 39.66
C GLU H 10 -41.31 0.62 38.74
N VAL H 11 -42.47 1.25 38.89
CA VAL H 11 -43.64 1.02 38.04
C VAL H 11 -44.16 2.36 37.56
N LYS H 12 -44.40 2.46 36.26
CA LYS H 12 -44.81 3.72 35.64
C LYS H 12 -45.82 3.45 34.54
N LYS H 13 -46.65 4.45 34.27
CA LYS H 13 -47.65 4.34 33.22
C LYS H 13 -47.01 4.52 31.84
N PRO H 14 -47.66 4.00 30.80
CA PRO H 14 -47.12 4.17 29.44
C PRO H 14 -46.99 5.64 29.07
N GLY H 15 -45.94 5.97 28.32
CA GLY H 15 -45.69 7.33 27.90
C GLY H 15 -44.93 8.18 28.89
N ALA H 16 -44.60 7.64 30.07
CA ALA H 16 -43.86 8.38 31.09
C ALA H 16 -42.36 8.36 30.81
N SER H 17 -41.56 8.69 31.82
CA SER H 17 -40.11 8.68 31.71
C SER H 17 -39.53 8.11 33.00
N VAL H 18 -38.48 7.31 32.87
CA VAL H 18 -37.82 6.67 34.00
C VAL H 18 -36.31 6.89 33.95
N LYS H 19 -35.74 7.23 35.10
CA LYS H 19 -34.30 7.41 35.26
C LYS H 19 -33.80 6.51 36.37
N VAL H 20 -32.79 5.70 36.08
CA VAL H 20 -32.23 4.75 37.04
C VAL H 20 -30.79 5.14 37.36
N SER H 21 -30.49 5.34 38.64
CA SER H 21 -29.16 5.73 39.07
C SER H 21 -28.24 4.51 39.13
N CYS H 22 -26.93 4.76 38.98
CA CYS H 22 -25.93 3.67 39.04
C CYS H 22 -24.68 4.22 39.74
N LYS H 23 -24.65 4.09 41.06
CA LYS H 23 -23.55 4.63 41.86
C LYS H 23 -22.42 3.61 41.90
N ALA H 24 -21.20 4.05 41.62
CA ALA H 24 -20.06 3.15 41.56
C ALA H 24 -19.01 3.57 42.56
N SER H 25 -18.37 2.59 43.21
CA SER H 25 -17.32 2.92 44.16
C SER H 25 -16.30 1.79 44.20
N GLY H 26 -15.11 2.14 44.69
CA GLY H 26 -14.02 1.19 44.80
C GLY H 26 -12.94 1.32 43.74
N TYR H 27 -13.14 2.19 42.76
CA TYR H 27 -12.13 2.40 41.72
C TYR H 27 -12.33 3.81 41.15
N THR H 28 -11.32 4.25 40.39
CA THR H 28 -11.38 5.57 39.75
C THR H 28 -12.50 5.55 38.72
N PHE H 29 -13.57 6.30 39.00
CA PHE H 29 -14.76 6.28 38.17
C PHE H 29 -14.52 6.88 36.79
N THR H 30 -13.52 7.75 36.64
CA THR H 30 -13.29 8.47 35.40
C THR H 30 -12.26 7.78 34.50
N SER H 31 -12.17 6.46 34.57
CA SER H 31 -11.28 5.72 33.69
C SER H 31 -11.89 4.43 33.17
N TYR H 32 -13.20 4.24 33.32
CA TYR H 32 -13.90 3.09 32.77
C TYR H 32 -15.29 3.52 32.31
N GLY H 33 -15.62 3.20 31.06
CA GLY H 33 -16.95 3.48 30.56
C GLY H 33 -17.98 2.60 31.23
N ILE H 34 -19.25 2.91 30.98
CA ILE H 34 -20.35 2.16 31.57
C ILE H 34 -21.33 1.78 30.47
N SER H 35 -21.69 0.51 30.42
CA SER H 35 -22.65 0.00 29.45
C SER H 35 -23.92 -0.46 30.15
N TRP H 36 -25.04 -0.12 29.57
CA TRP H 36 -26.35 -0.42 30.15
C TRP H 36 -26.94 -1.61 29.39
N VAL H 37 -27.27 -2.67 30.12
CA VAL H 37 -27.75 -3.91 29.52
C VAL H 37 -29.11 -4.21 30.12
N ARG H 38 -30.07 -4.59 29.27
CA ARG H 38 -31.41 -4.89 29.72
C ARG H 38 -31.78 -6.33 29.37
N GLN H 39 -32.34 -7.04 30.34
CA GLN H 39 -32.78 -8.42 30.17
C GLN H 39 -34.30 -8.51 30.31
N ALA H 40 -34.97 -8.77 29.20
CA ALA H 40 -36.41 -8.92 29.22
C ALA H 40 -36.75 -10.20 29.96
N PRO H 41 -37.86 -10.25 30.70
CA PRO H 41 -38.18 -11.47 31.44
C PRO H 41 -38.42 -12.61 30.47
N GLY H 42 -37.86 -13.78 30.79
CA GLY H 42 -38.02 -14.92 29.90
C GLY H 42 -37.46 -14.69 28.51
N GLN H 43 -36.31 -14.01 28.41
CA GLN H 43 -35.71 -13.72 27.11
C GLN H 43 -34.21 -13.57 27.26
N GLY H 44 -33.52 -13.59 26.12
CA GLY H 44 -32.08 -13.43 26.12
C GLY H 44 -31.65 -12.02 26.47
N ILE H 45 -30.46 -11.93 27.08
CA ILE H 45 -29.93 -10.63 27.47
C ILE H 45 -29.68 -9.77 26.23
N GLU H 46 -30.00 -8.47 26.36
CA GLU H 46 -29.86 -7.52 25.27
C GLU H 46 -29.06 -6.31 25.72
N TRP H 47 -28.46 -5.64 24.74
CA TRP H 47 -27.65 -4.45 24.97
C TRP H 47 -28.40 -3.25 24.44
N MET H 48 -28.30 -2.10 25.12
CA MET H 48 -28.95 -0.90 24.63
C MET H 48 -28.10 0.37 24.65
N GLY H 49 -26.96 0.40 25.32
CA GLY H 49 -26.24 1.65 25.36
C GLY H 49 -24.87 1.54 26.02
N TRP H 50 -24.14 2.65 25.93
CA TRP H 50 -22.79 2.78 26.48
C TRP H 50 -22.43 4.26 26.53
N ILE H 51 -21.91 4.70 27.68
CA ILE H 51 -21.44 6.07 27.83
C ILE H 51 -20.03 6.05 28.40
N SER H 52 -19.17 6.91 27.85
CA SER H 52 -17.79 7.05 28.32
C SER H 52 -17.73 8.16 29.36
N THR H 53 -17.45 7.78 30.61
CA THR H 53 -17.36 8.75 31.70
C THR H 53 -16.18 9.70 31.55
N TYR H 54 -15.23 9.40 30.66
CA TYR H 54 -14.10 10.28 30.44
C TYR H 54 -14.54 11.63 29.87
N ASN H 55 -15.31 11.60 28.78
CA ASN H 55 -15.74 12.86 28.16
C ASN H 55 -17.17 12.82 27.63
N GLY H 56 -17.99 11.88 28.10
CA GLY H 56 -19.39 11.86 27.70
C GLY H 56 -19.64 11.60 26.24
N ASN H 57 -19.01 10.57 25.67
CA ASN H 57 -19.21 10.20 24.27
C ASN H 57 -20.24 9.08 24.21
N ARG H 58 -21.51 9.46 24.27
CA ARG H 58 -22.57 8.47 24.39
C ARG H 58 -22.73 7.70 23.07
N ASN H 59 -23.35 6.53 23.18
CA ASN H 59 -23.69 5.71 22.02
C ASN H 59 -24.89 4.85 22.38
N TYR H 60 -25.77 4.63 21.41
CA TYR H 60 -27.05 3.99 21.67
C TYR H 60 -27.25 2.81 20.72
N ALA H 61 -28.11 1.88 21.12
CA ALA H 61 -28.44 0.76 20.26
C ALA H 61 -29.50 1.18 19.26
N GLN H 62 -29.54 0.50 18.12
CA GLN H 62 -30.45 0.89 17.05
C GLN H 62 -31.90 0.72 17.47
N LYS H 63 -32.21 -0.36 18.19
CA LYS H 63 -33.60 -0.67 18.51
C LYS H 63 -34.23 0.34 19.47
N VAL H 64 -33.41 1.01 20.28
CA VAL H 64 -33.92 1.91 21.31
C VAL H 64 -33.56 3.37 21.03
N GLN H 65 -32.69 3.62 20.05
CA GLN H 65 -32.23 4.97 19.75
C GLN H 65 -33.39 5.90 19.48
N GLY H 66 -33.29 7.12 20.00
CA GLY H 66 -34.31 8.14 19.86
C GLY H 66 -35.23 8.27 21.05
N ARG H 67 -35.19 7.33 21.99
CA ARG H 67 -36.02 7.40 23.18
C ARG H 67 -35.22 7.38 24.47
N VAL H 68 -33.90 7.22 24.42
CA VAL H 68 -33.06 7.17 25.60
C VAL H 68 -32.00 8.26 25.53
N THR H 69 -31.85 9.00 26.61
CA THR H 69 -30.70 9.87 26.83
C THR H 69 -30.07 9.51 28.17
N MET H 70 -28.76 9.25 28.14
CA MET H 70 -28.06 8.73 29.31
C MET H 70 -26.83 9.59 29.57
N THR H 71 -26.66 10.01 30.82
CA THR H 71 -25.62 10.96 31.18
C THR H 71 -24.99 10.53 32.48
N THR H 72 -23.89 11.16 32.83
CA THR H 72 -23.14 10.85 34.04
C THR H 72 -23.01 12.09 34.91
N ASP H 73 -22.81 11.85 36.21
CA ASP H 73 -22.62 12.90 37.20
C ASP H 73 -21.26 12.65 37.84
N ARG H 74 -20.22 13.22 37.25
CA ARG H 74 -18.86 12.92 37.67
C ARG H 74 -18.58 13.42 39.09
N SER H 75 -19.29 14.46 39.53
CA SER H 75 -19.02 15.04 40.85
C SER H 75 -19.31 14.03 41.95
N THR H 76 -20.42 13.31 41.85
CA THR H 76 -20.80 12.31 42.85
C THR H 76 -20.53 10.89 42.38
N SER H 77 -19.88 10.73 41.23
CA SER H 77 -19.50 9.43 40.68
C SER H 77 -20.73 8.51 40.52
N THR H 78 -21.70 9.01 39.76
CA THR H 78 -22.91 8.28 39.46
C THR H 78 -23.21 8.37 37.96
N ALA H 79 -23.88 7.35 37.45
CA ALA H 79 -24.28 7.29 36.05
C ALA H 79 -25.78 7.07 35.98
N TYR H 80 -26.46 7.85 35.14
CA TYR H 80 -27.91 7.77 35.00
C TYR H 80 -28.27 7.27 33.61
N MET H 81 -29.56 6.98 33.44
CA MET H 81 -30.11 6.66 32.13
C MET H 81 -31.58 7.03 32.13
N ASP H 82 -32.00 7.79 31.12
CA ASP H 82 -33.38 8.25 31.00
C ASP H 82 -34.03 7.59 29.80
N LEU H 83 -35.20 6.99 30.02
CA LEU H 83 -35.99 6.35 28.97
C LEU H 83 -37.38 6.96 28.96
N ARG H 84 -37.84 7.37 27.77
CA ARG H 84 -39.14 8.00 27.60
C ARG H 84 -39.95 7.25 26.56
N SER H 85 -41.25 7.50 26.56
CA SER H 85 -42.20 6.84 25.66
C SER H 85 -42.16 5.32 25.86
N LEU H 86 -42.37 4.90 27.10
CA LEU H 86 -42.33 3.48 27.43
C LEU H 86 -43.50 2.75 26.77
N ARG H 87 -43.22 1.53 26.33
CA ARG H 87 -44.21 0.68 25.69
C ARG H 87 -44.59 -0.46 26.65
N SER H 88 -45.51 -1.32 26.18
CA SER H 88 -46.01 -2.39 27.03
C SER H 88 -44.95 -3.44 27.31
N ASP H 89 -44.10 -3.75 26.34
CA ASP H 89 -43.13 -4.82 26.47
C ASP H 89 -41.84 -4.38 27.16
N ASP H 90 -41.79 -3.15 27.67
CA ASP H 90 -40.58 -2.63 28.28
C ASP H 90 -40.36 -3.16 29.69
N THR H 91 -41.32 -3.85 30.28
CA THR H 91 -41.16 -4.42 31.62
C THR H 91 -39.98 -5.37 31.63
N ALA H 92 -38.91 -5.02 32.33
CA ALA H 92 -37.72 -5.88 32.29
C ALA H 92 -36.79 -5.52 33.46
N VAL H 93 -35.57 -6.04 33.41
CA VAL H 93 -34.57 -5.75 34.44
C VAL H 93 -33.32 -5.14 33.80
N TYR H 94 -32.88 -4.02 34.35
CA TYR H 94 -31.76 -3.24 33.83
C TYR H 94 -30.54 -3.38 34.72
N TYR H 95 -29.41 -3.71 34.10
CA TYR H 95 -28.12 -3.93 34.75
C TYR H 95 -27.13 -2.88 34.27
N CYS H 96 -26.39 -2.30 35.21
CA CYS H 96 -25.36 -1.31 34.92
C CYS H 96 -24.03 -2.05 35.04
N ALA H 97 -23.29 -2.18 33.93
CA ALA H 97 -22.06 -2.95 33.95
C ALA H 97 -20.88 -2.17 33.39
N ARG H 98 -19.76 -2.20 34.11
CA ARG H 98 -18.57 -1.49 33.67
C ARG H 98 -18.08 -2.05 32.35
N HIS H 99 -17.62 -1.17 31.46
CA HIS H 99 -17.17 -1.59 30.14
C HIS H 99 -16.09 -0.65 29.63
N GLY H 100 -15.21 -1.18 28.79
CA GLY H 100 -14.18 -0.39 28.16
C GLY H 100 -13.06 0.04 29.10
N ILE H 101 -12.24 0.95 28.58
CA ILE H 101 -11.13 1.54 29.31
C ILE H 101 -10.72 2.82 28.59
N THR H 102 -10.71 3.94 29.31
CA THR H 102 -10.43 5.25 28.71
C THR H 102 -9.20 5.86 29.38
N GLY H 103 -8.26 6.33 28.56
CA GLY H 103 -7.05 6.94 29.06
C GLY H 103 -6.52 7.95 28.07
N ALA H 104 -5.40 8.56 28.43
CA ALA H 104 -4.80 9.57 27.56
C ALA H 104 -4.36 8.98 26.22
N ARG H 105 -3.71 7.82 26.25
CA ARG H 105 -3.19 7.18 25.04
C ARG H 105 -3.86 5.86 24.72
N ASN H 106 -4.90 5.48 25.48
CA ASN H 106 -5.53 4.18 25.32
C ASN H 106 -7.02 4.35 25.57
N TYR H 107 -7.84 4.06 24.56
CA TYR H 107 -9.27 4.30 24.62
C TYR H 107 -10.02 3.12 24.01
N TYR H 108 -9.60 1.91 24.37
CA TYR H 108 -10.15 0.68 23.82
C TYR H 108 -11.49 0.33 24.46
N TYR H 109 -12.17 -0.65 23.87
CA TYR H 109 -13.50 -1.04 24.33
C TYR H 109 -13.64 -2.54 24.57
N HIS H 110 -12.57 -3.32 24.51
CA HIS H 110 -12.66 -4.76 24.69
C HIS H 110 -12.09 -5.22 26.03
N TYR H 111 -12.21 -4.37 27.06
CA TYR H 111 -11.77 -4.71 28.41
C TYR H 111 -12.88 -4.30 29.38
N GLY H 112 -13.73 -5.25 29.75
CA GLY H 112 -14.80 -4.91 30.69
C GLY H 112 -15.81 -6.04 30.83
N MET H 113 -17.04 -5.64 31.16
CA MET H 113 -18.13 -6.57 31.49
C MET H 113 -17.77 -7.45 32.68
N ASP H 114 -17.02 -6.89 33.63
CA ASP H 114 -16.52 -7.67 34.77
C ASP H 114 -17.48 -7.56 35.95
N VAL H 115 -17.73 -6.35 36.42
CA VAL H 115 -18.57 -6.10 37.59
C VAL H 115 -19.92 -5.58 37.14
N TRP H 116 -20.98 -6.10 37.75
CA TRP H 116 -22.34 -5.73 37.41
C TRP H 116 -23.05 -5.17 38.63
N GLY H 117 -24.04 -4.32 38.37
CA GLY H 117 -24.86 -3.80 39.44
C GLY H 117 -25.88 -4.82 39.90
N GLN H 118 -26.57 -4.50 41.00
CA GLN H 118 -27.57 -5.43 41.52
C GLN H 118 -28.73 -5.58 40.55
N GLY H 119 -29.01 -4.55 39.76
CA GLY H 119 -30.10 -4.61 38.80
C GLY H 119 -31.40 -4.09 39.37
N THR H 120 -32.21 -3.50 38.50
CA THR H 120 -33.49 -2.95 38.91
C THR H 120 -34.55 -3.39 37.90
N THR H 121 -35.78 -3.54 38.36
CA THR H 121 -36.85 -3.97 37.47
C THR H 121 -37.87 -2.86 37.33
N VAL H 122 -38.26 -2.59 36.08
CA VAL H 122 -39.25 -1.56 35.79
C VAL H 122 -40.40 -2.20 35.03
N THR H 123 -41.61 -1.80 35.41
CA THR H 123 -42.82 -2.32 34.79
C THR H 123 -43.74 -1.17 34.39
N VAL H 124 -44.54 -1.43 33.36
CA VAL H 124 -45.49 -0.48 32.80
C VAL H 124 -46.90 -0.99 33.02
N SER H 125 -47.77 -0.14 33.56
CA SER H 125 -49.14 -0.51 33.83
C SER H 125 -50.08 0.67 33.61
N MET I 42 -22.26 15.22 23.49
CA MET I 42 -23.27 14.92 22.47
C MET I 42 -22.62 14.57 21.14
N LYS I 43 -21.85 13.47 21.13
CA LYS I 43 -21.14 13.04 19.94
C LYS I 43 -20.91 11.54 20.04
N GLU I 44 -20.70 10.92 18.87
CA GLU I 44 -20.49 9.49 19.01
C GLU I 44 -19.00 9.18 19.15
N PRO I 45 -18.66 8.13 19.89
CA PRO I 45 -17.25 7.76 20.05
C PRO I 45 -16.77 6.80 18.98
N CYS I 46 -15.50 6.96 18.61
CA CYS I 46 -14.82 5.99 17.76
C CYS I 46 -13.53 5.58 18.44
N PHE I 47 -13.32 4.28 18.58
CA PHE I 47 -12.27 3.75 19.43
C PHE I 47 -10.97 3.64 18.65
N ARG I 48 -9.87 4.02 19.30
CA ARG I 48 -8.55 3.98 18.69
C ARG I 48 -8.13 2.54 18.42
N GLU I 49 -7.59 2.30 17.22
CA GLU I 49 -7.12 0.99 16.84
C GLU I 49 -5.61 0.91 17.04
N GLU I 50 -5.13 -0.28 17.39
CA GLU I 50 -3.73 -0.47 17.73
C GLU I 50 -2.84 -0.32 16.50
N ASN I 51 -1.58 0.02 16.75
CA ASN I 51 -0.62 0.30 15.69
C ASN I 51 -0.38 -0.93 14.82
N ALA I 52 0.07 -0.68 13.60
CA ALA I 52 0.35 -1.73 12.64
C ALA I 52 1.52 -2.59 13.12
N ASN I 53 1.62 -3.79 12.55
CA ASN I 53 2.69 -4.72 12.93
C ASN I 53 4.06 -4.14 12.61
N PHE I 54 4.19 -3.48 11.46
CA PHE I 54 5.47 -2.85 11.13
C PHE I 54 5.84 -1.80 12.16
N ASN I 55 4.85 -1.07 12.69
CA ASN I 55 5.15 -0.11 13.73
C ASN I 55 5.58 -0.83 15.01
N LYS I 56 4.91 -1.94 15.34
CA LYS I 56 5.26 -2.71 16.52
C LYS I 56 6.68 -3.26 16.44
N ILE I 57 7.20 -3.48 15.23
CA ILE I 57 8.58 -3.90 15.09
C ILE I 57 9.54 -2.73 14.95
N PHE I 58 9.09 -1.62 14.36
CA PHE I 58 9.97 -0.50 14.07
C PHE I 58 10.26 0.34 15.31
N LEU I 59 9.29 0.48 16.20
CA LEU I 59 9.55 1.24 17.43
C LEU I 59 10.63 0.61 18.28
N PRO I 60 10.62 -0.70 18.57
CA PRO I 60 11.68 -1.28 19.40
C PRO I 60 13.07 -1.12 18.83
N THR I 61 13.24 -1.24 17.51
CA THR I 61 14.59 -1.14 16.95
C THR I 61 15.09 0.29 17.02
N ILE I 62 14.21 1.27 16.78
CA ILE I 62 14.60 2.67 16.92
C ILE I 62 14.97 2.97 18.37
N TYR I 63 14.17 2.47 19.31
CA TYR I 63 14.46 2.69 20.73
C TYR I 63 15.78 2.05 21.13
N SER I 64 16.05 0.84 20.63
CA SER I 64 17.29 0.15 20.96
C SER I 64 18.50 0.88 20.39
N ILE I 65 18.40 1.35 19.14
CA ILE I 65 19.50 2.09 18.54
C ILE I 65 19.75 3.38 19.30
N ILE I 66 18.68 4.09 19.66
CA ILE I 66 18.84 5.33 20.41
C ILE I 66 19.48 5.06 21.76
N PHE I 67 19.04 4.01 22.44
CA PHE I 67 19.62 3.68 23.74
C PHE I 67 21.10 3.34 23.61
N LEU I 68 21.46 2.50 22.65
CA LEU I 68 22.84 2.08 22.50
C LEU I 68 23.75 3.25 22.15
N THR I 69 23.30 4.13 21.27
CA THR I 69 24.12 5.30 20.94
C THR I 69 24.22 6.26 22.11
N GLY I 70 23.07 6.58 22.72
CA GLY I 70 23.03 7.60 23.74
C GLY I 70 23.76 7.22 25.01
N ILE I 71 23.63 5.97 25.45
CA ILE I 71 24.30 5.56 26.69
C ILE I 71 25.80 5.75 26.56
N VAL I 72 26.39 5.29 25.45
CA VAL I 72 27.82 5.38 25.28
C VAL I 72 28.24 6.84 25.12
N GLY I 73 27.53 7.58 24.26
CA GLY I 73 27.92 8.97 24.03
C GLY I 73 27.85 9.81 25.27
N ASN I 74 26.73 9.72 26.00
CA ASN I 74 26.54 10.51 27.20
C ASN I 74 27.47 10.08 28.32
N GLY I 75 27.70 8.77 28.47
CA GLY I 75 28.67 8.32 29.46
C GLY I 75 30.05 8.89 29.19
N LEU I 76 30.48 8.86 27.92
CA LEU I 76 31.81 9.35 27.60
C LEU I 76 31.92 10.86 27.83
N VAL I 77 30.99 11.63 27.26
CA VAL I 77 31.09 13.09 27.41
C VAL I 77 31.02 13.48 28.87
N ILE I 78 30.06 12.93 29.61
CA ILE I 78 29.93 13.28 31.03
C ILE I 78 31.19 12.91 31.79
N LEU I 79 31.73 11.70 31.54
CA LEU I 79 32.91 11.28 32.28
C LEU I 79 34.08 12.21 32.03
N VAL I 80 34.36 12.53 30.76
CA VAL I 80 35.50 13.39 30.46
C VAL I 80 35.29 14.78 31.02
N MET I 81 34.11 15.37 30.80
CA MET I 81 33.88 16.74 31.25
C MET I 81 33.88 16.85 32.77
N GLY I 82 33.33 15.86 33.46
CA GLY I 82 33.14 15.88 34.90
C GLY I 82 34.09 15.05 35.73
N TYR I 83 35.22 14.58 35.18
CA TYR I 83 36.07 13.78 36.06
C TYR I 83 37.56 13.93 35.85
N GLN I 84 38.02 14.39 34.69
CA GLN I 84 39.47 14.48 34.52
C GLN I 84 39.94 15.72 33.75
N LYS I 85 39.80 15.70 32.43
CA LYS I 85 40.27 16.81 31.59
C LYS I 85 39.54 18.11 31.92
N LYS I 86 38.25 18.00 32.24
CA LYS I 86 37.39 19.12 32.59
C LYS I 86 37.07 19.95 31.35
N LEU I 87 36.48 21.12 31.54
CA LEU I 87 36.02 21.97 30.46
C LEU I 87 36.69 23.33 30.36
N ARG I 88 37.26 23.62 29.20
CA ARG I 88 37.88 24.93 28.99
C ARG I 88 36.86 26.08 28.95
N SER I 89 35.73 25.89 28.28
CA SER I 89 34.76 26.96 28.08
C SER I 89 33.39 26.75 28.72
N MET I 90 32.81 27.87 29.17
CA MET I 90 31.49 27.96 29.79
C MET I 90 30.39 27.23 29.00
N THR I 91 30.54 27.15 27.68
CA THR I 91 29.55 26.46 26.87
C THR I 91 29.64 24.97 27.10
N ASP I 92 30.85 24.47 27.33
CA ASP I 92 31.00 23.07 27.65
C ASP I 92 30.27 22.79 28.97
N LYS I 93 30.30 23.75 29.90
CA LYS I 93 29.58 23.57 31.16
C LYS I 93 28.09 23.44 30.91
N TYR I 94 27.55 24.26 29.99
CA TYR I 94 26.12 24.11 29.72
C TYR I 94 25.87 22.72 29.11
N ARG I 95 26.76 22.31 28.21
CA ARG I 95 26.58 21.04 27.52
C ARG I 95 26.59 19.88 28.51
N LEU I 96 27.27 20.04 29.65
CA LEU I 96 27.29 18.97 30.63
C LEU I 96 25.91 18.73 31.22
N HIS I 97 25.19 19.83 31.51
CA HIS I 97 23.82 19.71 31.98
C HIS I 97 22.95 19.07 30.92
N LEU I 98 23.16 19.47 29.66
CA LEU I 98 22.41 18.85 28.57
C LEU I 98 22.69 17.35 28.50
N SER I 99 23.96 16.95 28.67
CA SER I 99 24.33 15.54 28.65
C SER I 99 23.69 14.77 29.81
N VAL I 100 23.67 15.37 31.00
CA VAL I 100 23.06 14.70 32.15
C VAL I 100 21.57 14.49 31.90
N ALA I 101 20.89 15.50 31.37
CA ALA I 101 19.47 15.35 31.06
C ALA I 101 19.25 14.26 30.02
N ASP I 102 20.10 14.23 28.98
CA ASP I 102 19.96 13.19 27.96
C ASP I 102 20.19 11.80 28.54
N LEU I 103 21.16 11.66 29.45
CA LEU I 103 21.39 10.37 30.10
C LEU I 103 20.19 9.96 30.93
N LEU I 104 19.61 10.90 31.68
CA LEU I 104 18.43 10.58 32.47
C LEU I 104 17.28 10.11 31.59
N PHE I 105 17.11 10.74 30.44
CA PHE I 105 16.07 10.29 29.51
C PHE I 105 16.40 8.88 29.00
N VAL I 106 17.62 8.68 28.53
CA VAL I 106 18.01 7.43 27.88
C VAL I 106 17.87 6.25 28.82
N ILE I 107 18.03 6.47 30.14
CA ILE I 107 17.94 5.39 31.10
C ILE I 107 16.61 4.64 31.01
N THR I 108 15.53 5.35 30.67
CA THR I 108 14.18 4.78 30.73
C THR I 108 13.72 4.13 29.42
N LEU I 109 14.55 4.10 28.38
CA LEU I 109 14.12 3.57 27.09
C LEU I 109 13.74 2.08 27.10
N PRO I 110 14.47 1.17 27.78
CA PRO I 110 14.06 -0.24 27.74
C PRO I 110 12.63 -0.48 28.20
N PHE I 111 12.16 0.28 29.19
CA PHE I 111 10.77 0.17 29.61
C PHE I 111 9.83 0.55 28.46
N TRP I 112 10.18 1.61 27.73
CA TRP I 112 9.38 2.00 26.57
C TRP I 112 9.32 0.90 25.54
N ALA I 113 10.46 0.27 25.24
CA ALA I 113 10.48 -0.79 24.24
C ALA I 113 9.66 -1.99 24.70
N VAL I 114 9.82 -2.40 25.96
CA VAL I 114 9.07 -3.55 26.47
C VAL I 114 7.57 -3.27 26.46
N ASP I 115 7.18 -2.06 26.88
CA ASP I 115 5.76 -1.70 26.85
C ASP I 115 5.24 -1.70 25.42
N ALA I 116 6.05 -1.22 24.47
CA ALA I 116 5.63 -1.21 23.08
C ALA I 116 5.41 -2.62 22.56
N VAL I 117 6.27 -3.56 22.96
CA VAL I 117 6.14 -4.94 22.47
C VAL I 117 5.17 -5.73 23.33
N ALA I 118 5.53 -5.93 24.60
CA ALA I 118 4.79 -6.80 25.51
C ALA I 118 3.95 -5.97 26.47
N ASN I 119 3.34 -6.65 27.44
CA ASN I 119 2.52 -5.99 28.43
C ASN I 119 3.38 -5.34 29.51
N TRP I 120 2.76 -4.49 30.32
CA TRP I 120 3.44 -3.85 31.43
C TRP I 120 3.50 -4.79 32.63
N TYR I 121 4.71 -4.98 33.18
CA TYR I 121 4.91 -5.86 34.31
C TYR I 121 5.62 -5.19 35.48
N PHE I 122 6.20 -4.00 35.29
CA PHE I 122 7.17 -3.47 36.26
C PHE I 122 6.52 -2.97 37.53
N GLY I 123 5.40 -2.25 37.43
CA GLY I 123 4.64 -1.83 38.59
C GLY I 123 4.32 -0.35 38.55
N ASN I 124 3.45 0.04 39.48
CA ASN I 124 2.91 1.40 39.52
C ASN I 124 4.01 2.43 39.81
N PHE I 125 4.89 2.13 40.77
CA PHE I 125 5.95 3.07 41.10
C PHE I 125 6.91 3.29 39.94
N LEU I 126 7.25 2.23 39.22
CA LEU I 126 8.13 2.39 38.07
C LEU I 126 7.44 3.14 36.95
N CYS I 127 6.13 2.95 36.78
CA CYS I 127 5.37 3.75 35.81
C CYS I 127 5.45 5.24 36.15
N LYS I 128 5.21 5.58 37.42
CA LYS I 128 5.29 6.99 37.83
C LYS I 128 6.69 7.54 37.63
N ALA I 129 7.72 6.76 38.00
CA ALA I 129 9.09 7.24 37.86
C ALA I 129 9.46 7.46 36.40
N VAL I 130 9.05 6.54 35.53
CA VAL I 130 9.33 6.69 34.10
C VAL I 130 8.69 7.96 33.56
N HIS I 131 7.41 8.18 33.90
CA HIS I 131 6.74 9.37 33.40
C HIS I 131 7.39 10.65 33.94
N VAL I 132 7.77 10.65 35.22
CA VAL I 132 8.38 11.83 35.82
C VAL I 132 9.71 12.14 35.13
N ILE I 133 10.54 11.12 34.91
CA ILE I 133 11.83 11.35 34.28
C ILE I 133 11.65 11.83 32.85
N TYR I 134 10.68 11.25 32.12
CA TYR I 134 10.41 11.65 30.76
C TYR I 134 9.99 13.12 30.70
N THR I 135 9.15 13.55 31.63
CA THR I 135 8.72 14.94 31.65
C THR I 135 9.86 15.87 32.04
N VAL I 136 10.74 15.44 32.95
CA VAL I 136 11.81 16.30 33.42
C VAL I 136 12.83 16.56 32.30
N SER I 137 13.25 15.50 31.61
CA SER I 137 14.40 15.60 30.71
C SER I 137 14.14 16.57 29.56
N LEU I 138 12.95 16.51 28.97
CA LEU I 138 12.63 17.35 27.81
C LEU I 138 12.73 18.83 28.16
N TYR I 139 12.04 19.24 29.23
CA TYR I 139 12.07 20.64 29.63
C TYR I 139 13.47 21.07 30.05
N SER I 140 14.19 20.18 30.73
CA SER I 140 15.57 20.51 31.11
C SER I 140 16.41 20.81 29.89
N SER I 141 16.32 19.96 28.87
CA SER I 141 17.12 20.16 27.66
C SER I 141 16.75 21.48 26.97
N VAL I 142 15.44 21.75 26.86
CA VAL I 142 15.01 22.96 26.15
C VAL I 142 15.51 24.20 26.87
N LEU I 143 15.38 24.23 28.20
CA LEU I 143 15.81 25.42 28.92
C LEU I 143 17.33 25.55 28.95
N ILE I 144 18.07 24.44 28.93
CA ILE I 144 19.53 24.55 28.79
C ILE I 144 19.89 25.16 27.45
N LEU I 145 19.19 24.77 26.39
CA LEU I 145 19.44 25.40 25.09
C LEU I 145 19.16 26.90 25.14
N ALA I 146 18.05 27.29 25.79
CA ALA I 146 17.74 28.71 25.89
C ALA I 146 18.84 29.44 26.64
N PHE I 147 19.35 28.84 27.71
CA PHE I 147 20.42 29.45 28.49
C PHE I 147 21.67 29.61 27.63
N ILE I 148 21.97 28.61 26.79
CA ILE I 148 23.15 28.71 25.94
C ILE I 148 22.99 29.88 24.99
N SER I 149 21.80 30.06 24.43
CA SER I 149 21.57 31.18 23.51
C SER I 149 21.74 32.51 24.24
N LEU I 150 21.21 32.60 25.46
CA LEU I 150 21.33 33.82 26.25
C LEU I 150 22.79 34.12 26.56
N ASP I 151 23.57 33.08 26.88
CA ASP I 151 24.98 33.29 27.15
C ASP I 151 25.69 33.77 25.90
N ARG I 152 25.34 33.23 24.74
CA ARG I 152 25.94 33.69 23.49
C ARG I 152 25.66 35.17 23.30
N TYR I 153 24.39 35.56 23.47
CA TYR I 153 23.99 36.96 23.35
C TYR I 153 24.86 37.86 24.24
N LEU I 154 25.02 37.46 25.51
CA LEU I 154 25.85 38.26 26.42
C LEU I 154 27.30 38.26 25.99
N ALA I 155 27.80 37.15 25.45
CA ALA I 155 29.20 37.05 25.08
C ALA I 155 29.51 37.89 23.86
N ILE I 156 28.52 38.08 22.99
CA ILE I 156 28.71 38.79 21.74
C ILE I 156 28.56 40.29 21.93
N VAL I 157 27.40 40.73 22.43
CA VAL I 157 27.16 42.17 22.39
C VAL I 157 27.82 42.89 23.56
N HIS I 158 27.73 42.34 24.76
CA HIS I 158 28.26 42.96 25.97
C HIS I 158 29.54 42.28 26.44
N ALA I 159 30.42 41.92 25.51
CA ALA I 159 31.61 41.15 25.86
C ALA I 159 32.50 41.88 26.85
N THR I 160 32.74 43.17 26.61
CA THR I 160 33.65 43.92 27.47
C THR I 160 33.04 44.13 28.85
N ASN I 161 31.79 44.59 28.89
CA ASN I 161 31.17 45.01 30.14
C ASN I 161 30.78 43.81 31.00
N SER I 162 30.33 42.72 30.37
CA SER I 162 29.56 41.71 31.09
C SER I 162 30.23 40.35 31.27
N GLN I 163 31.44 40.31 31.84
CA GLN I 163 32.02 39.00 32.12
C GLN I 163 31.52 38.47 33.46
N ARG I 164 31.44 39.35 34.46
CA ARG I 164 30.96 38.94 35.77
C ARG I 164 29.52 38.45 35.70
N PRO I 165 28.60 39.12 34.97
CA PRO I 165 27.23 38.58 34.89
C PRO I 165 27.22 37.22 34.24
N ARG I 166 28.02 37.02 33.19
CA ARG I 166 28.05 35.72 32.52
C ARG I 166 28.50 34.63 33.49
N LYS I 167 29.56 34.90 34.25
CA LYS I 167 30.04 33.89 35.20
C LYS I 167 28.97 33.60 36.25
N LEU I 168 28.33 34.65 36.78
CA LEU I 168 27.32 34.45 37.81
C LEU I 168 26.14 33.65 37.28
N LEU I 169 25.68 33.97 36.06
CA LEU I 169 24.55 33.27 35.47
C LEU I 169 24.88 31.81 35.22
N ALA I 170 26.10 31.54 34.76
CA ALA I 170 26.49 30.17 34.44
C ALA I 170 26.86 29.36 35.67
N GLU I 171 27.08 29.99 36.82
CA GLU I 171 27.49 29.26 38.00
C GLU I 171 26.34 29.02 38.98
N LYS I 172 25.51 30.02 39.22
CA LYS I 172 24.52 29.96 40.29
C LYS I 172 23.10 29.97 39.77
N VAL I 173 22.78 30.88 38.84
CA VAL I 173 21.39 31.12 38.47
C VAL I 173 20.82 29.93 37.69
N VAL I 174 21.67 29.17 37.01
CA VAL I 174 21.21 28.15 36.08
C VAL I 174 20.37 27.10 36.78
N TYR I 175 20.73 26.74 38.03
CA TYR I 175 19.97 25.73 38.75
C TYR I 175 18.53 26.17 38.95
N VAL I 176 18.32 27.37 39.49
CA VAL I 176 16.97 27.89 39.66
C VAL I 176 16.29 28.05 38.31
N GLY I 177 17.06 28.42 37.29
CA GLY I 177 16.47 28.67 35.99
C GLY I 177 15.88 27.43 35.33
N VAL I 178 16.59 26.31 35.39
CA VAL I 178 16.22 25.12 34.63
C VAL I 178 15.68 24.00 35.52
N TRP I 179 16.39 23.67 36.61
CA TRP I 179 16.05 22.46 37.34
C TRP I 179 14.81 22.63 38.22
N ILE I 180 14.59 23.83 38.75
CA ILE I 180 13.43 24.10 39.59
C ILE I 180 12.14 24.06 38.78
N PRO I 181 11.98 24.84 37.71
CA PRO I 181 10.71 24.76 36.96
C PRO I 181 10.46 23.40 36.34
N ALA I 182 11.52 22.71 35.88
CA ALA I 182 11.33 21.38 35.33
C ALA I 182 10.78 20.41 36.36
N LEU I 183 11.31 20.48 37.59
CA LEU I 183 10.77 19.67 38.67
C LEU I 183 9.35 20.08 39.00
N LEU I 184 9.07 21.39 38.98
CA LEU I 184 7.77 21.90 39.37
C LEU I 184 6.68 21.48 38.38
N LEU I 185 7.02 21.39 37.10
CA LEU I 185 6.02 21.10 36.08
C LEU I 185 5.59 19.64 36.07
N THR I 186 6.18 18.80 36.92
CA THR I 186 5.90 17.36 36.94
C THR I 186 4.76 16.96 37.88
N ILE I 187 4.17 17.90 38.63
CA ILE I 187 3.12 17.53 39.58
C ILE I 187 1.92 16.91 38.85
N PRO I 188 1.51 17.38 37.67
CA PRO I 188 0.37 16.72 37.00
C PRO I 188 0.69 15.28 36.68
N ASP I 189 1.89 15.00 36.22
CA ASP I 189 2.25 13.61 35.95
C ASP I 189 2.33 12.83 37.26
N PHE I 190 2.87 13.47 38.30
CA PHE I 190 2.99 12.83 39.61
C PHE I 190 1.65 12.37 40.16
N ILE I 191 0.58 13.10 39.88
CA ILE I 191 -0.75 12.68 40.33
C ILE I 191 -1.45 11.76 39.34
N PHE I 192 -1.47 12.12 38.05
CA PHE I 192 -2.37 11.48 37.09
C PHE I 192 -1.74 10.36 36.27
N ALA I 193 -0.55 9.88 36.63
CA ALA I 193 0.07 8.77 35.91
C ALA I 193 0.00 7.53 36.79
N ASN I 194 -0.66 6.49 36.30
CA ASN I 194 -0.76 5.26 37.08
C ASN I 194 -1.11 4.09 36.18
N VAL I 195 -0.97 2.87 36.72
CA VAL I 195 -1.23 1.65 35.97
C VAL I 195 -2.63 1.14 36.30
N SER I 196 -3.36 0.76 35.27
CA SER I 196 -4.72 0.24 35.38
C SER I 196 -4.77 -1.22 34.98
N GLU I 197 -5.63 -1.97 35.67
CA GLU I 197 -5.80 -3.40 35.44
C GLU I 197 -6.98 -3.60 34.50
N ALA I 198 -6.70 -3.92 33.24
CA ALA I 198 -7.73 -4.24 32.26
C ALA I 198 -7.64 -5.74 32.01
N ASP I 199 -8.59 -6.50 32.58
CA ASP I 199 -8.56 -7.95 32.51
C ASP I 199 -7.23 -8.50 33.05
N ASP I 200 -6.43 -9.11 32.18
CA ASP I 200 -5.13 -9.62 32.57
C ASP I 200 -3.97 -8.76 32.07
N ARG I 201 -4.26 -7.59 31.52
CA ARG I 201 -3.27 -6.70 30.94
C ARG I 201 -3.14 -5.44 31.78
N TYR I 202 -1.91 -5.09 32.14
CA TYR I 202 -1.64 -3.89 32.92
C TYR I 202 -1.24 -2.77 31.97
N ILE I 203 -1.80 -1.59 32.18
CA ILE I 203 -1.61 -0.44 31.29
C ILE I 203 -1.01 0.70 32.10
N CYS I 204 0.16 1.17 31.69
CA CYS I 204 0.80 2.32 32.31
C CYS I 204 0.55 3.54 31.44
N ASP I 205 -0.29 4.44 31.92
CA ASP I 205 -0.72 5.59 31.14
C ASP I 205 -1.14 6.70 32.10
N ARG I 206 -1.66 7.78 31.52
CA ARG I 206 -2.13 8.96 32.24
C ARG I 206 -3.64 8.98 32.25
N PHE I 207 -4.23 8.88 33.43
CA PHE I 207 -5.68 8.79 33.58
C PHE I 207 -6.18 10.12 34.18
N TYR I 208 -6.58 11.03 33.31
CA TYR I 208 -7.01 12.36 33.72
C TYR I 208 -8.47 12.36 34.16
N PRO I 209 -8.86 13.31 35.02
CA PRO I 209 -10.26 13.37 35.46
C PRO I 209 -11.26 13.53 34.33
N ASN I 210 -10.95 14.33 33.32
CA ASN I 210 -11.82 14.47 32.16
C ASN I 210 -10.97 14.91 30.97
N ASP I 211 -11.65 15.29 29.88
CA ASP I 211 -10.97 15.45 28.60
C ASP I 211 -10.10 16.71 28.57
N LEU I 212 -10.62 17.83 29.08
CA LEU I 212 -9.96 19.12 28.89
C LEU I 212 -8.58 19.20 29.55
N TRP I 213 -8.29 18.34 30.53
CA TRP I 213 -6.98 18.38 31.18
C TRP I 213 -5.87 18.09 30.18
N VAL I 214 -6.07 17.10 29.30
CA VAL I 214 -5.03 16.79 28.33
C VAL I 214 -4.84 17.95 27.35
N VAL I 215 -5.92 18.65 27.00
CA VAL I 215 -5.79 19.81 26.11
C VAL I 215 -4.95 20.89 26.79
N VAL I 216 -5.25 21.16 28.06
CA VAL I 216 -4.50 22.18 28.78
C VAL I 216 -3.03 21.81 28.89
N PHE I 217 -2.75 20.53 29.19
CA PHE I 217 -1.37 20.12 29.38
C PHE I 217 -0.61 20.07 28.05
N GLN I 218 -1.28 19.71 26.95
CA GLN I 218 -0.65 19.81 25.64
C GLN I 218 -0.35 21.26 25.30
N PHE I 219 -1.26 22.18 25.63
CA PHE I 219 -1.00 23.59 25.38
C PHE I 219 0.19 24.09 26.18
N GLN I 220 0.30 23.70 27.45
CA GLN I 220 1.47 24.16 28.21
C GLN I 220 2.75 23.51 27.68
N HIS I 221 2.65 22.26 27.23
CA HIS I 221 3.78 21.59 26.60
C HIS I 221 4.29 22.42 25.42
N ILE I 222 3.37 22.80 24.53
CA ILE I 222 3.76 23.61 23.38
C ILE I 222 4.33 24.95 23.82
N MET I 223 3.63 25.65 24.71
CA MET I 223 4.03 27.00 25.09
C MET I 223 5.38 27.04 25.80
N VAL I 224 5.74 25.95 26.50
CA VAL I 224 7.00 25.95 27.24
C VAL I 224 8.14 25.26 26.47
N GLY I 225 7.83 24.39 25.51
CA GLY I 225 8.87 23.74 24.75
C GLY I 225 9.24 24.46 23.48
N LEU I 226 8.23 24.84 22.70
CA LEU I 226 8.45 25.40 21.36
C LEU I 226 8.46 26.92 21.34
N ILE I 227 7.41 27.56 21.85
CA ILE I 227 7.17 28.97 21.54
C ILE I 227 8.13 29.87 22.30
N LEU I 228 8.05 29.88 23.64
CA LEU I 228 8.82 30.86 24.40
C LEU I 228 10.34 30.70 24.26
N PRO I 229 10.93 29.51 24.43
CA PRO I 229 12.36 29.37 24.12
C PRO I 229 12.70 29.66 22.68
N GLY I 230 11.82 29.31 21.74
CA GLY I 230 12.06 29.68 20.35
C GLY I 230 12.14 31.17 20.15
N ILE I 231 11.22 31.91 20.78
CA ILE I 231 11.23 33.37 20.68
C ILE I 231 12.53 33.92 21.25
N VAL I 232 12.96 33.41 22.40
CA VAL I 232 14.19 33.90 23.02
C VAL I 232 15.39 33.62 22.11
N ILE I 233 15.48 32.40 21.58
CA ILE I 233 16.62 32.03 20.75
C ILE I 233 16.66 32.86 19.47
N LEU I 234 15.51 32.99 18.80
CA LEU I 234 15.46 33.77 17.56
C LEU I 234 15.80 35.23 17.81
N SER I 235 15.28 35.83 18.88
CA SER I 235 15.59 37.23 19.16
C SER I 235 17.08 37.39 19.44
N CYS I 236 17.65 36.48 20.23
CA CYS I 236 19.07 36.60 20.56
C CYS I 236 19.92 36.49 19.31
N TYR I 237 19.63 35.49 18.46
CA TYR I 237 20.46 35.32 17.27
C TYR I 237 20.26 36.47 16.30
N CYS I 238 19.08 37.08 16.27
CA CYS I 238 18.89 38.23 15.40
C CYS I 238 19.80 39.36 15.86
N ILE I 239 19.82 39.63 17.17
CA ILE I 239 20.69 40.71 17.66
C ILE I 239 22.16 40.42 17.38
N ILE I 240 22.61 39.16 17.58
CA ILE I 240 24.01 38.85 17.28
C ILE I 240 24.30 39.04 15.80
N ILE I 241 23.39 38.59 14.92
CA ILE I 241 23.61 38.75 13.49
C ILE I 241 23.70 40.21 13.13
N SER I 242 22.81 41.05 13.70
CA SER I 242 22.85 42.46 13.40
C SER I 242 24.18 43.08 13.84
N LYS I 243 24.63 42.73 15.06
CA LYS I 243 25.90 43.28 15.54
C LYS I 243 27.06 42.84 14.67
N LEU I 244 27.08 41.57 14.27
CA LEU I 244 28.16 41.05 13.44
C LEU I 244 28.20 41.76 12.09
N SER I 245 27.03 41.99 11.49
CA SER I 245 26.98 42.66 10.20
C SER I 245 27.51 44.09 10.31
N HIS I 246 27.17 44.78 11.40
CA HIS I 246 27.62 46.14 11.61
C HIS I 246 28.89 46.18 12.47
N ARG I 253 32.46 33.24 13.30
CA ARG I 253 32.80 32.81 14.66
C ARG I 253 32.54 31.31 14.81
N LYS I 254 33.60 30.56 15.14
CA LYS I 254 33.47 29.11 15.27
C LYS I 254 32.49 28.73 16.37
N ALA I 255 32.52 29.45 17.49
CA ALA I 255 31.61 29.17 18.59
C ALA I 255 30.17 29.38 18.16
N LEU I 256 29.91 30.46 17.43
CA LEU I 256 28.54 30.70 17.00
C LEU I 256 28.05 29.57 16.10
N LYS I 257 28.89 29.13 15.16
CA LYS I 257 28.50 28.05 14.25
C LYS I 257 28.20 26.77 15.01
N THR I 258 29.08 26.41 15.95
CA THR I 258 28.88 25.17 16.71
C THR I 258 27.61 25.23 17.55
N THR I 259 27.30 26.38 18.16
CA THR I 259 26.08 26.35 18.96
C THR I 259 24.84 26.64 18.13
N VAL I 260 24.99 27.00 16.86
CA VAL I 260 23.83 27.24 16.00
C VAL I 260 23.36 25.92 15.42
N ILE I 261 24.31 25.05 15.06
CA ILE I 261 23.96 23.77 14.46
C ILE I 261 23.23 22.90 15.48
N LEU I 262 23.63 22.96 16.75
CA LEU I 262 22.97 22.16 17.78
C LEU I 262 21.52 22.55 17.91
N ILE I 263 21.23 23.85 17.85
CA ILE I 263 19.88 24.34 18.09
C ILE I 263 18.99 24.04 16.89
N LEU I 264 19.49 24.31 15.68
CA LEU I 264 18.67 24.01 14.50
C LEU I 264 18.41 22.51 14.40
N ALA I 265 19.42 21.68 14.65
CA ALA I 265 19.20 20.24 14.62
C ALA I 265 18.25 19.77 15.71
N PHE I 266 18.20 20.47 16.85
CA PHE I 266 17.26 20.10 17.91
C PHE I 266 15.83 20.43 17.50
N PHE I 267 15.61 21.63 16.96
CA PHE I 267 14.25 22.01 16.64
C PHE I 267 13.79 21.40 15.32
N ALA I 268 14.70 20.91 14.48
CA ALA I 268 14.26 20.22 13.28
C ALA I 268 13.75 18.84 13.64
N CYS I 269 14.30 18.24 14.68
CA CYS I 269 13.81 16.94 15.13
C CYS I 269 12.48 17.10 15.86
N TRP I 270 12.37 18.14 16.70
CA TRP I 270 11.13 18.30 17.45
C TRP I 270 9.98 18.91 16.66
N LEU I 271 10.25 19.57 15.53
CA LEU I 271 9.19 20.30 14.83
C LEU I 271 8.03 19.43 14.35
N PRO I 272 8.24 18.32 13.64
CA PRO I 272 7.08 17.53 13.17
C PRO I 272 6.18 16.97 14.26
N TYR I 273 6.67 16.89 15.51
CA TYR I 273 5.84 16.40 16.59
C TYR I 273 4.80 17.44 17.02
N TYR I 274 5.20 18.70 17.07
CA TYR I 274 4.33 19.73 17.60
C TYR I 274 3.16 20.07 16.68
N ILE I 275 3.31 19.94 15.37
CA ILE I 275 2.12 20.02 14.51
C ILE I 275 1.18 18.85 14.77
N GLY I 276 1.72 17.66 15.05
CA GLY I 276 0.88 16.53 15.42
C GLY I 276 0.09 16.78 16.69
N ILE I 277 0.73 17.39 17.68
CA ILE I 277 0.04 17.71 18.93
C ILE I 277 -0.98 18.82 18.69
N SER I 278 -0.58 19.90 18.02
CA SER I 278 -1.49 21.01 17.76
C SER I 278 -2.76 20.53 17.08
N ILE I 279 -2.62 19.72 16.02
CA ILE I 279 -3.78 19.18 15.32
C ILE I 279 -4.60 18.27 16.23
N ASP I 280 -3.93 17.45 17.05
CA ASP I 280 -4.70 16.60 17.95
C ASP I 280 -5.53 17.42 18.93
N SER I 281 -4.95 18.48 19.47
CA SER I 281 -5.69 19.35 20.39
C SER I 281 -6.86 20.03 19.70
N PHE I 282 -6.66 20.52 18.47
CA PHE I 282 -7.77 21.16 17.77
C PHE I 282 -8.88 20.16 17.48
N ILE I 283 -8.52 18.93 17.11
CA ILE I 283 -9.51 17.89 16.86
C ILE I 283 -10.29 17.58 18.13
N LEU I 284 -9.60 17.56 19.27
CA LEU I 284 -10.24 17.31 20.55
C LEU I 284 -11.28 18.38 20.90
N LEU I 285 -11.00 19.65 20.63
CA LEU I 285 -11.93 20.71 20.97
C LEU I 285 -13.04 20.93 19.93
N GLU I 286 -13.37 19.95 19.10
CA GLU I 286 -14.38 20.09 18.05
C GLU I 286 -14.14 21.36 17.24
N ILE I 287 -12.93 21.51 16.71
CA ILE I 287 -12.63 22.58 15.76
C ILE I 287 -12.24 21.96 14.43
N ILE I 288 -11.67 20.77 14.46
CA ILE I 288 -11.28 20.05 13.26
C ILE I 288 -12.02 18.72 13.26
N LYS I 289 -13.22 18.69 12.67
CA LYS I 289 -14.03 17.48 12.62
C LYS I 289 -13.86 16.84 11.24
N GLN I 290 -12.72 16.20 11.04
CA GLN I 290 -12.42 15.53 9.78
C GLN I 290 -12.79 14.06 9.76
N GLY I 291 -13.38 13.53 10.83
CA GLY I 291 -13.77 12.13 10.88
C GLY I 291 -13.05 11.39 11.99
N CYS I 292 -12.84 10.10 11.76
CA CYS I 292 -12.07 9.28 12.71
C CYS I 292 -10.88 8.57 12.07
N GLU I 293 -10.94 8.23 10.79
CA GLU I 293 -9.76 7.73 10.11
C GLU I 293 -8.63 8.76 10.15
N PHE I 294 -9.00 10.04 10.05
CA PHE I 294 -8.03 11.11 10.24
C PHE I 294 -7.46 11.09 11.65
N GLU I 295 -8.30 10.81 12.64
CA GLU I 295 -7.83 10.73 14.02
C GLU I 295 -6.84 9.59 14.22
N ASN I 296 -7.12 8.42 13.67
CA ASN I 296 -6.19 7.30 13.79
C ASN I 296 -4.89 7.59 13.04
N THR I 297 -5.00 8.22 11.87
CA THR I 297 -3.81 8.57 11.10
C THR I 297 -2.93 9.55 11.88
N VAL I 298 -3.54 10.57 12.49
CA VAL I 298 -2.74 11.54 13.24
C VAL I 298 -2.17 10.92 14.50
N HIS I 299 -2.88 9.95 15.10
CA HIS I 299 -2.32 9.24 16.25
C HIS I 299 -1.07 8.46 15.85
N LYS I 300 -1.14 7.75 14.72
CA LYS I 300 0.03 7.02 14.24
C LYS I 300 1.16 7.98 13.90
N TRP I 301 0.82 9.13 13.31
CA TRP I 301 1.82 10.15 13.01
C TRP I 301 2.50 10.64 14.28
N ILE I 302 1.73 10.89 15.33
CA ILE I 302 2.30 11.36 16.60
C ILE I 302 3.25 10.31 17.15
N SER I 303 2.83 9.04 17.14
CA SER I 303 3.67 7.98 17.68
C SER I 303 4.99 7.88 16.93
N ILE I 304 4.92 7.77 15.61
CA ILE I 304 6.14 7.62 14.82
C ILE I 304 7.01 8.86 14.95
N THR I 305 6.39 10.04 15.01
CA THR I 305 7.18 11.27 15.02
C THR I 305 7.89 11.46 16.35
N GLU I 306 7.25 11.10 17.46
CA GLU I 306 7.97 11.17 18.73
C GLU I 306 9.08 10.12 18.79
N ALA I 307 8.83 8.94 18.22
CA ALA I 307 9.88 7.92 18.16
C ALA I 307 11.09 8.43 17.38
N LEU I 308 10.85 9.14 16.27
CA LEU I 308 11.95 9.69 15.49
C LEU I 308 12.59 10.89 16.17
N ALA I 309 11.81 11.67 16.91
CA ALA I 309 12.31 12.88 17.54
C ALA I 309 13.06 12.61 18.83
N PHE I 310 13.01 11.37 19.32
CA PHE I 310 13.81 11.02 20.49
C PHE I 310 15.32 11.11 20.22
N PHE I 311 15.72 11.53 19.00
CA PHE I 311 17.13 11.62 18.63
C PHE I 311 17.86 12.79 19.28
N HIS I 312 17.15 13.65 20.02
CA HIS I 312 17.80 14.82 20.61
C HIS I 312 18.81 14.43 21.68
N CYS I 313 18.68 13.25 22.29
CA CYS I 313 19.70 12.79 23.22
C CYS I 313 20.94 12.29 22.50
N CYS I 314 20.76 11.67 21.33
CA CYS I 314 21.89 11.17 20.56
C CYS I 314 22.65 12.29 19.85
N LEU I 315 21.96 13.39 19.53
CA LEU I 315 22.59 14.44 18.73
C LEU I 315 23.72 15.15 19.47
N ASN I 316 23.61 15.29 20.79
CA ASN I 316 24.59 16.08 21.53
C ASN I 316 26.02 15.53 21.46
N PRO I 317 26.29 14.26 21.79
CA PRO I 317 27.70 13.81 21.78
C PRO I 317 28.32 13.75 20.40
N ILE I 318 27.51 13.59 19.35
CA ILE I 318 28.06 13.46 18.00
C ILE I 318 28.80 14.73 17.58
N LEU I 319 28.25 15.89 17.92
CA LEU I 319 28.86 17.14 17.48
C LEU I 319 30.27 17.29 18.03
N TYR I 320 30.57 16.68 19.18
CA TYR I 320 31.95 16.71 19.67
C TYR I 320 32.86 15.92 18.74
N ALA I 321 32.37 14.78 18.24
CA ALA I 321 33.17 13.94 17.35
C ALA I 321 33.42 14.65 16.04
N PHE I 322 32.39 15.27 15.47
CA PHE I 322 32.54 15.87 14.15
C PHE I 322 33.18 17.26 14.22
N LEU I 323 32.51 18.20 14.89
CA LEU I 323 33.00 19.57 14.91
C LEU I 323 34.20 19.72 15.85
N GLY I 324 34.13 19.09 17.02
CA GLY I 324 35.20 19.21 18.00
C GLY I 324 36.49 18.56 17.55
N ASP J 1 -28.82 1.62 -6.26
CA ASP J 1 -28.33 2.67 -5.37
C ASP J 1 -28.89 2.52 -3.96
N VAL J 2 -28.48 3.43 -3.07
CA VAL J 2 -28.94 3.38 -1.69
C VAL J 2 -30.45 3.58 -1.65
N VAL J 3 -31.14 2.76 -0.86
CA VAL J 3 -32.58 2.81 -0.71
C VAL J 3 -32.92 3.11 0.74
N MET J 4 -33.78 4.10 0.97
CA MET J 4 -34.16 4.53 2.30
C MET J 4 -35.67 4.34 2.50
N THR J 5 -36.04 3.68 3.59
CA THR J 5 -37.44 3.49 3.97
C THR J 5 -37.77 4.45 5.11
N GLN J 6 -38.89 5.15 5.00
CA GLN J 6 -39.30 6.15 5.96
C GLN J 6 -40.56 5.69 6.69
N SER J 7 -40.58 5.84 8.01
CA SER J 7 -41.72 5.44 8.82
C SER J 7 -42.06 6.53 9.82
N PRO J 8 -43.34 6.69 10.16
CA PRO J 8 -44.50 5.99 9.57
C PRO J 8 -44.97 6.64 8.27
N LEU J 9 -45.77 5.91 7.48
CA LEU J 9 -46.28 6.48 6.24
C LEU J 9 -47.31 7.57 6.51
N SER J 10 -48.17 7.36 7.50
CA SER J 10 -49.16 8.33 7.92
C SER J 10 -49.03 8.54 9.42
N LEU J 11 -48.92 9.79 9.85
CA LEU J 11 -48.67 10.13 11.25
C LEU J 11 -49.70 11.14 11.71
N PRO J 12 -50.84 10.70 12.22
CA PRO J 12 -51.79 11.64 12.84
C PRO J 12 -51.21 12.18 14.13
N VAL J 13 -51.22 13.51 14.27
CA VAL J 13 -50.67 14.16 15.45
C VAL J 13 -51.68 15.17 15.98
N THR J 14 -51.64 15.37 17.29
CA THR J 14 -52.54 16.31 17.96
C THR J 14 -51.80 17.61 18.23
N LEU J 15 -52.52 18.73 18.07
CA LEU J 15 -51.92 20.05 18.23
C LEU J 15 -51.29 20.19 19.62
N GLY J 16 -50.10 20.78 19.66
CA GLY J 16 -49.41 20.97 20.92
C GLY J 16 -48.67 19.77 21.44
N GLN J 17 -48.47 18.75 20.62
CA GLN J 17 -47.76 17.54 21.04
C GLN J 17 -46.62 17.24 20.09
N PRO J 18 -45.49 16.75 20.60
CA PRO J 18 -44.35 16.45 19.74
C PRO J 18 -44.60 15.23 18.87
N ALA J 19 -43.84 15.14 17.78
CA ALA J 19 -43.95 13.97 16.90
C ALA J 19 -42.60 13.66 16.29
N SER J 20 -42.41 12.40 15.90
CA SER J 20 -41.14 11.94 15.36
C SER J 20 -41.34 11.09 14.11
N ILE J 21 -40.49 11.32 13.12
CA ILE J 21 -40.45 10.57 11.87
C ILE J 21 -39.03 10.04 11.71
N SER J 22 -38.88 8.77 11.36
CA SER J 22 -37.55 8.20 11.26
C SER J 22 -37.40 7.40 9.98
N CYS J 23 -36.28 7.60 9.30
CA CYS J 23 -36.01 6.85 8.09
C CYS J 23 -34.68 6.13 8.17
N ARG J 24 -34.67 4.88 7.70
CA ARG J 24 -33.54 3.98 7.77
C ARG J 24 -33.00 3.71 6.38
N SER J 25 -31.68 3.65 6.26
CA SER J 25 -31.02 3.46 4.98
C SER J 25 -30.68 1.98 4.81
N SER J 26 -30.06 1.65 3.67
CA SER J 26 -29.60 0.30 3.39
C SER J 26 -28.09 0.21 3.32
N GLN J 27 -27.39 1.35 3.33
CA GLN J 27 -25.94 1.44 3.31
C GLN J 27 -25.54 2.56 4.27
N SER J 28 -24.42 2.41 4.96
CA SER J 28 -24.01 3.42 5.92
C SER J 28 -23.75 4.75 5.22
N LEU J 29 -24.35 5.82 5.75
CA LEU J 29 -24.19 7.16 5.18
C LEU J 29 -23.00 7.89 5.79
N VAL J 30 -21.81 7.33 5.60
CA VAL J 30 -20.60 7.97 6.09
C VAL J 30 -19.69 8.20 4.89
N TYR J 31 -19.34 9.45 4.65
CA TYR J 31 -18.47 9.83 3.56
C TYR J 31 -17.01 9.56 3.92
N THR J 32 -16.18 9.50 2.89
CA THR J 32 -14.76 9.31 3.11
C THR J 32 -14.20 10.49 3.90
N ASP J 33 -14.71 11.69 3.63
CA ASP J 33 -14.27 12.87 4.36
C ASP J 33 -14.53 12.74 5.85
N GLY J 34 -15.70 12.22 6.23
CA GLY J 34 -15.96 12.01 7.64
C GLY J 34 -17.29 12.55 8.14
N ASN J 35 -18.15 13.00 7.23
CA ASN J 35 -19.44 13.56 7.56
C ASN J 35 -20.57 12.68 7.04
N THR J 36 -21.79 13.02 7.42
CA THR J 36 -22.99 12.38 6.91
C THR J 36 -23.88 13.43 6.27
N TYR J 37 -24.18 13.25 4.98
CA TYR J 37 -24.96 14.21 4.20
C TYR J 37 -26.36 13.64 4.02
N LEU J 38 -27.22 13.89 4.99
CA LEU J 38 -28.63 13.53 4.92
C LEU J 38 -29.44 14.72 5.37
N ASN J 39 -30.39 15.15 4.54
CA ASN J 39 -31.16 16.35 4.83
C ASN J 39 -32.64 16.10 4.63
N TRP J 40 -33.45 16.92 5.30
CA TRP J 40 -34.90 16.74 5.33
C TRP J 40 -35.61 17.89 4.65
N PHE J 41 -36.69 17.57 3.95
CA PHE J 41 -37.51 18.53 3.22
C PHE J 41 -38.94 18.46 3.72
N GLN J 42 -39.66 19.57 3.55
CA GLN J 42 -41.10 19.65 3.80
C GLN J 42 -41.76 20.27 2.59
N GLN J 43 -42.82 19.62 2.10
CA GLN J 43 -43.55 20.06 0.93
C GLN J 43 -45.00 20.32 1.31
N ARG J 44 -45.36 21.60 1.37
CA ARG J 44 -46.73 22.00 1.60
C ARG J 44 -47.55 21.73 0.32
N PRO J 45 -48.86 21.50 0.44
CA PRO J 45 -49.65 21.16 -0.76
C PRO J 45 -49.72 22.32 -1.74
N GLY J 46 -49.17 22.11 -2.93
CA GLY J 46 -49.23 23.08 -4.01
C GLY J 46 -48.00 23.94 -4.23
N GLN J 47 -46.93 23.72 -3.47
CA GLN J 47 -45.70 24.50 -3.64
C GLN J 47 -44.49 23.57 -3.58
N SER J 48 -43.37 24.08 -4.05
CA SER J 48 -42.15 23.28 -4.13
C SER J 48 -41.63 22.96 -2.73
N PRO J 49 -41.00 21.80 -2.56
CA PRO J 49 -40.42 21.45 -1.27
C PRO J 49 -39.34 22.44 -0.85
N ARG J 50 -39.24 22.67 0.46
CA ARG J 50 -38.22 23.53 1.03
C ARG J 50 -37.34 22.70 1.97
N ARG J 51 -36.18 23.26 2.30
CA ARG J 51 -35.21 22.58 3.13
C ARG J 51 -35.40 22.98 4.59
N LEU J 52 -35.49 22.00 5.48
CA LEU J 52 -35.63 22.26 6.91
C LEU J 52 -34.31 22.13 7.64
N ILE J 53 -33.66 20.96 7.55
CA ILE J 53 -32.37 20.74 8.18
C ILE J 53 -31.45 20.06 7.17
N TYR J 54 -30.21 20.56 7.09
CA TYR J 54 -29.17 19.99 6.24
C TYR J 54 -28.15 19.28 7.11
N LYS J 55 -27.66 18.14 6.64
CA LYS J 55 -26.87 17.21 7.44
C LYS J 55 -27.72 16.66 8.57
N VAL J 56 -27.11 15.90 9.48
CA VAL J 56 -27.90 15.15 10.45
C VAL J 56 -28.63 16.08 11.40
N SER J 57 -27.96 17.14 11.88
CA SER J 57 -28.51 17.98 12.93
C SER J 57 -28.49 19.47 12.62
N ASN J 58 -27.66 19.95 11.71
CA ASN J 58 -27.59 21.38 11.44
C ASN J 58 -28.92 21.88 10.88
N ARG J 59 -29.33 23.06 11.35
CA ARG J 59 -30.62 23.63 11.01
C ARG J 59 -30.46 24.67 9.91
N ASP J 60 -31.26 24.55 8.85
CA ASP J 60 -31.23 25.54 7.78
C ASP J 60 -31.80 26.86 8.26
N SER J 61 -31.14 27.95 7.88
CA SER J 61 -31.54 29.27 8.34
C SER J 61 -32.92 29.63 7.81
N GLY J 62 -33.77 30.15 8.69
CA GLY J 62 -35.11 30.59 8.32
C GLY J 62 -36.24 29.73 8.83
N VAL J 63 -35.98 28.76 9.71
CA VAL J 63 -37.04 27.89 10.23
C VAL J 63 -37.01 27.95 11.76
N PRO J 64 -38.11 27.69 12.44
CA PRO J 64 -38.11 27.75 13.90
C PRO J 64 -37.29 26.63 14.52
N ASP J 65 -37.08 26.75 15.83
CA ASP J 65 -36.31 25.78 16.60
C ASP J 65 -37.08 24.50 16.91
N ARG J 66 -38.36 24.43 16.55
CA ARG J 66 -39.16 23.24 16.84
C ARG J 66 -38.63 22.02 16.12
N PHE J 67 -38.21 22.19 14.87
CA PHE J 67 -37.68 21.09 14.07
C PHE J 67 -36.25 20.78 14.51
N SER J 68 -35.96 19.50 14.76
CA SER J 68 -34.61 19.11 15.14
C SER J 68 -34.41 17.65 14.77
N GLY J 69 -33.19 17.30 14.34
CA GLY J 69 -32.91 15.95 13.91
C GLY J 69 -31.65 15.39 14.54
N SER J 70 -31.57 14.06 14.52
CA SER J 70 -30.49 13.32 15.15
C SER J 70 -30.40 11.95 14.50
N GLY J 71 -29.35 11.22 14.85
CA GLY J 71 -29.11 9.89 14.33
C GLY J 71 -27.71 9.74 13.80
N SER J 72 -27.33 8.47 13.60
CA SER J 72 -26.02 8.20 13.03
C SER J 72 -25.98 6.79 12.46
N GLY J 73 -25.02 6.56 11.58
CA GLY J 73 -24.88 5.26 10.95
C GLY J 73 -25.87 5.08 9.82
N THR J 74 -26.88 4.25 10.06
CA THR J 74 -27.94 4.01 9.09
C THR J 74 -29.32 4.34 9.64
N ASP J 75 -29.39 4.97 10.82
CA ASP J 75 -30.67 5.34 11.41
C ASP J 75 -30.70 6.83 11.72
N PHE J 76 -31.75 7.50 11.25
CA PHE J 76 -31.93 8.92 11.43
C PHE J 76 -33.37 9.23 11.79
N THR J 77 -33.57 10.33 12.52
CA THR J 77 -34.86 10.71 13.06
C THR J 77 -34.97 12.23 13.07
N LEU J 78 -36.15 12.73 12.70
CA LEU J 78 -36.50 14.14 12.80
C LEU J 78 -37.70 14.27 13.73
N LYS J 79 -37.64 15.24 14.64
CA LYS J 79 -38.68 15.43 15.64
C LYS J 79 -39.11 16.89 15.69
N ILE J 80 -40.42 17.08 15.88
CA ILE J 80 -41.04 18.38 16.02
C ILE J 80 -41.51 18.50 17.46
N SER J 81 -41.03 19.54 18.15
CA SER J 81 -41.34 19.72 19.57
C SER J 81 -42.82 20.06 19.76
N ARG J 82 -43.32 21.02 19.01
CA ARG J 82 -44.72 21.43 19.08
C ARG J 82 -45.30 21.48 17.68
N VAL J 83 -46.50 20.93 17.52
CA VAL J 83 -47.19 20.89 16.24
C VAL J 83 -48.22 22.00 16.21
N GLU J 84 -48.05 22.94 15.28
CA GLU J 84 -49.00 24.01 15.05
C GLU J 84 -49.94 23.62 13.90
N ALA J 85 -50.76 24.56 13.46
CA ALA J 85 -51.68 24.32 12.36
C ALA J 85 -51.02 24.50 10.99
N GLU J 86 -49.80 25.02 10.95
CA GLU J 86 -49.08 25.25 9.69
C GLU J 86 -48.05 24.16 9.41
N ASP J 87 -48.04 23.09 10.20
CA ASP J 87 -47.09 21.98 10.02
C ASP J 87 -47.72 20.79 9.31
N VAL J 88 -48.63 21.05 8.37
CA VAL J 88 -49.33 20.00 7.63
C VAL J 88 -48.69 19.90 6.25
N GLY J 89 -48.26 18.70 5.89
CA GLY J 89 -47.64 18.50 4.60
C GLY J 89 -46.80 17.24 4.59
N PHE J 90 -46.17 17.02 3.43
CA PHE J 90 -45.30 15.86 3.25
C PHE J 90 -43.88 16.18 3.73
N TYR J 91 -43.19 15.15 4.20
CA TYR J 91 -41.83 15.25 4.69
C TYR J 91 -40.99 14.16 4.04
N TYR J 92 -39.82 14.55 3.53
CA TYR J 92 -38.92 13.63 2.85
C TYR J 92 -37.52 13.71 3.44
N CYS J 93 -36.81 12.58 3.45
CA CYS J 93 -35.41 12.56 3.84
C CYS J 93 -34.60 12.04 2.67
N MET J 94 -33.52 12.75 2.31
CA MET J 94 -32.69 12.31 1.20
C MET J 94 -31.22 12.40 1.58
N GLN J 95 -30.40 11.69 0.81
CA GLN J 95 -28.97 11.59 1.04
C GLN J 95 -28.21 12.15 -0.16
N ASN J 96 -27.08 12.81 0.11
CA ASN J 96 -26.13 13.21 -0.93
C ASN J 96 -24.73 12.76 -0.50
N THR J 97 -24.45 11.48 -0.66
CA THR J 97 -23.09 10.96 -0.48
C THR J 97 -22.67 10.05 -1.62
N HIS J 98 -23.59 9.24 -2.15
CA HIS J 98 -23.29 8.26 -3.18
C HIS J 98 -24.03 8.65 -4.46
N TRP J 99 -23.30 8.74 -5.56
CA TRP J 99 -23.91 9.05 -6.83
C TRP J 99 -24.72 7.86 -7.33
N PRO J 100 -26.00 8.03 -7.66
CA PRO J 100 -26.79 9.27 -7.57
C PRO J 100 -27.57 9.40 -6.27
N LEU J 101 -28.06 10.61 -5.98
CA LEU J 101 -28.83 10.85 -4.78
C LEU J 101 -30.18 10.13 -4.85
N THR J 102 -30.67 9.71 -3.68
CA THR J 102 -31.93 9.00 -3.57
C THR J 102 -32.79 9.66 -2.52
N PHE J 103 -34.08 9.83 -2.83
CA PHE J 103 -35.02 10.46 -1.91
C PHE J 103 -35.67 9.40 -1.01
N GLY J 104 -36.63 9.84 -0.20
CA GLY J 104 -37.34 8.97 0.70
C GLY J 104 -38.75 8.68 0.22
N GLY J 105 -39.42 7.78 0.95
CA GLY J 105 -40.79 7.44 0.60
C GLY J 105 -41.76 8.58 0.79
N GLY J 106 -41.66 9.29 1.90
CA GLY J 106 -42.55 10.40 2.17
C GLY J 106 -43.47 10.11 3.34
N THR J 107 -43.66 11.12 4.19
CA THR J 107 -44.52 11.01 5.36
C THR J 107 -45.47 12.20 5.37
N LYS J 108 -46.75 11.97 5.56
CA LYS J 108 -47.75 13.04 5.56
C LYS J 108 -48.19 13.28 7.00
N VAL J 109 -48.20 14.54 7.42
CA VAL J 109 -48.57 14.89 8.79
C VAL J 109 -49.95 15.54 8.77
N GLU J 110 -50.92 14.88 9.41
CA GLU J 110 -52.27 15.35 9.55
C GLU J 110 -52.46 16.07 10.89
N ILE J 111 -53.70 16.41 11.22
CA ILE J 111 -54.05 17.04 12.48
C ILE J 111 -55.05 16.15 13.21
N LYS J 112 -54.73 15.80 14.45
CA LYS J 112 -55.62 14.99 15.27
C LYS J 112 -56.00 15.72 16.56
N GLN K 1 -31.36 38.34 -3.71
CA GLN K 1 -31.85 37.00 -3.44
C GLN K 1 -31.46 36.04 -4.57
N VAL K 2 -31.52 34.74 -4.29
CA VAL K 2 -31.22 33.70 -5.25
C VAL K 2 -32.52 32.98 -5.58
N GLN K 3 -32.80 32.81 -6.88
CA GLN K 3 -34.07 32.20 -7.25
C GLN K 3 -33.97 31.56 -8.63
N LEU K 4 -34.85 30.60 -8.85
CA LEU K 4 -34.98 29.88 -10.12
C LEU K 4 -36.43 29.95 -10.58
N VAL K 5 -36.64 30.32 -11.83
CA VAL K 5 -37.97 30.47 -12.42
C VAL K 5 -38.08 29.53 -13.60
N GLN K 6 -39.19 28.83 -13.70
CA GLN K 6 -39.40 27.89 -14.80
C GLN K 6 -40.46 28.41 -15.77
N SER K 7 -40.82 27.59 -16.74
CA SER K 7 -41.83 27.93 -17.72
C SER K 7 -43.21 27.52 -17.23
N GLY K 8 -44.21 27.53 -18.11
CA GLY K 8 -45.55 27.13 -17.78
C GLY K 8 -45.80 25.65 -17.98
N ALA K 9 -47.00 25.22 -17.57
CA ALA K 9 -47.40 23.83 -17.73
C ALA K 9 -47.70 23.53 -19.19
N GLU K 10 -47.43 22.28 -19.59
CA GLU K 10 -47.63 21.90 -20.99
C GLU K 10 -48.35 20.56 -21.12
N VAL K 11 -49.04 20.42 -22.25
CA VAL K 11 -49.72 19.18 -22.63
C VAL K 11 -49.32 18.84 -24.06
N LYS K 12 -48.92 17.58 -24.27
CA LYS K 12 -48.42 17.14 -25.57
C LYS K 12 -48.88 15.72 -25.84
N LYS K 13 -48.96 15.38 -27.13
CA LYS K 13 -49.37 14.05 -27.54
C LYS K 13 -48.22 13.06 -27.36
N PRO K 14 -48.52 11.77 -27.25
CA PRO K 14 -47.46 10.77 -27.12
C PRO K 14 -46.54 10.78 -28.34
N GLY K 15 -45.25 10.55 -28.09
CA GLY K 15 -44.26 10.54 -29.15
C GLY K 15 -43.69 11.89 -29.50
N ALA K 16 -44.15 12.97 -28.87
CA ALA K 16 -43.66 14.31 -29.14
C ALA K 16 -42.37 14.60 -28.36
N SER K 17 -42.01 15.87 -28.26
CA SER K 17 -40.83 16.29 -27.52
C SER K 17 -41.17 17.55 -26.73
N VAL K 18 -40.65 17.63 -25.51
CA VAL K 18 -40.89 18.77 -24.62
C VAL K 18 -39.58 19.31 -24.06
N LYS K 19 -39.45 20.64 -24.07
CA LYS K 19 -38.31 21.33 -23.51
C LYS K 19 -38.78 22.34 -22.47
N VAL K 20 -38.23 22.26 -21.26
CA VAL K 20 -38.62 23.14 -20.16
C VAL K 20 -37.44 24.02 -19.78
N SER K 21 -37.64 25.34 -19.80
CA SER K 21 -36.60 26.29 -19.47
C SER K 21 -36.45 26.42 -17.95
N CYS K 22 -35.24 26.80 -17.51
CA CYS K 22 -34.98 26.99 -16.07
C CYS K 22 -34.03 28.18 -15.91
N LYS K 23 -34.61 29.37 -15.79
CA LYS K 23 -33.84 30.61 -15.70
C LYS K 23 -33.43 30.84 -14.25
N ALA K 24 -32.15 31.11 -14.02
CA ALA K 24 -31.64 31.27 -12.67
C ALA K 24 -31.03 32.65 -12.51
N SER K 25 -31.24 33.27 -11.34
CA SER K 25 -30.66 34.58 -11.09
C SER K 25 -30.38 34.74 -9.60
N GLY K 26 -29.49 35.69 -9.30
CA GLY K 26 -29.11 35.97 -7.94
C GLY K 26 -27.76 35.43 -7.52
N TYR K 27 -27.11 34.65 -8.37
CA TYR K 27 -25.79 34.11 -8.06
C TYR K 27 -25.07 33.81 -9.37
N THR K 28 -23.76 33.58 -9.26
CA THR K 28 -22.94 33.24 -10.41
C THR K 28 -23.41 31.91 -10.98
N PHE K 29 -24.02 31.94 -12.15
CA PHE K 29 -24.63 30.74 -12.73
C PHE K 29 -23.59 29.70 -13.14
N THR K 30 -22.35 30.11 -13.38
CA THR K 30 -21.32 29.21 -13.90
C THR K 30 -20.45 28.62 -12.79
N SER K 31 -21.01 28.44 -11.60
CA SER K 31 -20.28 27.80 -10.52
C SER K 31 -21.13 26.84 -9.71
N TYR K 32 -22.31 26.47 -10.21
CA TYR K 32 -23.16 25.47 -9.56
C TYR K 32 -23.86 24.65 -10.63
N GLY K 33 -23.75 23.33 -10.52
CA GLY K 33 -24.46 22.45 -11.43
C GLY K 33 -25.96 22.51 -11.18
N ILE K 34 -26.71 21.90 -12.08
CA ILE K 34 -28.17 21.88 -11.98
C ILE K 34 -28.65 20.45 -12.15
N SER K 35 -29.50 20.00 -11.23
CA SER K 35 -30.07 18.66 -11.27
C SER K 35 -31.58 18.76 -11.50
N TRP K 36 -32.07 17.90 -12.37
CA TRP K 36 -33.47 17.88 -12.75
C TRP K 36 -34.17 16.73 -12.02
N VAL K 37 -35.21 17.06 -11.27
CA VAL K 37 -35.90 16.09 -10.43
C VAL K 37 -37.36 16.08 -10.85
N ARG K 38 -37.93 14.89 -11.00
CA ARG K 38 -39.31 14.75 -11.42
C ARG K 38 -40.11 14.00 -10.36
N GLN K 39 -41.28 14.53 -10.03
CA GLN K 39 -42.18 13.93 -9.05
C GLN K 39 -43.48 13.50 -9.73
N ALA K 40 -43.67 12.19 -9.84
CA ALA K 40 -44.88 11.65 -10.44
C ALA K 40 -46.04 11.94 -9.49
N PRO K 41 -47.24 12.21 -10.01
CA PRO K 41 -48.35 12.51 -9.11
C PRO K 41 -48.66 11.30 -8.24
N GLY K 42 -48.89 11.55 -6.95
CA GLY K 42 -49.15 10.44 -6.05
C GLY K 42 -48.03 9.43 -5.97
N GLN K 43 -46.78 9.89 -5.98
CA GLN K 43 -45.64 8.98 -5.94
C GLN K 43 -44.45 9.69 -5.31
N GLY K 44 -43.44 8.90 -4.96
CA GLY K 44 -42.23 9.44 -4.37
C GLY K 44 -41.40 10.21 -5.38
N ILE K 45 -40.67 11.21 -4.86
CA ILE K 45 -39.82 12.04 -5.71
C ILE K 45 -38.73 11.18 -6.34
N GLU K 46 -38.44 11.44 -7.62
CA GLU K 46 -37.44 10.71 -8.36
C GLU K 46 -36.45 11.66 -9.02
N TRP K 47 -35.26 11.12 -9.31
CA TRP K 47 -34.18 11.87 -9.93
C TRP K 47 -34.01 11.37 -11.35
N MET K 48 -33.69 12.27 -12.29
CA MET K 48 -33.44 11.84 -13.65
C MET K 48 -32.21 12.43 -14.33
N GLY K 49 -31.58 13.46 -13.78
CA GLY K 49 -30.45 14.01 -14.51
C GLY K 49 -29.70 15.08 -13.73
N TRP K 50 -28.59 15.48 -14.32
CA TRP K 50 -27.69 16.50 -13.76
C TRP K 50 -26.75 16.99 -14.84
N ILE K 51 -26.62 18.31 -14.97
CA ILE K 51 -25.69 18.91 -15.93
C ILE K 51 -24.82 19.91 -15.20
N SER K 52 -23.53 19.92 -15.52
CA SER K 52 -22.58 20.86 -14.95
C SER K 52 -22.46 22.07 -15.87
N THR K 53 -22.92 23.22 -15.40
CA THR K 53 -22.87 24.44 -16.19
C THR K 53 -21.44 24.93 -16.42
N TYR K 54 -20.46 24.39 -15.69
CA TYR K 54 -19.07 24.79 -15.88
C TYR K 54 -18.58 24.40 -17.27
N ASN K 55 -18.74 23.13 -17.64
CA ASN K 55 -18.26 22.67 -18.95
C ASN K 55 -19.18 21.67 -19.62
N GLY K 56 -20.44 21.59 -19.23
CA GLY K 56 -21.40 20.74 -19.91
C GLY K 56 -21.10 19.25 -19.82
N ASN K 57 -20.84 18.75 -18.61
CA ASN K 57 -20.58 17.33 -18.38
C ASN K 57 -21.88 16.68 -17.93
N ARG K 58 -22.73 16.36 -18.90
CA ARG K 58 -24.06 15.87 -18.57
C ARG K 58 -23.99 14.45 -18.00
N ASN K 59 -25.06 14.08 -17.28
CA ASN K 59 -25.21 12.74 -16.75
C ASN K 59 -26.70 12.46 -16.61
N TYR K 60 -27.09 11.22 -16.86
CA TYR K 60 -28.50 10.85 -16.94
C TYR K 60 -28.80 9.67 -16.03
N ALA K 61 -30.06 9.53 -15.65
CA ALA K 61 -30.48 8.40 -14.84
C ALA K 61 -30.71 7.20 -15.75
N GLN K 62 -30.58 6.00 -15.18
CA GLN K 62 -30.67 4.78 -15.97
C GLN K 62 -32.07 4.61 -16.55
N LYS K 63 -33.10 4.93 -15.78
CA LYS K 63 -34.47 4.65 -16.20
C LYS K 63 -34.91 5.52 -17.38
N VAL K 64 -34.29 6.68 -17.56
CA VAL K 64 -34.71 7.63 -18.58
C VAL K 64 -33.65 7.80 -19.67
N GLN K 65 -32.44 7.29 -19.45
CA GLN K 65 -31.34 7.45 -20.39
C GLN K 65 -31.72 6.99 -21.78
N GLY K 66 -31.30 7.76 -22.78
CA GLY K 66 -31.58 7.47 -24.17
C GLY K 66 -32.74 8.25 -24.75
N ARG K 67 -33.53 8.93 -23.91
CA ARG K 67 -34.65 9.72 -24.38
C ARG K 67 -34.57 11.18 -23.96
N VAL K 68 -33.57 11.57 -23.17
CA VAL K 68 -33.43 12.95 -22.70
C VAL K 68 -32.06 13.49 -23.11
N THR K 69 -32.06 14.68 -23.67
CA THR K 69 -30.85 15.47 -23.85
C THR K 69 -31.07 16.84 -23.22
N MET K 70 -30.15 17.23 -22.34
CA MET K 70 -30.32 18.44 -21.54
C MET K 70 -29.06 19.29 -21.66
N THR K 71 -29.25 20.57 -21.94
CA THR K 71 -28.15 21.48 -22.25
C THR K 71 -28.40 22.80 -21.54
N THR K 72 -27.38 23.64 -21.55
CA THR K 72 -27.43 24.95 -20.90
C THR K 72 -27.13 26.04 -21.91
N ASP K 73 -27.62 27.24 -21.60
CA ASP K 73 -27.41 28.43 -22.41
C ASP K 73 -26.72 29.46 -21.51
N ARG K 74 -25.39 29.40 -21.48
CA ARG K 74 -24.63 30.22 -20.54
C ARG K 74 -24.78 31.71 -20.83
N SER K 75 -25.05 32.08 -22.07
CA SER K 75 -25.11 33.49 -22.44
C SER K 75 -26.26 34.18 -21.72
N THR K 76 -27.42 33.54 -21.65
CA THR K 76 -28.58 34.10 -20.97
C THR K 76 -28.83 33.48 -19.61
N SER K 77 -27.91 32.63 -19.14
CA SER K 77 -27.98 31.99 -17.82
C SER K 77 -29.29 31.22 -17.65
N THR K 78 -29.51 30.28 -18.57
CA THR K 78 -30.68 29.41 -18.54
C THR K 78 -30.25 27.97 -18.77
N ALA K 79 -31.03 27.05 -18.22
CA ALA K 79 -30.79 25.62 -18.38
C ALA K 79 -32.05 24.97 -18.94
N TYR K 80 -31.87 24.13 -19.96
CA TYR K 80 -33.00 23.47 -20.61
C TYR K 80 -32.93 21.97 -20.36
N MET K 81 -34.00 21.29 -20.76
CA MET K 81 -34.04 19.83 -20.76
C MET K 81 -35.03 19.38 -21.82
N ASP K 82 -34.60 18.47 -22.69
CA ASP K 82 -35.43 17.97 -23.78
C ASP K 82 -35.74 16.50 -23.54
N LEU K 83 -37.03 16.16 -23.61
CA LEU K 83 -37.50 14.79 -23.45
C LEU K 83 -38.32 14.41 -24.67
N ARG K 84 -38.00 13.25 -25.26
CA ARG K 84 -38.67 12.76 -26.45
C ARG K 84 -39.21 11.36 -26.21
N SER K 85 -40.12 10.94 -27.08
CA SER K 85 -40.80 9.65 -26.99
C SER K 85 -41.53 9.52 -25.65
N LEU K 86 -42.41 10.49 -25.39
CA LEU K 86 -43.17 10.51 -24.14
C LEU K 86 -44.14 9.34 -24.08
N ARG K 87 -44.30 8.78 -22.90
CA ARG K 87 -45.20 7.67 -22.65
C ARG K 87 -46.41 8.15 -21.86
N SER K 88 -47.33 7.22 -21.57
CA SER K 88 -48.57 7.59 -20.90
C SER K 88 -48.33 8.01 -19.46
N ASP K 89 -47.39 7.37 -18.77
CA ASP K 89 -47.17 7.60 -17.36
C ASP K 89 -46.24 8.79 -17.09
N ASP K 90 -45.86 9.53 -18.13
CA ASP K 90 -44.92 10.63 -17.96
C ASP K 90 -45.57 11.88 -17.40
N THR K 91 -46.89 11.92 -17.28
CA THR K 91 -47.58 13.08 -16.71
C THR K 91 -47.08 13.31 -15.29
N ALA K 92 -46.37 14.41 -15.05
CA ALA K 92 -45.81 14.62 -13.71
C ALA K 92 -45.40 16.09 -13.56
N VAL K 93 -44.65 16.38 -12.50
CA VAL K 93 -44.16 17.73 -12.24
C VAL K 93 -42.63 17.72 -12.15
N TYR K 94 -42.00 18.62 -12.90
CA TYR K 94 -40.55 18.70 -13.02
C TYR K 94 -40.02 19.92 -12.28
N TYR K 95 -39.02 19.70 -11.43
CA TYR K 95 -38.38 20.71 -10.60
C TYR K 95 -36.92 20.85 -11.01
N CYS K 96 -36.46 22.09 -11.14
CA CYS K 96 -35.08 22.40 -11.48
C CYS K 96 -34.42 22.84 -10.17
N ALA K 97 -33.44 22.06 -9.70
CA ALA K 97 -32.82 22.35 -8.41
C ALA K 97 -31.30 22.43 -8.50
N ARG K 98 -30.74 23.48 -7.91
CA ARG K 98 -29.29 23.66 -7.93
C ARG K 98 -28.61 22.52 -7.19
N HIS K 99 -27.48 22.06 -7.74
CA HIS K 99 -26.77 20.93 -7.16
C HIS K 99 -25.28 21.05 -7.42
N GLY K 100 -24.48 20.49 -6.53
CA GLY K 100 -23.05 20.45 -6.70
C GLY K 100 -22.35 21.80 -6.50
N ILE K 101 -21.08 21.81 -6.88
CA ILE K 101 -20.24 23.00 -6.84
C ILE K 101 -19.04 22.75 -7.74
N THR K 102 -18.82 23.65 -8.71
CA THR K 102 -17.75 23.48 -9.70
C THR K 102 -16.79 24.65 -9.62
N GLY K 103 -15.49 24.34 -9.55
CA GLY K 103 -14.47 25.37 -9.47
C GLY K 103 -13.19 24.86 -10.08
N ALA K 104 -12.17 25.72 -10.05
CA ALA K 104 -10.87 25.35 -10.62
C ALA K 104 -10.25 24.17 -9.90
N ARG K 105 -10.27 24.19 -8.57
CA ARG K 105 -9.65 23.14 -7.76
C ARG K 105 -10.64 22.34 -6.94
N ASN K 106 -11.95 22.57 -7.12
CA ASN K 106 -12.98 21.92 -6.33
C ASN K 106 -14.17 21.65 -7.22
N TYR K 107 -14.53 20.38 -7.37
CA TYR K 107 -15.57 19.98 -8.31
C TYR K 107 -16.45 18.90 -7.66
N TYR K 108 -16.82 19.13 -6.40
CA TYR K 108 -17.58 18.17 -5.61
C TYR K 108 -19.06 18.21 -5.98
N TYR K 109 -19.80 17.21 -5.47
CA TYR K 109 -21.22 17.07 -5.80
C TYR K 109 -22.11 16.93 -4.58
N HIS K 110 -21.60 17.09 -3.37
CA HIS K 110 -22.39 16.92 -2.16
C HIS K 110 -22.71 18.25 -1.48
N TYR K 111 -22.84 19.32 -2.27
CA TYR K 111 -23.21 20.64 -1.75
C TYR K 111 -24.31 21.21 -2.65
N GLY K 112 -25.56 21.04 -2.26
CA GLY K 112 -26.64 21.58 -3.08
C GLY K 112 -28.00 21.11 -2.62
N MET K 113 -28.93 21.05 -3.58
CA MET K 113 -30.34 20.77 -3.32
C MET K 113 -30.96 21.79 -2.37
N ASP K 114 -30.51 23.05 -2.47
CA ASP K 114 -30.94 24.09 -1.55
C ASP K 114 -32.14 24.85 -2.12
N VAL K 115 -31.98 25.45 -3.29
CA VAL K 115 -33.02 26.26 -3.91
C VAL K 115 -33.66 25.48 -5.05
N TRP K 116 -34.98 25.54 -5.13
CA TRP K 116 -35.75 24.82 -6.14
C TRP K 116 -36.56 25.79 -6.97
N GLY K 117 -36.84 25.39 -8.21
CA GLY K 117 -37.70 26.17 -9.07
C GLY K 117 -39.15 26.00 -8.69
N GLN K 118 -40.01 26.83 -9.31
CA GLN K 118 -41.43 26.75 -9.00
C GLN K 118 -42.02 25.42 -9.46
N GLY K 119 -41.44 24.82 -10.49
CA GLY K 119 -41.93 23.54 -10.99
C GLY K 119 -42.95 23.70 -12.09
N THR K 120 -42.96 22.75 -13.01
CA THR K 120 -43.89 22.76 -14.12
C THR K 120 -44.51 21.38 -14.27
N THR K 121 -45.74 21.32 -14.76
CA THR K 121 -46.41 20.04 -14.92
C THR K 121 -46.64 19.78 -16.39
N VAL K 122 -46.31 18.57 -16.83
CA VAL K 122 -46.50 18.16 -18.21
C VAL K 122 -47.38 16.93 -18.24
N THR K 123 -48.31 16.91 -19.19
CA THR K 123 -49.24 15.80 -19.35
C THR K 123 -49.28 15.36 -20.80
N VAL K 124 -49.61 14.08 -20.98
CA VAL K 124 -49.68 13.43 -22.28
C VAL K 124 -51.12 13.02 -22.54
N SER K 125 -51.64 13.38 -23.71
CA SER K 125 -53.01 13.05 -24.07
C SER K 125 -53.12 12.77 -25.57
N MET L 42 -20.38 16.58 -24.26
CA MET L 42 -20.89 15.23 -24.52
C MET L 42 -19.98 14.18 -23.88
N LYS L 43 -19.87 14.22 -22.56
CA LYS L 43 -19.01 13.30 -21.83
C LYS L 43 -19.55 13.15 -20.41
N GLU L 44 -19.19 12.03 -19.77
CA GLU L 44 -19.73 11.94 -18.43
C GLU L 44 -18.75 12.53 -17.41
N PRO L 45 -19.27 13.11 -16.33
CA PRO L 45 -18.39 13.68 -15.30
C PRO L 45 -18.01 12.68 -14.24
N CYS L 46 -16.78 12.83 -13.74
CA CYS L 46 -16.33 12.10 -12.56
C CYS L 46 -15.78 13.10 -11.56
N PHE L 47 -16.27 13.02 -10.33
CA PHE L 47 -16.03 14.05 -9.33
C PHE L 47 -14.73 13.80 -8.60
N ARG L 48 -13.96 14.86 -8.38
CA ARG L 48 -12.69 14.77 -7.68
C ARG L 48 -12.89 14.37 -6.23
N GLU L 49 -12.09 13.43 -5.75
CA GLU L 49 -12.15 12.98 -4.37
C GLU L 49 -11.08 13.67 -3.55
N GLU L 50 -11.39 13.93 -2.29
CA GLU L 50 -10.51 14.69 -1.42
C GLU L 50 -9.23 13.92 -1.11
N ASN L 51 -8.19 14.68 -0.77
CA ASN L 51 -6.87 14.11 -0.54
C ASN L 51 -6.88 13.15 0.65
N ALA L 52 -5.90 12.25 0.65
CA ALA L 52 -5.76 11.26 1.70
C ALA L 52 -5.42 11.93 3.03
N ASN L 53 -5.66 11.20 4.12
CA ASN L 53 -5.39 11.73 5.46
C ASN L 53 -3.92 12.06 5.65
N PHE L 54 -3.04 11.19 5.14
CA PHE L 54 -1.61 11.49 5.24
C PHE L 54 -1.27 12.78 4.51
N ASN L 55 -1.93 13.05 3.39
CA ASN L 55 -1.69 14.32 2.71
C ASN L 55 -2.21 15.48 3.54
N LYS L 56 -3.38 15.31 4.17
CA LYS L 56 -3.94 16.35 5.02
C LYS L 56 -3.05 16.67 6.20
N ILE L 57 -2.23 15.70 6.65
CA ILE L 57 -1.28 15.99 7.72
C ILE L 57 0.07 16.45 7.17
N PHE L 58 0.46 15.98 5.99
CA PHE L 58 1.78 16.27 5.45
C PHE L 58 1.88 17.66 4.88
N LEU L 59 0.81 18.17 4.28
CA LEU L 59 0.86 19.53 3.74
C LEU L 59 1.06 20.57 4.84
N PRO L 60 0.33 20.56 5.97
CA PRO L 60 0.57 21.57 7.00
C PRO L 60 1.97 21.58 7.56
N THR L 61 2.60 20.41 7.75
CA THR L 61 3.94 20.41 8.33
C THR L 61 4.96 20.95 7.34
N ILE L 62 4.81 20.62 6.05
CA ILE L 62 5.69 21.19 5.04
C ILE L 62 5.51 22.69 4.98
N TYR L 63 4.27 23.17 5.00
CA TYR L 63 4.01 24.61 4.96
C TYR L 63 4.60 25.30 6.18
N SER L 64 4.46 24.70 7.36
CA SER L 64 4.99 25.30 8.58
C SER L 64 6.51 25.36 8.54
N ILE L 65 7.16 24.29 8.09
CA ILE L 65 8.62 24.29 7.99
C ILE L 65 9.08 25.35 7.00
N ILE L 66 8.41 25.44 5.85
CA ILE L 66 8.79 26.44 4.86
C ILE L 66 8.62 27.84 5.42
N PHE L 67 7.51 28.08 6.11
CA PHE L 67 7.27 29.40 6.69
C PHE L 67 8.34 29.74 7.72
N LEU L 68 8.64 28.81 8.63
CA LEU L 68 9.60 29.09 9.69
C LEU L 68 10.99 29.35 9.13
N THR L 69 11.41 28.56 8.13
CA THR L 69 12.73 28.80 7.54
C THR L 69 12.74 30.11 6.75
N GLY L 70 11.74 30.32 5.91
CA GLY L 70 11.75 31.45 5.00
C GLY L 70 11.61 32.78 5.70
N ILE L 71 10.77 32.87 6.73
CA ILE L 71 10.59 34.15 7.41
C ILE L 71 11.91 34.61 8.00
N VAL L 72 12.63 33.72 8.69
CA VAL L 72 13.87 34.10 9.33
C VAL L 72 14.93 34.41 8.28
N GLY L 73 15.07 33.53 7.27
CA GLY L 73 16.10 33.75 6.28
C GLY L 73 15.91 35.03 5.51
N ASN L 74 14.68 35.27 5.03
CA ASN L 74 14.39 36.46 4.25
C ASN L 74 14.47 37.72 5.09
N GLY L 75 13.99 37.67 6.34
CA GLY L 75 14.14 38.82 7.21
C GLY L 75 15.60 39.19 7.41
N LEU L 76 16.45 38.19 7.65
CA LEU L 76 17.85 38.48 7.89
C LEU L 76 18.53 39.04 6.65
N VAL L 77 18.38 38.35 5.51
CA VAL L 77 19.07 38.81 4.29
C VAL L 77 18.58 40.21 3.92
N ILE L 78 17.26 40.43 3.93
CA ILE L 78 16.73 41.74 3.56
C ILE L 78 17.24 42.81 4.51
N LEU L 79 17.22 42.52 5.82
CA LEU L 79 17.65 43.52 6.79
C LEU L 79 19.11 43.92 6.57
N VAL L 80 19.99 42.93 6.43
CA VAL L 80 21.41 43.25 6.26
C VAL L 80 21.64 43.97 4.94
N MET L 81 21.07 43.47 3.84
CA MET L 81 21.32 44.08 2.54
C MET L 81 20.75 45.49 2.46
N GLY L 82 19.57 45.72 3.03
CA GLY L 82 18.84 46.95 2.92
C GLY L 82 18.86 47.88 4.12
N TYR L 83 19.76 47.69 5.09
CA TYR L 83 19.70 48.62 6.21
C TYR L 83 21.05 48.99 6.82
N GLN L 84 22.10 48.19 6.65
CA GLN L 84 23.35 48.58 7.30
C GLN L 84 24.60 48.32 6.46
N LYS L 85 25.03 47.06 6.42
CA LYS L 85 26.26 46.70 5.68
C LYS L 85 26.13 47.01 4.19
N LYS L 86 24.93 46.81 3.64
CA LYS L 86 24.62 47.06 2.24
C LYS L 86 25.26 45.99 1.36
N LEU L 87 25.24 46.20 0.05
CA LEU L 87 25.72 45.22 -0.91
C LEU L 87 26.90 45.66 -1.76
N ARG L 88 27.97 44.87 -1.73
CA ARG L 88 29.14 45.18 -2.55
C ARG L 88 28.88 45.02 -4.04
N SER L 89 28.18 43.95 -4.46
CA SER L 89 27.98 43.66 -5.87
C SER L 89 26.54 43.70 -6.37
N MET L 90 26.41 44.14 -7.63
CA MET L 90 25.15 44.25 -8.37
C MET L 90 24.28 42.99 -8.29
N THR L 91 24.91 41.82 -8.15
CA THR L 91 24.15 40.58 -8.05
C THR L 91 23.45 40.52 -6.72
N ASP L 92 24.08 41.05 -5.67
CA ASP L 92 23.43 41.10 -4.39
C ASP L 92 22.18 41.98 -4.51
N LYS L 93 22.25 43.04 -5.33
CA LYS L 93 21.08 43.88 -5.52
C LYS L 93 19.96 43.10 -6.15
N TYR L 94 20.28 42.25 -7.13
CA TYR L 94 19.20 41.45 -7.72
C TYR L 94 18.62 40.52 -6.65
N ARG L 95 19.51 39.94 -5.85
CA ARG L 95 19.08 38.98 -4.84
C ARG L 95 18.15 39.63 -3.83
N LEU L 96 18.28 40.95 -3.63
CA LEU L 96 17.41 41.63 -2.68
C LEU L 96 15.97 41.61 -3.18
N HIS L 97 15.78 41.85 -4.48
CA HIS L 97 14.45 41.76 -5.06
C HIS L 97 13.91 40.35 -4.95
N LEU L 98 14.78 39.37 -5.19
CA LEU L 98 14.36 37.98 -5.02
C LEU L 98 13.93 37.70 -3.59
N SER L 99 14.68 38.22 -2.61
CA SER L 99 14.33 38.04 -1.21
C SER L 99 13.01 38.70 -0.85
N VAL L 100 12.76 39.91 -1.38
CA VAL L 100 11.50 40.60 -1.11
C VAL L 100 10.34 39.79 -1.67
N ALA L 101 10.48 39.26 -2.89
CA ALA L 101 9.42 38.45 -3.47
C ALA L 101 9.18 37.20 -2.64
N ASP L 102 10.27 36.55 -2.19
CA ASP L 102 10.12 35.35 -1.36
C ASP L 102 9.42 35.68 -0.04
N LEU L 103 9.74 36.82 0.57
CA LEU L 103 9.07 37.23 1.80
C LEU L 103 7.59 37.46 1.57
N LEU L 104 7.25 38.13 0.46
CA LEU L 104 5.85 38.37 0.14
C LEU L 104 5.09 37.05 -0.03
N PHE L 105 5.72 36.07 -0.67
CA PHE L 105 5.09 34.76 -0.79
C PHE L 105 4.92 34.12 0.58
N VAL L 106 5.98 34.09 1.37
CA VAL L 106 5.99 33.37 2.65
C VAL L 106 4.95 33.94 3.60
N ILE L 107 4.63 35.23 3.49
CA ILE L 107 3.67 35.86 4.39
C ILE L 107 2.32 35.14 4.37
N THR L 108 1.93 34.59 3.22
CA THR L 108 0.59 34.04 3.03
C THR L 108 0.47 32.55 3.36
N LEU L 109 1.54 31.89 3.80
CA LEU L 109 1.49 30.45 4.04
C LEU L 109 0.52 30.02 5.14
N PRO L 110 0.40 30.70 6.29
CA PRO L 110 -0.55 30.22 7.31
C PRO L 110 -1.98 30.08 6.80
N PHE L 111 -2.41 30.97 5.92
CA PHE L 111 -3.73 30.82 5.31
C PHE L 111 -3.82 29.53 4.51
N TRP L 112 -2.76 29.20 3.77
CA TRP L 112 -2.74 27.95 3.02
C TRP L 112 -2.86 26.76 3.96
N ALA L 113 -2.11 26.77 5.06
CA ALA L 113 -2.17 25.65 5.99
C ALA L 113 -3.56 25.52 6.61
N VAL L 114 -4.13 26.63 7.05
CA VAL L 114 -5.46 26.58 7.68
C VAL L 114 -6.51 26.10 6.68
N ASP L 115 -6.45 26.59 5.44
CA ASP L 115 -7.38 26.14 4.42
C ASP L 115 -7.20 24.65 4.15
N ALA L 116 -5.95 24.17 4.14
CA ALA L 116 -5.69 22.76 3.93
C ALA L 116 -6.30 21.91 5.03
N VAL L 117 -6.21 22.37 6.27
CA VAL L 117 -6.74 21.61 7.40
C VAL L 117 -8.22 21.88 7.61
N ALA L 118 -8.55 23.12 7.96
CA ALA L 118 -9.90 23.49 8.34
C ALA L 118 -10.59 24.24 7.21
N ASN L 119 -11.79 24.76 7.49
CA ASN L 119 -12.55 25.51 6.51
C ASN L 119 -12.02 26.94 6.39
N TRP L 120 -12.46 27.62 5.34
CA TRP L 120 -12.10 29.02 5.13
C TRP L 120 -12.98 29.93 5.98
N TYR L 121 -12.33 30.83 6.74
CA TYR L 121 -13.04 31.75 7.61
C TYR L 121 -12.67 33.20 7.39
N PHE L 122 -11.59 33.49 6.65
CA PHE L 122 -10.99 34.82 6.68
C PHE L 122 -11.80 35.85 5.92
N GLY L 123 -12.32 35.51 4.74
CA GLY L 123 -13.20 36.38 4.00
C GLY L 123 -12.76 36.54 2.55
N ASN L 124 -13.66 37.16 1.78
CA ASN L 124 -13.48 37.29 0.34
C ASN L 124 -12.27 38.16 0.00
N PHE L 125 -12.11 39.29 0.70
CA PHE L 125 -10.98 40.17 0.42
C PHE L 125 -9.65 39.50 0.70
N LEU L 126 -9.57 38.75 1.80
CA LEU L 126 -8.32 38.05 2.09
C LEU L 126 -8.06 36.94 1.09
N CYS L 127 -9.10 36.27 0.60
CA CYS L 127 -8.94 35.29 -0.47
C CYS L 127 -8.34 35.94 -1.71
N LYS L 128 -8.90 37.07 -2.14
CA LYS L 128 -8.37 37.78 -3.30
C LYS L 128 -6.93 38.21 -3.09
N ALA L 129 -6.62 38.75 -1.90
CA ALA L 129 -5.27 39.22 -1.63
C ALA L 129 -4.27 38.07 -1.64
N VAL L 130 -4.65 36.94 -1.05
CA VAL L 130 -3.77 35.77 -1.04
C VAL L 130 -3.47 35.32 -2.45
N HIS L 131 -4.52 35.22 -3.29
CA HIS L 131 -4.30 34.77 -4.66
C HIS L 131 -3.43 35.75 -5.44
N VAL L 132 -3.66 37.06 -5.24
CA VAL L 132 -2.89 38.06 -5.96
C VAL L 132 -1.42 37.99 -5.57
N ILE L 133 -1.14 37.87 -4.27
CA ILE L 133 0.24 37.81 -3.83
C ILE L 133 0.92 36.53 -4.34
N TYR L 134 0.19 35.41 -4.31
CA TYR L 134 0.73 34.16 -4.80
C TYR L 134 1.09 34.26 -6.28
N THR L 135 0.23 34.90 -7.08
CA THR L 135 0.52 35.05 -8.49
C THR L 135 1.67 36.01 -8.73
N VAL L 136 1.80 37.06 -7.92
CA VAL L 136 2.84 38.05 -8.12
C VAL L 136 4.22 37.46 -7.84
N SER L 137 4.36 36.75 -6.71
CA SER L 137 5.69 36.37 -6.23
C SER L 137 6.39 35.43 -7.20
N LEU L 138 5.67 34.46 -7.75
CA LEU L 138 6.29 33.47 -8.63
C LEU L 138 6.90 34.13 -9.86
N TYR L 139 6.10 34.94 -10.56
CA TYR L 139 6.58 35.61 -11.75
C TYR L 139 7.71 36.58 -11.42
N SER L 140 7.60 37.27 -10.29
CA SER L 140 8.67 38.19 -9.89
C SER L 140 9.98 37.44 -9.73
N SER L 141 9.94 36.30 -9.03
CA SER L 141 11.17 35.52 -8.82
C SER L 141 11.76 35.04 -10.15
N VAL L 142 10.90 34.53 -11.03
CA VAL L 142 11.40 33.99 -12.29
C VAL L 142 12.07 35.08 -13.12
N LEU L 143 11.43 36.24 -13.21
CA LEU L 143 12.00 37.31 -14.02
C LEU L 143 13.25 37.90 -13.37
N ILE L 144 13.34 37.92 -12.05
CA ILE L 144 14.59 38.34 -11.41
C ILE L 144 15.71 37.37 -11.77
N LEU L 145 15.42 36.08 -11.78
CA LEU L 145 16.45 35.12 -12.20
C LEU L 145 16.89 35.38 -13.64
N ALA L 146 15.92 35.65 -14.53
CA ALA L 146 16.28 35.93 -15.92
C ALA L 146 17.16 37.16 -15.99
N PHE L 147 16.85 38.19 -15.21
CA PHE L 147 17.65 39.42 -15.21
C PHE L 147 19.06 39.11 -14.72
N ILE L 148 19.19 38.25 -13.71
CA ILE L 148 20.52 37.92 -13.20
C ILE L 148 21.33 37.24 -14.30
N SER L 149 20.69 36.34 -15.05
CA SER L 149 21.41 35.66 -16.14
C SER L 149 21.84 36.66 -17.21
N LEU L 150 20.95 37.60 -17.55
CA LEU L 150 21.28 38.62 -18.54
C LEU L 150 22.44 39.49 -18.07
N ASP L 151 22.45 39.84 -16.78
CA ASP L 151 23.54 40.64 -16.25
C ASP L 151 24.84 39.85 -16.32
N ARG L 152 24.80 38.55 -16.01
CA ARG L 152 26.00 37.73 -16.13
C ARG L 152 26.53 37.77 -17.55
N TYR L 153 25.64 37.55 -18.52
CA TYR L 153 26.01 37.60 -19.93
C TYR L 153 26.73 38.90 -20.28
N LEU L 154 26.14 40.03 -19.85
CA LEU L 154 26.79 41.32 -20.12
C LEU L 154 28.11 41.45 -19.39
N ALA L 155 28.22 40.90 -18.18
CA ALA L 155 29.44 41.06 -17.40
C ALA L 155 30.57 40.23 -17.97
N ILE L 156 30.23 39.12 -18.64
CA ILE L 156 31.23 38.20 -19.15
C ILE L 156 31.71 38.63 -20.53
N VAL L 157 30.79 38.77 -21.49
CA VAL L 157 31.27 38.94 -22.86
C VAL L 157 31.63 40.40 -23.15
N HIS L 158 30.81 41.35 -22.71
CA HIS L 158 31.01 42.77 -22.98
C HIS L 158 31.52 43.51 -21.75
N ALA L 159 32.43 42.90 -21.00
CA ALA L 159 32.87 43.48 -19.74
C ALA L 159 33.49 44.86 -19.92
N THR L 160 34.37 44.99 -20.92
CA THR L 160 35.07 46.26 -21.11
C THR L 160 34.12 47.34 -21.60
N ASN L 161 33.32 47.02 -22.62
CA ASN L 161 32.50 48.02 -23.29
C ASN L 161 31.30 48.42 -22.45
N SER L 162 30.70 47.46 -21.73
CA SER L 162 29.34 47.63 -21.24
C SER L 162 29.18 47.75 -19.73
N GLN L 163 29.87 48.69 -19.09
CA GLN L 163 29.62 48.87 -17.66
C GLN L 163 28.43 49.81 -17.45
N ARG L 164 28.35 50.87 -18.25
CA ARG L 164 27.24 51.81 -18.13
C ARG L 164 25.91 51.12 -18.43
N PRO L 165 25.80 50.27 -19.47
CA PRO L 165 24.51 49.59 -19.68
C PRO L 165 24.14 48.71 -18.51
N ARG L 166 25.12 48.00 -17.95
CA ARG L 166 24.83 47.13 -16.81
C ARG L 166 24.29 47.95 -15.64
N LYS L 167 24.93 49.07 -15.34
CA LYS L 167 24.46 49.90 -14.22
C LYS L 167 23.05 50.41 -14.50
N LEU L 168 22.80 50.88 -15.73
CA LEU L 168 21.48 51.42 -16.05
C LEU L 168 20.41 50.34 -15.96
N LEU L 169 20.70 49.14 -16.47
CA LEU L 169 19.74 48.05 -16.43
C LEU L 169 19.44 47.63 -15.00
N ALA L 170 20.47 47.59 -14.15
CA ALA L 170 20.28 47.15 -12.77
C ALA L 170 19.69 48.24 -11.89
N GLU L 171 19.69 49.49 -12.32
CA GLU L 171 19.18 50.56 -11.48
C GLU L 171 17.76 50.98 -11.85
N LYS L 172 17.46 51.12 -13.13
CA LYS L 172 16.21 51.73 -13.57
C LYS L 172 15.30 50.75 -14.29
N VAL L 173 15.85 49.98 -15.23
CA VAL L 173 15.02 49.19 -16.14
C VAL L 173 14.35 48.03 -15.41
N VAL L 174 14.97 47.56 -14.32
CA VAL L 174 14.53 46.33 -13.67
C VAL L 174 13.09 46.45 -13.18
N TYR L 175 12.70 47.62 -12.68
CA TYR L 175 11.34 47.81 -12.19
C TYR L 175 10.33 47.55 -13.28
N VAL L 176 10.48 48.23 -14.42
CA VAL L 176 9.58 48.01 -15.55
C VAL L 176 9.68 46.57 -16.04
N GLY L 177 10.88 45.99 -15.98
CA GLY L 177 11.06 44.65 -16.49
C GLY L 177 10.31 43.58 -15.71
N VAL L 178 10.34 43.66 -14.39
CA VAL L 178 9.82 42.58 -13.54
C VAL L 178 8.51 42.97 -12.84
N TRP L 179 8.47 44.13 -12.20
CA TRP L 179 7.35 44.43 -11.32
C TRP L 179 6.09 44.81 -12.09
N ILE L 180 6.24 45.47 -13.24
CA ILE L 180 5.09 45.88 -14.05
C ILE L 180 4.40 44.67 -14.66
N PRO L 181 5.07 43.80 -15.42
CA PRO L 181 4.34 42.65 -15.99
C PRO L 181 3.79 41.71 -14.94
N ALA L 182 4.49 41.53 -13.81
CA ALA L 182 3.98 40.67 -12.75
C ALA L 182 2.68 41.22 -12.19
N LEU L 183 2.61 42.55 -11.98
CA LEU L 183 1.37 43.17 -11.55
C LEU L 183 0.29 43.04 -12.62
N LEU L 184 0.68 43.19 -13.89
CA LEU L 184 -0.27 43.19 -14.98
C LEU L 184 -0.91 41.82 -15.16
N LEU L 185 -0.16 40.75 -14.92
CA LEU L 185 -0.65 39.41 -15.17
C LEU L 185 -1.65 38.94 -14.12
N THR L 186 -1.92 39.74 -13.09
CA THR L 186 -2.80 39.35 -11.99
C THR L 186 -4.27 39.72 -12.21
N ILE L 187 -4.62 40.39 -13.31
CA ILE L 187 -6.01 40.79 -13.52
C ILE L 187 -6.93 39.58 -13.59
N PRO L 188 -6.55 38.45 -14.21
CA PRO L 188 -7.47 37.30 -14.21
C PRO L 188 -7.75 36.82 -12.80
N ASP L 189 -6.74 36.77 -11.95
CA ASP L 189 -6.97 36.37 -10.57
C ASP L 189 -7.80 37.42 -9.86
N PHE L 190 -7.52 38.69 -10.13
CA PHE L 190 -8.26 39.80 -9.52
C PHE L 190 -9.76 39.72 -9.79
N ILE L 191 -10.15 39.23 -10.96
CA ILE L 191 -11.58 39.08 -11.26
C ILE L 191 -12.13 37.73 -10.82
N PHE L 192 -11.45 36.63 -11.14
CA PHE L 192 -12.05 35.30 -11.04
C PHE L 192 -11.72 34.54 -9.76
N ALA L 193 -11.15 35.19 -8.75
CA ALA L 193 -10.87 34.53 -7.48
C ALA L 193 -11.86 35.05 -6.43
N ASN L 194 -12.65 34.14 -5.85
CA ASN L 194 -13.61 34.57 -4.84
C ASN L 194 -14.04 33.37 -4.01
N VAL L 195 -14.71 33.65 -2.89
CA VAL L 195 -15.15 32.62 -1.96
C VAL L 195 -16.62 32.32 -2.21
N SER L 196 -16.95 31.04 -2.26
CA SER L 196 -18.30 30.55 -2.49
C SER L 196 -18.84 29.86 -1.25
N GLU L 197 -20.14 30.02 -1.03
CA GLU L 197 -20.84 29.45 0.14
C GLU L 197 -21.46 28.12 -0.30
N ALA L 198 -20.86 27.01 0.12
CA ALA L 198 -21.42 25.69 -0.13
C ALA L 198 -21.92 25.18 1.22
N ASP L 199 -23.25 25.20 1.40
CA ASP L 199 -23.86 24.84 2.67
C ASP L 199 -23.29 25.69 3.81
N ASP L 200 -22.57 25.06 4.75
CA ASP L 200 -21.94 25.77 5.85
C ASP L 200 -20.43 25.91 5.67
N ARG L 201 -19.90 25.55 4.51
CA ARG L 201 -18.47 25.57 4.25
C ARG L 201 -18.15 26.64 3.21
N TYR L 202 -17.17 27.49 3.53
CA TYR L 202 -16.73 28.54 2.63
C TYR L 202 -15.51 28.05 1.85
N ILE L 203 -15.51 28.30 0.55
CA ILE L 203 -14.47 27.79 -0.34
C ILE L 203 -13.81 28.99 -1.04
N CYS L 204 -12.51 29.13 -0.86
CA CYS L 204 -11.73 30.16 -1.53
C CYS L 204 -11.01 29.53 -2.72
N ASP L 205 -11.47 29.87 -3.92
CA ASP L 205 -10.96 29.24 -5.13
C ASP L 205 -11.19 30.20 -6.29
N ARG L 206 -10.86 29.71 -7.50
CA ARG L 206 -10.99 30.45 -8.75
C ARG L 206 -12.18 29.92 -9.52
N PHE L 207 -13.18 30.76 -9.73
CA PHE L 207 -14.43 30.36 -10.38
C PHE L 207 -14.47 31.00 -11.77
N TYR L 208 -14.01 30.25 -12.77
CA TYR L 208 -13.91 30.75 -14.13
C TYR L 208 -15.24 30.63 -14.86
N PRO L 209 -15.47 31.47 -15.88
CA PRO L 209 -16.74 31.39 -16.62
C PRO L 209 -16.98 30.03 -17.27
N ASN L 210 -15.95 29.39 -17.81
CA ASN L 210 -16.09 28.05 -18.37
C ASN L 210 -14.73 27.36 -18.33
N ASP L 211 -14.64 26.22 -19.00
CA ASP L 211 -13.49 25.33 -18.80
C ASP L 211 -12.23 25.88 -19.45
N LEU L 212 -12.34 26.39 -20.68
CA LEU L 212 -11.15 26.72 -21.47
C LEU L 212 -10.30 27.83 -20.84
N TRP L 213 -10.88 28.65 -19.95
CA TRP L 213 -10.10 29.71 -19.33
C TRP L 213 -8.93 29.14 -18.53
N VAL L 214 -9.18 28.06 -17.78
CA VAL L 214 -8.09 27.48 -16.98
C VAL L 214 -7.01 26.91 -17.90
N VAL L 215 -7.40 26.35 -19.05
CA VAL L 215 -6.40 25.83 -19.98
C VAL L 215 -5.53 26.97 -20.50
N VAL L 216 -6.17 28.07 -20.89
CA VAL L 216 -5.42 29.22 -21.39
C VAL L 216 -4.47 29.77 -20.33
N PHE L 217 -4.96 29.87 -19.08
CA PHE L 217 -4.13 30.45 -18.02
C PHE L 217 -3.01 29.51 -17.62
N GLN L 218 -3.24 28.19 -17.64
CA GLN L 218 -2.16 27.25 -17.42
C GLN L 218 -1.11 27.35 -18.52
N PHE L 219 -1.56 27.51 -19.77
CA PHE L 219 -0.60 27.68 -20.86
C PHE L 219 0.22 28.94 -20.70
N GLN L 220 -0.39 30.05 -20.30
CA GLN L 220 0.43 31.25 -20.12
C GLN L 220 1.36 31.09 -18.91
N HIS L 221 0.90 30.39 -17.88
CA HIS L 221 1.74 30.08 -16.74
C HIS L 221 3.01 29.36 -17.20
N ILE L 222 2.84 28.31 -18.00
CA ILE L 222 3.99 27.57 -18.50
C ILE L 222 4.86 28.45 -19.38
N MET L 223 4.26 29.16 -20.33
CA MET L 223 5.03 29.93 -21.30
C MET L 223 5.81 31.07 -20.64
N VAL L 224 5.32 31.60 -19.53
CA VAL L 224 6.00 32.73 -18.88
C VAL L 224 6.90 32.29 -17.73
N GLY L 225 6.66 31.13 -17.13
CA GLY L 225 7.50 30.67 -16.05
C GLY L 225 8.65 29.80 -16.50
N LEU L 226 8.36 28.80 -17.33
CA LEU L 226 9.33 27.78 -17.71
C LEU L 226 10.05 28.09 -19.02
N ILE L 227 9.29 28.31 -20.09
CA ILE L 227 9.88 28.23 -21.43
C ILE L 227 10.72 29.47 -21.73
N LEU L 228 10.11 30.66 -21.78
CA LEU L 228 10.85 31.83 -22.24
C LEU L 228 12.03 32.20 -21.34
N PRO L 229 11.88 32.33 -20.02
CA PRO L 229 13.07 32.53 -19.18
C PRO L 229 14.07 31.40 -19.26
N GLY L 230 13.61 30.16 -19.41
CA GLY L 230 14.55 29.06 -19.61
C GLY L 230 15.37 29.22 -20.86
N ILE L 231 14.72 29.62 -21.96
CA ILE L 231 15.43 29.84 -23.21
C ILE L 231 16.47 30.93 -23.04
N VAL L 232 16.09 32.03 -22.37
CA VAL L 232 17.03 33.14 -22.19
C VAL L 232 18.22 32.68 -21.35
N ILE L 233 17.96 31.98 -20.25
CA ILE L 233 19.03 31.55 -19.36
C ILE L 233 19.97 30.57 -20.06
N LEU L 234 19.41 29.58 -20.75
CA LEU L 234 20.24 28.60 -21.44
C LEU L 234 21.07 29.25 -22.54
N SER L 235 20.48 30.17 -23.32
CA SER L 235 21.25 30.83 -24.38
C SER L 235 22.38 31.64 -23.78
N CYS L 236 22.09 32.38 -22.70
CA CYS L 236 23.12 33.21 -22.09
C CYS L 236 24.26 32.35 -21.56
N TYR L 237 23.94 31.27 -20.86
CA TYR L 237 25.00 30.45 -20.29
C TYR L 237 25.77 29.74 -21.39
N CYS L 238 25.13 29.42 -22.51
CA CYS L 238 25.87 28.80 -23.60
C CYS L 238 26.90 29.77 -24.12
N ILE L 239 26.50 31.03 -24.35
CA ILE L 239 27.47 32.02 -24.85
C ILE L 239 28.62 32.23 -23.84
N ILE L 240 28.32 32.30 -22.54
CA ILE L 240 29.41 32.47 -21.57
C ILE L 240 30.33 31.27 -21.59
N ILE L 241 29.77 30.05 -21.66
CA ILE L 241 30.61 28.86 -21.68
C ILE L 241 31.50 28.87 -22.92
N SER L 242 30.95 29.25 -24.07
CA SER L 242 31.75 29.28 -25.29
C SER L 242 32.89 30.29 -25.16
N LYS L 243 32.58 31.48 -24.63
CA LYS L 243 33.63 32.50 -24.47
C LYS L 243 34.71 32.03 -23.51
N LEU L 244 34.30 31.41 -22.40
CA LEU L 244 35.27 30.93 -21.41
C LEU L 244 36.18 29.86 -22.01
N SER L 245 35.62 28.94 -22.79
CA SER L 245 36.42 27.89 -23.41
C SER L 245 37.44 28.48 -24.37
N HIS L 246 37.04 29.50 -25.14
CA HIS L 246 37.92 30.14 -26.09
C HIS L 246 38.57 31.38 -25.49
N ARG L 253 35.16 30.71 -12.48
CA ARG L 253 34.67 31.98 -11.95
C ARG L 253 33.72 31.71 -10.78
N LYS L 254 34.08 32.23 -9.60
CA LYS L 254 33.27 31.99 -8.41
C LYS L 254 31.87 32.55 -8.57
N ALA L 255 31.75 33.74 -9.17
CA ALA L 255 30.44 34.36 -9.38
C ALA L 255 29.58 33.50 -10.29
N LEU L 256 30.18 32.96 -11.36
CA LEU L 256 29.38 32.13 -12.25
C LEU L 256 28.86 30.90 -11.52
N LYS L 257 29.72 30.25 -10.72
CA LYS L 257 29.29 29.06 -9.99
C LYS L 257 28.15 29.38 -9.02
N THR L 258 28.30 30.48 -8.26
CA THR L 258 27.27 30.82 -7.29
C THR L 258 25.94 31.15 -7.98
N THR L 259 25.96 31.84 -9.13
CA THR L 259 24.65 32.12 -9.71
C THR L 259 24.15 30.98 -10.59
N VAL L 260 24.96 29.96 -10.82
CA VAL L 260 24.51 28.81 -11.61
C VAL L 260 23.79 27.84 -10.71
N ILE L 261 24.29 27.67 -9.48
CA ILE L 261 23.68 26.73 -8.55
C ILE L 261 22.28 27.21 -8.16
N LEU L 262 22.10 28.52 -8.01
CA LEU L 262 20.79 29.06 -7.64
C LEU L 262 19.77 28.73 -8.71
N ILE L 263 20.16 28.85 -9.98
CA ILE L 263 19.21 28.69 -11.08
C ILE L 263 18.87 27.22 -11.26
N LEU L 264 19.90 26.35 -11.25
CA LEU L 264 19.60 24.92 -11.41
C LEU L 264 18.77 24.41 -10.24
N ALA L 265 19.07 24.83 -9.01
CA ALA L 265 18.26 24.43 -7.87
C ALA L 265 16.84 24.98 -7.94
N PHE L 266 16.65 26.14 -8.57
CA PHE L 266 15.30 26.69 -8.72
C PHE L 266 14.49 25.88 -9.73
N PHE L 267 15.09 25.56 -10.88
CA PHE L 267 14.32 24.86 -11.88
C PHE L 267 14.23 23.37 -11.59
N ALA L 268 15.08 22.83 -10.71
CA ALA L 268 14.91 21.43 -10.34
C ALA L 268 13.73 21.29 -9.40
N CYS L 269 13.46 22.31 -8.60
CA CYS L 269 12.30 22.27 -7.72
C CYS L 269 11.03 22.49 -8.52
N TRP L 270 11.05 23.43 -9.47
CA TRP L 270 9.84 23.70 -10.23
C TRP L 270 9.54 22.70 -11.34
N LEU L 271 10.52 21.91 -11.77
CA LEU L 271 10.31 21.04 -12.93
C LEU L 271 9.20 20.00 -12.77
N PRO L 272 9.15 19.20 -11.70
CA PRO L 272 8.08 18.19 -11.60
C PRO L 272 6.67 18.75 -11.56
N TYR L 273 6.49 20.03 -11.25
CA TYR L 273 5.16 20.63 -11.23
C TYR L 273 4.64 20.86 -12.65
N TYR L 274 5.51 21.30 -13.55
CA TYR L 274 5.07 21.70 -14.88
C TYR L 274 4.68 20.52 -15.76
N ILE L 275 5.29 19.34 -15.57
CA ILE L 275 4.74 18.16 -16.24
C ILE L 275 3.36 17.81 -15.69
N GLY L 276 3.13 18.01 -14.39
CA GLY L 276 1.81 17.81 -13.84
C GLY L 276 0.77 18.73 -14.45
N ILE L 277 1.14 20.00 -14.65
CA ILE L 277 0.22 20.95 -15.27
C ILE L 277 0.02 20.60 -16.74
N SER L 278 1.11 20.35 -17.48
CA SER L 278 1.00 20.03 -18.89
C SER L 278 0.06 18.85 -19.11
N ILE L 279 0.25 17.77 -18.35
CA ILE L 279 -0.62 16.60 -18.46
C ILE L 279 -2.06 16.94 -18.08
N ASP L 280 -2.25 17.75 -17.03
CA ASP L 280 -3.62 18.12 -16.68
C ASP L 280 -4.30 18.89 -17.80
N SER L 281 -3.58 19.81 -18.43
CA SER L 281 -4.16 20.57 -19.55
C SER L 281 -4.48 19.66 -20.73
N PHE L 282 -3.59 18.72 -21.06
CA PHE L 282 -3.88 17.82 -22.16
C PHE L 282 -5.09 16.93 -21.86
N ILE L 283 -5.22 16.48 -20.61
CA ILE L 283 -6.37 15.68 -20.21
C ILE L 283 -7.65 16.49 -20.33
N LEU L 284 -7.58 17.76 -19.96
CA LEU L 284 -8.73 18.65 -20.07
C LEU L 284 -9.22 18.83 -21.51
N LEU L 285 -8.30 18.94 -22.47
CA LEU L 285 -8.70 19.15 -23.85
C LEU L 285 -9.04 17.85 -24.60
N GLU L 286 -9.40 16.77 -23.91
CA GLU L 286 -9.69 15.48 -24.55
C GLU L 286 -8.59 15.09 -25.53
N ILE L 287 -7.35 15.08 -25.05
CA ILE L 287 -6.24 14.55 -25.82
C ILE L 287 -5.65 13.34 -25.11
N ILE L 288 -5.76 13.33 -23.79
CA ILE L 288 -5.28 12.22 -22.97
C ILE L 288 -6.47 11.68 -22.19
N LYS L 289 -7.18 10.70 -22.77
CA LYS L 289 -8.35 10.12 -22.12
C LYS L 289 -7.94 8.79 -21.50
N GLN L 290 -7.25 8.88 -20.37
CA GLN L 290 -6.79 7.70 -19.64
C GLN L 290 -7.74 7.25 -18.55
N GLY L 291 -8.90 7.90 -18.38
CA GLY L 291 -9.85 7.50 -17.36
C GLY L 291 -10.09 8.62 -16.37
N CYS L 292 -10.41 8.22 -15.13
CA CYS L 292 -10.57 9.18 -14.05
C CYS L 292 -9.69 8.88 -12.84
N GLU L 293 -9.36 7.62 -12.58
CA GLU L 293 -8.37 7.32 -11.55
C GLU L 293 -7.04 7.98 -11.88
N PHE L 294 -6.70 8.02 -13.17
CA PHE L 294 -5.53 8.77 -13.61
C PHE L 294 -5.67 10.25 -13.30
N GLU L 295 -6.88 10.79 -13.48
CA GLU L 295 -7.12 12.20 -13.18
C GLU L 295 -6.93 12.49 -11.69
N ASN L 296 -7.47 11.65 -10.82
CA ASN L 296 -7.28 11.86 -9.39
C ASN L 296 -5.82 11.70 -8.99
N THR L 297 -5.13 10.72 -9.59
CA THR L 297 -3.72 10.53 -9.30
C THR L 297 -2.90 11.76 -9.71
N VAL L 298 -3.17 12.31 -10.90
CA VAL L 298 -2.41 13.47 -11.34
C VAL L 298 -2.77 14.70 -10.51
N HIS L 299 -4.02 14.80 -10.02
CA HIS L 299 -4.37 15.89 -9.13
C HIS L 299 -3.58 15.81 -7.82
N LYS L 300 -3.49 14.61 -7.24
CA LYS L 300 -2.70 14.44 -6.03
C LYS L 300 -1.23 14.74 -6.30
N TRP L 301 -0.73 14.31 -7.46
CA TRP L 301 0.64 14.62 -7.85
C TRP L 301 0.88 16.12 -7.93
N ILE L 302 -0.05 16.85 -8.53
CA ILE L 302 0.08 18.31 -8.64
C ILE L 302 0.12 18.93 -7.26
N SER L 303 -0.78 18.50 -6.37
CA SER L 303 -0.83 19.07 -5.03
C SER L 303 0.49 18.85 -4.29
N ILE L 304 0.93 17.59 -4.22
CA ILE L 304 2.15 17.28 -3.49
C ILE L 304 3.34 17.97 -4.13
N THR L 305 3.37 18.06 -5.46
CA THR L 305 4.54 18.60 -6.13
C THR L 305 4.64 20.10 -5.93
N GLU L 306 3.50 20.81 -5.94
CA GLU L 306 3.57 22.24 -5.64
C GLU L 306 3.95 22.47 -4.17
N ALA L 307 3.46 21.61 -3.28
CA ALA L 307 3.84 21.72 -1.87
C ALA L 307 5.35 21.55 -1.71
N LEU L 308 5.94 20.61 -2.44
CA LEU L 308 7.38 20.41 -2.36
C LEU L 308 8.15 21.50 -3.09
N ALA L 309 7.58 22.06 -4.15
CA ALA L 309 8.27 23.07 -4.95
C ALA L 309 8.20 24.45 -4.33
N PHE L 310 7.40 24.63 -3.29
CA PHE L 310 7.38 25.90 -2.58
C PHE L 310 8.73 26.21 -1.90
N PHE L 311 9.74 25.34 -2.07
CA PHE L 311 11.05 25.53 -1.44
C PHE L 311 11.88 26.62 -2.09
N HIS L 312 11.41 27.22 -3.19
CA HIS L 312 12.20 28.24 -3.87
C HIS L 312 12.38 29.49 -3.02
N CYS L 313 11.48 29.75 -2.07
CA CYS L 313 11.69 30.87 -1.16
C CYS L 313 12.74 30.55 -0.11
N CYS L 314 12.80 29.29 0.34
CA CYS L 314 13.79 28.90 1.33
C CYS L 314 15.19 28.76 0.74
N LEU L 315 15.28 28.45 -0.56
CA LEU L 315 16.59 28.17 -1.15
C LEU L 315 17.49 29.39 -1.20
N ASN L 316 16.92 30.58 -1.37
CA ASN L 316 17.74 31.78 -1.56
C ASN L 316 18.64 32.11 -0.37
N PRO L 317 18.15 32.24 0.87
CA PRO L 317 19.06 32.64 1.96
C PRO L 317 20.09 31.60 2.32
N ILE L 318 19.82 30.31 2.05
CA ILE L 318 20.75 29.25 2.45
C ILE L 318 22.09 29.41 1.71
N LEU L 319 22.04 29.76 0.43
CA LEU L 319 23.27 29.84 -0.35
C LEU L 319 24.23 30.88 0.23
N TYR L 320 23.71 31.90 0.91
CA TYR L 320 24.60 32.85 1.57
C TYR L 320 25.35 32.16 2.71
N ALA L 321 24.65 31.30 3.45
CA ALA L 321 25.27 30.60 4.58
C ALA L 321 26.34 29.63 4.10
N PHE L 322 26.04 28.88 3.03
CA PHE L 322 26.98 27.87 2.58
C PHE L 322 28.08 28.45 1.70
N LEU L 323 27.71 29.01 0.55
CA LEU L 323 28.71 29.50 -0.39
C LEU L 323 29.33 30.81 0.08
N GLY L 324 28.50 31.72 0.60
CA GLY L 324 28.99 33.02 1.03
C GLY L 324 29.90 32.94 2.25
#